data_6T8Z
#
_entry.id   6T8Z
#
_cell.length_a   50.395
_cell.length_b   94.515
_cell.length_c   94.330
_cell.angle_alpha   85.689
_cell.angle_beta   89.927
_cell.angle_gamma   81.939
#
_symmetry.space_group_name_H-M   'P 1'
#
loop_
_entity.id
_entity.type
_entity.pdbx_description
1 polymer 'Formate dehydrogenase'
2 non-polymer DI(HYDROXYETHYL)ETHER
3 non-polymer 'FORMIC ACID'
4 non-polymer NICOTINAMIDE-ADENINE-DINUCLEOTIDE
5 non-polymer 1,2-ETHANEDIOL
6 water water
#
_entity_poly.entity_id   1
_entity_poly.type   'polypeptide(L)'
_entity_poly.pdbx_seq_one_letter_code
;MAHHHHHHVGTGSNDDDDKSPDPNWELVYTARLQMVKVLAVLYDGGEHAKQVPGLLGTTENELGLRKWLEDQGHTLVTTS
DKDREGSTFDRELEDAEIIITTPFHPGYLTAERLARAKKLKLAVTAGIGSDHVDLDAANKTNGGITVAEVTGSNVVSVAE
HVVMTILVLVRNFVPAHEQIEAGRWDVAEVAKDEYDLEGKVVGTVGVGRIGERVLRRLKGFDCKELLYYDYQPLSPEKEK
EIGCRRVENLEEMLAQCDVVTINCPLHESTRGLFNKDLISKMKRGSWLVNTARGAIVVKEDVAEALRTGHLRGYGGDVWF
PQPAPADHVLRTAKNPFGGGNAMVPHMSGTSLDAQKRYAEGVKRILDSYLSGRFDYRPEDLIVHQGKYATRAYGQREDVK
IPGQHHHHHH
;
_entity_poly.pdbx_strand_id   AAA,BBB,CCC,DDD
#
# COMPACT_ATOMS: atom_id res chain seq x y z
N THR A 30 17.11 -42.17 40.73
CA THR A 30 16.92 -42.57 39.29
C THR A 30 17.98 -41.85 38.45
N ALA A 31 18.67 -42.57 37.57
CA ALA A 31 19.79 -42.06 36.76
C ALA A 31 19.24 -41.16 35.64
N ARG A 32 19.68 -39.90 35.59
CA ARG A 32 19.33 -38.93 34.52
C ARG A 32 19.99 -39.39 33.22
N LEU A 33 19.36 -39.12 32.08
CA LEU A 33 19.99 -39.32 30.75
C LEU A 33 21.09 -38.29 30.57
N GLN A 34 22.12 -38.62 29.79
CA GLN A 34 23.36 -37.81 29.71
C GLN A 34 23.60 -37.34 28.27
N MET A 35 24.08 -36.10 28.14
CA MET A 35 24.62 -35.52 26.89
C MET A 35 23.62 -35.74 25.74
N VAL A 36 22.38 -35.36 25.97
CA VAL A 36 21.28 -35.54 24.99
C VAL A 36 21.32 -34.40 23.97
N LYS A 37 21.29 -34.74 22.69
CA LYS A 37 21.20 -33.74 21.59
CA LYS A 37 21.21 -33.74 21.60
C LYS A 37 19.73 -33.36 21.41
N VAL A 38 19.43 -32.09 21.65
CA VAL A 38 18.08 -31.49 21.41
C VAL A 38 18.18 -30.64 20.13
N LEU A 39 17.24 -30.84 19.22
CA LEU A 39 17.07 -30.01 18.02
C LEU A 39 15.73 -29.29 18.13
N ALA A 40 15.74 -27.96 18.02
CA ALA A 40 14.51 -27.15 18.05
C ALA A 40 14.36 -26.50 16.69
N VAL A 41 13.19 -26.66 16.09
CA VAL A 41 12.78 -25.95 14.86
C VAL A 41 11.74 -24.92 15.27
N LEU A 42 12.12 -23.65 15.25
CA LEU A 42 11.25 -22.55 15.72
C LEU A 42 11.21 -21.46 14.66
N TYR A 43 10.29 -20.50 14.79
CA TYR A 43 10.26 -19.41 13.80
C TYR A 43 11.36 -18.39 14.08
N ASP A 44 11.82 -17.76 13.00
CA ASP A 44 12.79 -16.65 13.05
C ASP A 44 12.08 -15.38 13.52
N GLY A 45 12.52 -14.84 14.65
CA GLY A 45 11.98 -13.59 15.22
C GLY A 45 12.72 -12.35 14.75
N GLY A 46 13.80 -12.51 13.98
CA GLY A 46 14.59 -11.36 13.50
C GLY A 46 14.82 -10.35 14.61
N GLU A 47 14.66 -9.05 14.31
CA GLU A 47 14.88 -7.94 15.30
CA GLU A 47 14.88 -7.96 15.31
C GLU A 47 13.75 -7.98 16.33
N HIS A 48 12.57 -8.48 15.94
CA HIS A 48 11.37 -8.51 16.83
C HIS A 48 11.69 -9.27 18.11
N ALA A 49 12.38 -10.41 18.02
CA ALA A 49 12.65 -11.33 19.14
C ALA A 49 13.72 -10.74 20.06
N LYS A 50 14.55 -9.81 19.54
CA LYS A 50 15.56 -9.09 20.36
C LYS A 50 14.86 -7.97 21.15
N GLN A 51 13.88 -7.32 20.51
CA GLN A 51 13.15 -6.13 21.02
CA GLN A 51 13.16 -6.13 21.03
C GLN A 51 12.04 -6.56 22.00
N VAL A 52 11.45 -7.73 21.77
CA VAL A 52 10.30 -8.26 22.58
C VAL A 52 10.72 -9.63 23.11
N PRO A 53 11.41 -9.69 24.27
CA PRO A 53 11.88 -10.97 24.81
C PRO A 53 10.74 -11.97 25.09
N GLY A 54 9.49 -11.47 25.20
CA GLY A 54 8.32 -12.36 25.38
C GLY A 54 8.10 -13.27 24.16
N LEU A 55 8.73 -12.99 23.02
CA LEU A 55 8.76 -13.95 21.86
C LEU A 55 9.68 -15.11 22.22
N LEU A 56 9.25 -15.95 23.13
CA LEU A 56 10.08 -17.09 23.61
C LEU A 56 10.22 -18.16 22.52
N GLY A 57 9.19 -18.38 21.69
CA GLY A 57 9.11 -19.50 20.73
C GLY A 57 9.86 -19.23 19.43
N THR A 58 11.01 -18.54 19.50
CA THR A 58 11.78 -18.09 18.34
C THR A 58 13.19 -18.68 18.40
N THR A 59 13.91 -18.60 17.30
CA THR A 59 15.30 -19.14 17.22
C THR A 59 16.17 -18.28 18.13
N GLU A 60 15.82 -17.02 18.37
CA GLU A 60 16.59 -16.07 19.23
CA GLU A 60 16.58 -16.07 19.23
C GLU A 60 16.50 -16.50 20.70
N ASN A 61 15.29 -16.80 21.18
CA ASN A 61 15.03 -16.97 22.62
C ASN A 61 14.92 -18.46 22.99
N GLU A 62 14.65 -19.36 22.03
CA GLU A 62 14.86 -20.83 22.22
C GLU A 62 14.02 -21.32 23.39
N LEU A 63 12.80 -20.78 23.58
CA LEU A 63 11.86 -21.23 24.65
C LEU A 63 12.50 -21.10 26.05
N GLY A 64 13.51 -20.23 26.23
CA GLY A 64 14.26 -20.11 27.50
C GLY A 64 14.93 -21.41 27.93
N LEU A 65 15.30 -22.29 27.01
CA LEU A 65 15.81 -23.64 27.35
C LEU A 65 17.36 -23.72 27.37
N ARG A 66 18.08 -22.82 26.72
CA ARG A 66 19.50 -23.10 26.37
C ARG A 66 20.33 -23.36 27.63
N LYS A 67 20.37 -22.40 28.56
CA LYS A 67 21.19 -22.51 29.81
CA LYS A 67 21.18 -22.50 29.81
C LYS A 67 20.74 -23.74 30.60
N TRP A 68 19.43 -23.95 30.74
CA TRP A 68 18.87 -25.08 31.53
C TRP A 68 19.36 -26.43 30.95
N LEU A 69 19.41 -26.57 29.63
CA LEU A 69 19.90 -27.81 28.98
C LEU A 69 21.42 -27.92 29.14
N GLU A 70 22.12 -26.83 28.83
CA GLU A 70 23.61 -26.81 28.78
C GLU A 70 24.17 -27.09 30.19
N ASP A 71 23.54 -26.57 31.24
CA ASP A 71 23.97 -26.77 32.65
C ASP A 71 23.89 -28.27 33.01
N GLN A 72 23.07 -29.06 32.33
CA GLN A 72 22.90 -30.52 32.58
C GLN A 72 23.87 -31.34 31.70
N GLY A 73 24.57 -30.69 30.78
CA GLY A 73 25.49 -31.30 29.81
C GLY A 73 24.79 -31.70 28.51
N HIS A 74 23.56 -31.24 28.30
CA HIS A 74 22.83 -31.50 27.03
C HIS A 74 23.26 -30.45 26.01
N THR A 75 22.99 -30.71 24.74
CA THR A 75 23.27 -29.74 23.67
C THR A 75 21.95 -29.33 23.01
N LEU A 76 21.91 -28.10 22.54
CA LEU A 76 20.74 -27.55 21.82
C LEU A 76 21.21 -26.96 20.51
N VAL A 77 20.60 -27.41 19.41
CA VAL A 77 20.77 -26.80 18.06
C VAL A 77 19.39 -26.29 17.69
N THR A 78 19.32 -25.03 17.28
CA THR A 78 18.04 -24.35 16.94
C THR A 78 18.12 -23.86 15.49
N THR A 79 17.02 -24.00 14.75
CA THR A 79 16.96 -23.52 13.36
C THR A 79 15.54 -23.16 12.97
N SER A 80 15.43 -22.30 11.99
CA SER A 80 14.16 -22.01 11.27
C SER A 80 14.23 -22.59 9.85
N ASP A 81 15.37 -23.19 9.46
CA ASP A 81 15.59 -23.65 8.08
C ASP A 81 15.10 -25.09 7.95
N LYS A 82 13.87 -25.32 7.47
CA LYS A 82 13.21 -26.62 7.64
C LYS A 82 12.56 -27.18 6.36
N ASP A 83 12.51 -26.45 5.25
CA ASP A 83 11.69 -26.82 4.07
C ASP A 83 12.54 -27.28 2.87
N ARG A 84 13.69 -26.66 2.63
CA ARG A 84 14.45 -26.89 1.36
C ARG A 84 15.13 -28.25 1.41
N GLU A 85 15.53 -28.81 0.27
N GLU A 85 15.46 -28.81 0.24
CA GLU A 85 16.06 -30.21 0.17
CA GLU A 85 16.34 -30.00 0.14
C GLU A 85 17.25 -30.42 1.12
C GLU A 85 17.66 -29.59 0.81
N GLY A 86 18.18 -29.46 1.22
N GLY A 86 18.16 -30.44 1.71
CA GLY A 86 19.39 -29.64 2.04
CA GLY A 86 19.42 -30.19 2.44
C GLY A 86 19.30 -28.93 3.39
C GLY A 86 19.30 -29.07 3.45
N SER A 87 18.09 -28.85 3.97
CA SER A 87 17.82 -27.89 5.07
C SER A 87 18.63 -28.27 6.30
N THR A 88 18.90 -27.31 7.16
CA THR A 88 19.57 -27.54 8.47
C THR A 88 18.76 -28.57 9.25
N PHE A 89 17.42 -28.51 9.19
CA PHE A 89 16.57 -29.49 9.89
C PHE A 89 16.94 -30.91 9.43
N ASP A 90 16.98 -31.10 8.11
CA ASP A 90 17.29 -32.42 7.47
C ASP A 90 18.65 -32.95 7.91
N ARG A 91 19.65 -32.10 8.05
CA ARG A 91 21.02 -32.51 8.49
CA ARG A 91 21.02 -32.51 8.49
C ARG A 91 20.99 -32.89 9.98
N GLU A 92 20.45 -32.01 10.82
CA GLU A 92 20.50 -32.15 12.30
C GLU A 92 19.56 -33.25 12.80
N LEU A 93 18.49 -33.59 12.09
CA LEU A 93 17.50 -34.56 12.64
C LEU A 93 18.11 -35.96 12.65
N GLU A 94 19.17 -36.20 11.87
CA GLU A 94 19.71 -37.57 11.71
C GLU A 94 20.31 -38.08 13.02
N ASP A 95 20.75 -37.21 13.94
CA ASP A 95 21.28 -37.67 15.26
C ASP A 95 20.63 -36.93 16.45
N ALA A 96 19.57 -36.15 16.24
CA ALA A 96 18.84 -35.55 17.38
C ALA A 96 18.12 -36.66 18.17
N GLU A 97 18.22 -36.64 19.49
CA GLU A 97 17.51 -37.57 20.39
C GLU A 97 16.12 -36.99 20.73
N ILE A 98 16.04 -35.67 20.85
CA ILE A 98 14.77 -34.92 21.11
C ILE A 98 14.66 -33.92 19.99
N ILE A 99 13.48 -33.85 19.37
CA ILE A 99 13.19 -32.82 18.36
C ILE A 99 11.98 -32.02 18.87
N ILE A 100 12.20 -30.74 19.07
CA ILE A 100 11.14 -29.75 19.43
C ILE A 100 10.71 -29.07 18.15
N THR A 101 9.42 -29.15 17.83
CA THR A 101 8.82 -28.41 16.69
C THR A 101 7.78 -27.45 17.25
N THR A 102 7.25 -26.59 16.40
CA THR A 102 6.22 -25.62 16.82
C THR A 102 5.28 -25.52 15.64
N PRO A 103 3.93 -25.55 15.86
CA PRO A 103 3.02 -25.63 14.73
C PRO A 103 3.03 -24.37 13.85
N PHE A 104 3.46 -23.25 14.40
CA PHE A 104 3.46 -21.94 13.72
C PHE A 104 4.50 -21.97 12.60
N HIS A 105 5.52 -22.84 12.70
CA HIS A 105 6.61 -22.94 11.70
C HIS A 105 7.08 -24.39 11.72
N PRO A 106 6.24 -25.29 11.21
CA PRO A 106 6.35 -26.71 11.54
C PRO A 106 7.40 -27.44 10.73
N GLY A 107 8.35 -28.03 11.44
CA GLY A 107 9.29 -28.99 10.84
C GLY A 107 8.56 -30.28 10.57
N TYR A 108 8.17 -30.56 9.34
CA TYR A 108 7.30 -31.69 9.02
C TYR A 108 8.09 -32.98 9.20
N LEU A 109 7.74 -33.79 10.18
CA LEU A 109 8.44 -35.08 10.42
C LEU A 109 7.72 -36.15 9.61
N THR A 110 8.06 -36.16 8.32
CA THR A 110 7.55 -37.12 7.32
C THR A 110 8.12 -38.52 7.60
N ALA A 111 7.53 -39.53 7.00
CA ALA A 111 8.05 -40.92 7.09
C ALA A 111 9.51 -40.97 6.62
N GLU A 112 9.85 -40.23 5.57
CA GLU A 112 11.20 -40.20 4.96
C GLU A 112 12.18 -39.66 6.00
N ARG A 113 11.82 -38.58 6.69
CA ARG A 113 12.67 -37.92 7.69
C ARG A 113 12.79 -38.81 8.94
N LEU A 114 11.69 -39.40 9.39
CA LEU A 114 11.71 -40.26 10.60
C LEU A 114 12.61 -41.47 10.36
N ALA A 115 12.66 -41.96 9.12
CA ALA A 115 13.49 -43.13 8.74
C ALA A 115 14.97 -42.75 8.84
N ARG A 116 15.33 -41.47 8.72
CA ARG A 116 16.72 -40.97 8.83
C ARG A 116 17.04 -40.49 10.26
N ALA A 117 16.04 -40.36 11.14
CA ALA A 117 16.21 -39.81 12.50
C ALA A 117 16.57 -40.96 13.44
N LYS A 118 17.83 -41.41 13.36
CA LYS A 118 18.29 -42.70 13.94
C LYS A 118 18.30 -42.65 15.47
N LYS A 119 18.42 -41.47 16.08
CA LYS A 119 18.58 -41.33 17.56
CA LYS A 119 18.57 -41.33 17.55
C LYS A 119 17.26 -40.82 18.19
N LEU A 120 16.26 -40.47 17.37
CA LEU A 120 15.06 -39.79 17.90
C LEU A 120 14.28 -40.71 18.84
N LYS A 121 13.96 -40.19 20.04
CA LYS A 121 13.13 -40.91 21.05
CA LYS A 121 13.14 -40.91 21.04
C LYS A 121 11.90 -40.07 21.42
N LEU A 122 12.01 -38.75 21.33
CA LEU A 122 10.97 -37.82 21.85
C LEU A 122 10.83 -36.67 20.85
N ALA A 123 9.61 -36.49 20.36
CA ALA A 123 9.20 -35.36 19.51
C ALA A 123 8.21 -34.50 20.32
N VAL A 124 8.64 -33.29 20.70
CA VAL A 124 7.84 -32.39 21.56
C VAL A 124 7.29 -31.26 20.68
N THR A 125 5.97 -31.06 20.69
CA THR A 125 5.33 -29.91 20.02
C THR A 125 5.22 -28.73 20.98
N ALA A 126 5.86 -27.62 20.67
CA ALA A 126 5.77 -26.36 21.43
C ALA A 126 4.48 -25.69 20.98
N GLY A 127 3.42 -26.09 21.64
CA GLY A 127 2.05 -25.79 21.17
C GLY A 127 1.19 -27.02 21.27
N ILE A 128 0.14 -27.03 20.46
CA ILE A 128 -0.88 -28.09 20.45
C ILE A 128 -1.19 -28.43 19.00
N GLY A 129 -1.21 -29.69 18.67
CA GLY A 129 -1.47 -30.22 17.36
C GLY A 129 -0.19 -30.77 16.80
N SER A 130 -0.12 -32.09 16.74
CA SER A 130 1.11 -32.79 16.35
C SER A 130 0.94 -33.43 14.98
N ASP A 131 0.03 -32.95 14.16
CA ASP A 131 -0.29 -33.50 12.81
C ASP A 131 0.81 -33.18 11.79
N HIS A 132 1.79 -32.36 12.13
CA HIS A 132 2.99 -32.14 11.27
C HIS A 132 3.99 -33.28 11.48
N VAL A 133 3.74 -34.18 12.42
CA VAL A 133 4.43 -35.48 12.56
C VAL A 133 3.58 -36.54 11.89
N ASP A 134 4.19 -37.40 11.10
CA ASP A 134 3.52 -38.62 10.59
C ASP A 134 3.45 -39.61 11.77
N LEU A 135 2.34 -39.60 12.49
CA LEU A 135 2.19 -40.31 13.76
C LEU A 135 2.19 -41.83 13.52
N ASP A 136 1.61 -42.29 12.41
CA ASP A 136 1.64 -43.74 12.07
C ASP A 136 3.12 -44.15 11.90
N ALA A 137 3.92 -43.38 11.18
CA ALA A 137 5.35 -43.65 10.98
C ALA A 137 6.08 -43.55 12.33
N ALA A 138 5.73 -42.58 13.17
CA ALA A 138 6.37 -42.41 14.49
C ALA A 138 6.20 -43.67 15.33
N ASN A 139 5.06 -44.32 15.23
CA ASN A 139 4.74 -45.53 16.03
C ASN A 139 5.64 -46.71 15.59
N LYS A 140 6.22 -46.65 14.39
N LYS A 140 6.22 -46.65 14.39
CA LYS A 140 7.05 -47.74 13.81
CA LYS A 140 7.06 -47.74 13.83
C LYS A 140 8.53 -47.33 13.82
C LYS A 140 8.53 -47.33 13.82
N THR A 141 8.86 -46.16 14.36
CA THR A 141 10.22 -45.58 14.30
C THR A 141 10.95 -45.80 15.63
N ASN A 142 12.13 -46.43 15.57
CA ASN A 142 13.04 -46.54 16.74
C ASN A 142 12.29 -47.16 17.94
N GLY A 143 11.41 -48.13 17.69
CA GLY A 143 10.66 -48.85 18.74
C GLY A 143 9.36 -48.16 19.11
N GLY A 144 9.02 -47.07 18.43
CA GLY A 144 7.83 -46.25 18.76
C GLY A 144 8.25 -45.03 19.54
N ILE A 145 8.36 -43.88 18.89
CA ILE A 145 8.82 -42.67 19.60
C ILE A 145 7.65 -42.07 20.40
N THR A 146 7.99 -41.29 21.40
CA THR A 146 7.00 -40.49 22.16
C THR A 146 6.79 -39.18 21.43
N VAL A 147 5.54 -38.91 21.07
CA VAL A 147 5.12 -37.59 20.51
C VAL A 147 4.21 -36.94 21.57
N ALA A 148 4.67 -35.82 22.09
CA ALA A 148 4.03 -35.12 23.21
C ALA A 148 3.82 -33.68 22.82
N GLU A 149 2.78 -33.04 23.37
CA GLU A 149 2.51 -31.62 23.13
C GLU A 149 2.04 -30.98 24.42
N VAL A 150 1.97 -29.66 24.48
CA VAL A 150 1.61 -28.95 25.73
C VAL A 150 0.09 -28.74 25.75
N THR A 151 -0.60 -29.79 26.08
CA THR A 151 -2.07 -29.82 26.14
C THR A 151 -2.57 -28.69 27.05
N GLY A 152 -3.57 -27.94 26.59
CA GLY A 152 -4.21 -26.85 27.34
C GLY A 152 -3.45 -25.54 27.33
N SER A 153 -2.22 -25.46 26.82
CA SER A 153 -1.38 -24.26 26.95
C SER A 153 -1.94 -23.03 26.24
N ASN A 154 -2.60 -23.20 25.11
CA ASN A 154 -3.01 -21.99 24.36
C ASN A 154 -4.46 -22.14 23.92
N VAL A 155 -5.22 -23.00 24.59
CA VAL A 155 -6.63 -23.29 24.20
C VAL A 155 -7.47 -22.04 24.44
N VAL A 156 -7.18 -21.29 25.50
CA VAL A 156 -7.96 -20.04 25.71
C VAL A 156 -7.66 -19.05 24.59
N SER A 157 -6.40 -18.87 24.27
CA SER A 157 -5.96 -17.97 23.20
C SER A 157 -6.74 -18.23 21.91
N VAL A 158 -6.82 -19.50 21.57
CA VAL A 158 -7.48 -19.89 20.32
C VAL A 158 -8.98 -19.61 20.42
N ALA A 159 -9.61 -19.99 21.55
CA ALA A 159 -11.05 -19.75 21.69
C ALA A 159 -11.36 -18.27 21.54
N GLU A 160 -10.58 -17.41 22.14
CA GLU A 160 -10.76 -15.96 21.97
C GLU A 160 -10.67 -15.57 20.50
N HIS A 161 -9.74 -16.16 19.81
CA HIS A 161 -9.47 -15.82 18.40
C HIS A 161 -10.66 -16.27 17.56
N VAL A 162 -11.24 -17.42 17.88
CA VAL A 162 -12.45 -17.89 17.17
C VAL A 162 -13.54 -16.85 17.34
N VAL A 163 -13.85 -16.50 18.58
CA VAL A 163 -14.98 -15.56 18.81
C VAL A 163 -14.69 -14.24 18.08
N MET A 164 -13.52 -13.68 18.22
CA MET A 164 -13.09 -12.51 17.45
C MET A 164 -13.39 -12.68 15.96
N THR A 165 -12.94 -13.79 15.39
CA THR A 165 -13.10 -14.00 13.93
C THR A 165 -14.57 -14.13 13.55
N ILE A 166 -15.34 -14.80 14.38
CA ILE A 166 -16.81 -14.89 14.11
C ILE A 166 -17.34 -13.47 14.03
N LEU A 167 -17.07 -12.65 15.03
CA LEU A 167 -17.65 -11.29 15.08
C LEU A 167 -17.13 -10.45 13.89
N VAL A 168 -15.83 -10.50 13.61
CA VAL A 168 -15.24 -9.77 12.46
C VAL A 168 -16.00 -10.13 11.18
N LEU A 169 -16.27 -11.39 10.98
CA LEU A 169 -16.98 -11.82 9.75
C LEU A 169 -18.44 -11.39 9.81
N VAL A 170 -19.15 -11.71 10.89
CA VAL A 170 -20.61 -11.44 10.96
C VAL A 170 -20.86 -9.94 10.83
N ARG A 171 -20.01 -9.13 11.48
CA ARG A 171 -20.24 -7.66 11.54
C ARG A 171 -19.53 -6.97 10.37
N ASN A 172 -18.90 -7.70 9.45
CA ASN A 172 -18.33 -7.10 8.21
C ASN A 172 -17.31 -6.04 8.57
N PHE A 173 -16.39 -6.36 9.50
CA PHE A 173 -15.34 -5.42 9.96
C PHE A 173 -14.31 -5.14 8.87
N VAL A 174 -13.79 -6.14 8.20
CA VAL A 174 -12.62 -5.93 7.33
C VAL A 174 -12.89 -4.90 6.25
N PRO A 175 -13.90 -5.04 5.38
CA PRO A 175 -14.08 -4.03 4.34
C PRO A 175 -14.46 -2.69 4.95
N ALA A 176 -15.07 -2.64 6.11
CA ALA A 176 -15.44 -1.38 6.78
C ALA A 176 -14.17 -0.67 7.22
N HIS A 177 -13.21 -1.36 7.78
CA HIS A 177 -11.93 -0.76 8.24
C HIS A 177 -11.17 -0.30 6.98
N GLU A 178 -11.15 -1.13 5.94
CA GLU A 178 -10.49 -0.71 4.68
C GLU A 178 -11.09 0.58 4.16
N GLN A 179 -12.40 0.71 4.15
CA GLN A 179 -13.08 1.91 3.65
C GLN A 179 -12.58 3.13 4.40
N ILE A 180 -12.46 3.04 5.72
CA ILE A 180 -11.95 4.16 6.56
C ILE A 180 -10.52 4.51 6.19
N GLU A 181 -9.63 3.53 6.13
CA GLU A 181 -8.22 3.82 5.86
C GLU A 181 -8.05 4.43 4.48
N ALA A 182 -8.93 4.12 3.52
CA ALA A 182 -8.84 4.61 2.13
C ALA A 182 -9.39 6.03 2.03
N GLY A 183 -9.95 6.59 3.09
CA GLY A 183 -10.43 7.99 3.11
C GLY A 183 -11.86 8.09 2.66
N ARG A 184 -12.55 6.95 2.56
CA ARG A 184 -13.93 6.91 2.02
CA ARG A 184 -13.93 6.91 2.02
C ARG A 184 -14.96 6.94 3.14
N TRP A 185 -16.23 7.06 2.80
CA TRP A 185 -17.31 7.05 3.81
C TRP A 185 -18.60 6.65 3.14
N ASP A 186 -19.09 5.44 3.43
CA ASP A 186 -20.36 4.96 2.83
C ASP A 186 -20.91 3.90 3.78
N VAL A 187 -21.78 4.32 4.67
CA VAL A 187 -22.34 3.42 5.70
C VAL A 187 -23.09 2.30 5.01
N ALA A 188 -23.94 2.57 4.04
CA ALA A 188 -24.78 1.51 3.43
C ALA A 188 -23.89 0.44 2.79
N GLU A 189 -22.80 0.83 2.14
CA GLU A 189 -21.91 -0.12 1.44
C GLU A 189 -21.50 -1.25 2.37
N VAL A 190 -21.24 -0.94 3.64
CA VAL A 190 -20.74 -2.02 4.52
C VAL A 190 -21.80 -2.47 5.51
N ALA A 191 -22.81 -1.66 5.80
CA ALA A 191 -23.90 -2.10 6.69
C ALA A 191 -24.74 -3.15 5.97
N LYS A 192 -24.74 -3.14 4.63
CA LYS A 192 -25.60 -4.07 3.87
C LYS A 192 -25.23 -5.54 4.11
N ASP A 193 -24.05 -5.82 4.63
CA ASP A 193 -23.60 -7.22 4.94
CA ASP A 193 -23.60 -7.21 4.95
C ASP A 193 -23.23 -7.33 6.42
N GLU A 194 -23.72 -6.42 7.26
CA GLU A 194 -23.45 -6.39 8.69
C GLU A 194 -24.62 -6.99 9.47
N TYR A 195 -24.39 -8.06 10.19
CA TYR A 195 -25.38 -8.72 11.04
C TYR A 195 -24.96 -8.61 12.48
N ASP A 196 -25.89 -8.97 13.36
CA ASP A 196 -25.53 -9.23 14.78
C ASP A 196 -25.37 -10.73 14.98
N LEU A 197 -24.52 -11.11 15.88
CA LEU A 197 -24.40 -12.52 16.28
C LEU A 197 -25.58 -12.98 17.14
N GLU A 198 -26.22 -12.08 17.86
CA GLU A 198 -27.41 -12.43 18.64
C GLU A 198 -28.42 -13.08 17.67
N GLY A 199 -29.06 -14.14 18.12
CA GLY A 199 -30.10 -14.78 17.29
C GLY A 199 -29.54 -15.69 16.22
N LYS A 200 -28.25 -15.84 16.08
CA LYS A 200 -27.65 -16.74 15.09
C LYS A 200 -27.38 -18.09 15.73
N VAL A 201 -27.35 -19.14 14.92
CA VAL A 201 -27.00 -20.49 15.42
C VAL A 201 -25.53 -20.74 15.11
N VAL A 202 -24.73 -21.06 16.12
CA VAL A 202 -23.28 -21.36 15.95
C VAL A 202 -23.02 -22.80 16.29
N GLY A 203 -22.32 -23.52 15.44
CA GLY A 203 -21.97 -24.92 15.63
C GLY A 203 -20.46 -25.07 15.70
N THR A 204 -19.95 -25.91 16.57
CA THR A 204 -18.52 -26.26 16.63
C THR A 204 -18.30 -27.71 16.21
N VAL A 205 -17.35 -27.94 15.33
CA VAL A 205 -16.85 -29.28 14.99
C VAL A 205 -15.72 -29.59 15.95
N GLY A 206 -16.02 -30.41 16.96
CA GLY A 206 -15.12 -30.64 18.10
C GLY A 206 -15.48 -29.80 19.30
N VAL A 207 -15.63 -30.46 20.45
CA VAL A 207 -16.02 -29.79 21.71
C VAL A 207 -14.98 -30.18 22.78
N GLY A 208 -13.75 -30.28 22.38
CA GLY A 208 -12.64 -30.46 23.32
C GLY A 208 -12.23 -29.18 23.99
N ARG A 209 -10.97 -29.08 24.34
CA ARG A 209 -10.55 -27.93 25.18
C ARG A 209 -10.87 -26.61 24.47
N ILE A 210 -10.63 -26.50 23.16
CA ILE A 210 -10.87 -25.25 22.43
C ILE A 210 -12.37 -25.15 22.19
N GLY A 211 -13.01 -26.15 21.62
CA GLY A 211 -14.42 -25.98 21.24
C GLY A 211 -15.28 -25.65 22.45
N GLU A 212 -15.05 -26.30 23.59
CA GLU A 212 -15.83 -26.01 24.81
C GLU A 212 -15.62 -24.55 25.18
N ARG A 213 -14.38 -24.07 25.14
CA ARG A 213 -14.08 -22.69 25.54
C ARG A 213 -14.68 -21.68 24.54
N VAL A 214 -14.83 -22.06 23.27
CA VAL A 214 -15.53 -21.20 22.31
C VAL A 214 -17.00 -21.05 22.73
N LEU A 215 -17.64 -22.16 23.07
CA LEU A 215 -19.09 -22.10 23.46
C LEU A 215 -19.21 -21.30 24.77
N ARG A 216 -18.27 -21.47 25.71
CA ARG A 216 -18.31 -20.71 26.98
C ARG A 216 -18.18 -19.22 26.73
N ARG A 217 -17.43 -18.80 25.72
CA ARG A 217 -17.35 -17.37 25.39
C ARG A 217 -18.55 -16.90 24.59
N LEU A 218 -19.17 -17.76 23.80
CA LEU A 218 -20.35 -17.36 23.01
C LEU A 218 -21.59 -17.22 23.90
N LYS A 219 -21.64 -17.90 25.03
CA LYS A 219 -22.84 -17.95 25.87
CA LYS A 219 -22.85 -17.95 25.88
C LYS A 219 -23.45 -16.55 26.10
N GLY A 220 -22.60 -15.55 26.37
CA GLY A 220 -23.05 -14.20 26.73
C GLY A 220 -23.65 -13.44 25.56
N PHE A 221 -23.52 -13.96 24.33
CA PHE A 221 -23.97 -13.25 23.10
C PHE A 221 -25.42 -13.63 22.74
N ASP A 222 -26.09 -14.50 23.48
CA ASP A 222 -27.52 -14.81 23.18
C ASP A 222 -27.65 -15.23 21.72
N CYS A 223 -26.80 -16.13 21.29
CA CYS A 223 -27.04 -16.88 20.04
C CYS A 223 -28.38 -17.61 20.17
N LYS A 224 -29.08 -17.86 19.06
CA LYS A 224 -30.31 -18.64 19.08
C LYS A 224 -30.02 -20.03 19.63
N GLU A 225 -28.95 -20.67 19.19
CA GLU A 225 -28.56 -21.99 19.69
C GLU A 225 -27.05 -22.15 19.57
N LEU A 226 -26.48 -22.91 20.45
CA LEU A 226 -25.08 -23.35 20.39
C LEU A 226 -25.06 -24.85 20.20
N LEU A 227 -24.47 -25.31 19.12
CA LEU A 227 -24.46 -26.72 18.72
C LEU A 227 -23.05 -27.26 18.68
N TYR A 228 -22.92 -28.57 18.83
CA TYR A 228 -21.61 -29.21 18.63
C TYR A 228 -21.77 -30.58 18.02
N TYR A 229 -20.69 -31.01 17.39
CA TYR A 229 -20.55 -32.35 16.79
C TYR A 229 -19.19 -32.86 17.25
N ASP A 230 -19.21 -33.95 17.99
CA ASP A 230 -17.98 -34.63 18.46
C ASP A 230 -18.38 -36.04 18.88
N TYR A 231 -17.52 -37.02 18.59
CA TYR A 231 -17.73 -38.40 19.07
C TYR A 231 -17.36 -38.51 20.56
N GLN A 232 -16.70 -37.52 21.15
CA GLN A 232 -16.50 -37.38 22.61
C GLN A 232 -17.39 -36.26 23.12
N PRO A 233 -18.59 -36.56 23.64
CA PRO A 233 -19.52 -35.50 23.99
C PRO A 233 -19.17 -34.78 25.29
N LEU A 234 -19.80 -33.63 25.49
CA LEU A 234 -19.78 -32.95 26.81
C LEU A 234 -20.68 -33.74 27.75
N SER A 235 -20.43 -33.60 29.05
CA SER A 235 -21.35 -34.16 30.07
C SER A 235 -22.71 -33.45 29.96
N PRO A 236 -23.81 -34.08 30.40
CA PRO A 236 -25.09 -33.39 30.48
C PRO A 236 -24.99 -32.12 31.34
N GLU A 237 -24.18 -32.14 32.41
CA GLU A 237 -24.04 -30.97 33.33
C GLU A 237 -23.41 -29.81 32.55
N LYS A 238 -22.39 -30.07 31.76
CA LYS A 238 -21.75 -29.01 30.95
C LYS A 238 -22.71 -28.54 29.86
N GLU A 239 -23.47 -29.44 29.24
CA GLU A 239 -24.46 -29.01 28.23
C GLU A 239 -25.38 -27.99 28.86
N LYS A 240 -25.92 -28.29 30.06
CA LYS A 240 -26.89 -27.39 30.72
CA LYS A 240 -26.89 -27.39 30.72
C LYS A 240 -26.22 -26.09 31.17
N GLU A 241 -25.01 -26.18 31.70
CA GLU A 241 -24.31 -24.99 32.24
C GLU A 241 -24.03 -24.00 31.09
N ILE A 242 -23.46 -24.49 30.01
CA ILE A 242 -23.10 -23.65 28.84
C ILE A 242 -24.38 -23.29 28.09
N GLY A 243 -25.33 -24.21 27.96
CA GLY A 243 -26.56 -24.08 27.17
C GLY A 243 -26.29 -24.43 25.73
N CYS A 244 -25.92 -25.66 25.46
CA CYS A 244 -25.60 -26.13 24.10
C CYS A 244 -26.17 -27.52 23.86
N ARG A 245 -26.26 -27.93 22.60
CA ARG A 245 -26.93 -29.18 22.21
C ARG A 245 -26.01 -29.99 21.30
N ARG A 246 -25.92 -31.28 21.54
CA ARG A 246 -25.13 -32.16 20.69
C ARG A 246 -25.95 -32.53 19.47
N VAL A 247 -25.36 -32.44 18.30
CA VAL A 247 -25.97 -32.95 17.05
C VAL A 247 -25.22 -34.19 16.62
N GLU A 248 -25.96 -35.28 16.35
CA GLU A 248 -25.31 -36.59 16.14
CA GLU A 248 -25.36 -36.61 16.12
C GLU A 248 -24.70 -36.68 14.73
N ASN A 249 -25.22 -35.93 13.76
CA ASN A 249 -24.75 -36.03 12.37
C ASN A 249 -24.13 -34.70 11.95
N LEU A 250 -22.93 -34.73 11.39
CA LEU A 250 -22.24 -33.47 11.02
C LEU A 250 -23.04 -32.69 9.97
N GLU A 251 -23.45 -33.33 8.89
CA GLU A 251 -24.23 -32.62 7.83
C GLU A 251 -25.51 -32.01 8.39
N GLU A 252 -26.16 -32.70 9.32
CA GLU A 252 -27.38 -32.17 9.96
CA GLU A 252 -27.39 -32.23 10.03
C GLU A 252 -27.04 -30.95 10.80
N MET A 253 -25.90 -30.94 11.47
CA MET A 253 -25.50 -29.74 12.24
CA MET A 253 -25.50 -29.74 12.24
C MET A 253 -25.24 -28.58 11.26
N LEU A 254 -24.48 -28.81 10.22
CA LEU A 254 -24.09 -27.73 9.30
C LEU A 254 -25.35 -27.07 8.71
N ALA A 255 -26.39 -27.84 8.40
CA ALA A 255 -27.62 -27.33 7.75
C ALA A 255 -28.39 -26.40 8.70
N GLN A 256 -28.10 -26.46 10.02
CA GLN A 256 -28.84 -25.66 11.02
C GLN A 256 -28.07 -24.39 11.39
N CYS A 257 -26.80 -24.31 11.04
CA CYS A 257 -25.94 -23.23 11.57
C CYS A 257 -25.87 -22.02 10.65
N ASP A 258 -25.82 -20.84 11.24
CA ASP A 258 -25.40 -19.63 10.52
C ASP A 258 -23.87 -19.52 10.55
N VAL A 259 -23.21 -19.94 11.61
CA VAL A 259 -21.74 -19.86 11.80
C VAL A 259 -21.27 -21.27 12.10
N VAL A 260 -20.21 -21.73 11.49
CA VAL A 260 -19.52 -22.98 11.82
C VAL A 260 -18.08 -22.66 12.19
N THR A 261 -17.60 -23.26 13.26
CA THR A 261 -16.20 -23.15 13.68
C THR A 261 -15.56 -24.53 13.80
N ILE A 262 -14.42 -24.75 13.22
CA ILE A 262 -13.73 -26.06 13.20
C ILE A 262 -12.71 -26.06 14.34
N ASN A 263 -12.86 -27.02 15.25
CA ASN A 263 -12.00 -27.09 16.47
C ASN A 263 -11.57 -28.53 16.75
N CYS A 264 -11.33 -29.32 15.72
CA CYS A 264 -10.87 -30.71 15.86
C CYS A 264 -9.45 -30.83 15.36
N PRO A 265 -8.70 -31.87 15.76
CA PRO A 265 -7.37 -32.06 15.22
C PRO A 265 -7.42 -32.55 13.79
N LEU A 266 -6.29 -32.46 13.15
CA LEU A 266 -6.01 -33.01 11.82
C LEU A 266 -5.54 -34.44 11.92
N HIS A 267 -6.34 -35.33 11.36
CA HIS A 267 -6.03 -36.78 11.27
C HIS A 267 -6.65 -37.29 9.98
N GLU A 268 -6.46 -38.55 9.66
CA GLU A 268 -6.84 -39.07 8.31
CA GLU A 268 -6.84 -39.10 8.33
C GLU A 268 -8.31 -38.74 8.02
N SER A 269 -9.20 -38.84 8.98
CA SER A 269 -10.66 -38.67 8.75
C SER A 269 -11.08 -37.19 8.73
N THR A 270 -10.22 -36.26 9.14
CA THR A 270 -10.56 -34.80 9.04
C THR A 270 -9.76 -34.13 7.91
N ARG A 271 -8.79 -34.77 7.30
CA ARG A 271 -8.03 -34.15 6.19
CA ARG A 271 -8.03 -34.15 6.18
C ARG A 271 -8.98 -33.99 5.00
N GLY A 272 -9.21 -32.75 4.56
CA GLY A 272 -10.08 -32.51 3.41
C GLY A 272 -11.54 -32.72 3.75
N LEU A 273 -11.89 -32.74 5.04
CA LEU A 273 -13.29 -32.96 5.47
C LEU A 273 -14.17 -31.87 4.89
N PHE A 274 -13.72 -30.61 4.98
CA PHE A 274 -14.52 -29.46 4.48
C PHE A 274 -14.18 -29.24 3.01
N ASN A 275 -14.78 -30.11 2.19
CA ASN A 275 -14.69 -30.08 0.72
C ASN A 275 -15.98 -29.46 0.16
N LYS A 276 -16.06 -29.31 -1.15
CA LYS A 276 -17.23 -28.67 -1.79
CA LYS A 276 -17.23 -28.68 -1.81
C LYS A 276 -18.53 -29.36 -1.33
N ASP A 277 -18.55 -30.69 -1.24
CA ASP A 277 -19.79 -31.42 -0.88
CA ASP A 277 -19.80 -31.41 -0.88
C ASP A 277 -20.20 -31.04 0.55
N LEU A 278 -19.26 -31.02 1.49
CA LEU A 278 -19.67 -30.73 2.87
C LEU A 278 -19.99 -29.24 3.02
N ILE A 279 -19.23 -28.38 2.38
CA ILE A 279 -19.49 -26.92 2.47
C ILE A 279 -20.88 -26.62 1.88
N SER A 280 -21.30 -27.41 0.88
CA SER A 280 -22.63 -27.23 0.25
CA SER A 280 -22.63 -27.23 0.25
C SER A 280 -23.75 -27.51 1.26
N LYS A 281 -23.51 -28.22 2.36
CA LYS A 281 -24.50 -28.48 3.41
C LYS A 281 -24.69 -27.27 4.32
N MET A 282 -23.68 -26.40 4.39
CA MET A 282 -23.84 -25.14 5.15
C MET A 282 -24.88 -24.26 4.47
N LYS A 283 -25.47 -23.38 5.26
CA LYS A 283 -26.48 -22.45 4.75
C LYS A 283 -25.86 -21.46 3.77
N ARG A 284 -26.63 -21.04 2.78
CA ARG A 284 -26.14 -19.96 1.90
C ARG A 284 -25.93 -18.69 2.73
N GLY A 285 -24.75 -18.06 2.59
CA GLY A 285 -24.48 -16.81 3.30
C GLY A 285 -23.90 -17.06 4.69
N SER A 286 -23.54 -18.29 4.98
CA SER A 286 -23.01 -18.68 6.29
C SER A 286 -21.53 -18.23 6.41
N TRP A 287 -21.02 -18.27 7.63
CA TRP A 287 -19.64 -17.84 7.97
C TRP A 287 -18.89 -19.03 8.50
N LEU A 288 -17.70 -19.31 8.01
CA LEU A 288 -16.87 -20.46 8.41
C LEU A 288 -15.57 -19.95 9.05
N VAL A 289 -15.27 -20.47 10.21
CA VAL A 289 -14.03 -20.15 10.95
C VAL A 289 -13.21 -21.42 11.13
N ASN A 290 -11.91 -21.31 10.92
CA ASN A 290 -11.00 -22.45 11.03
C ASN A 290 -9.70 -22.00 11.70
N THR A 291 -9.62 -22.24 12.97
CA THR A 291 -8.38 -22.06 13.75
C THR A 291 -7.81 -23.43 14.09
N ALA A 292 -8.30 -24.49 13.48
CA ALA A 292 -7.83 -25.86 13.77
C ALA A 292 -6.55 -26.17 12.97
N ARG A 293 -6.75 -26.64 11.75
CA ARG A 293 -5.66 -26.87 10.78
C ARG A 293 -6.17 -26.58 9.39
N GLY A 294 -5.28 -26.00 8.57
CA GLY A 294 -5.56 -25.64 7.19
C GLY A 294 -6.06 -26.80 6.38
N ALA A 295 -5.44 -27.98 6.57
CA ALA A 295 -5.70 -29.11 5.67
C ALA A 295 -7.07 -29.72 5.96
N ILE A 296 -7.76 -29.30 7.01
CA ILE A 296 -9.14 -29.80 7.27
C ILE A 296 -10.09 -29.27 6.20
N VAL A 297 -9.78 -28.12 5.62
CA VAL A 297 -10.57 -27.58 4.48
C VAL A 297 -9.82 -27.85 3.18
N VAL A 298 -10.61 -27.91 2.10
CA VAL A 298 -10.04 -27.88 0.74
C VAL A 298 -10.01 -26.44 0.26
N LYS A 299 -8.84 -25.82 0.20
CA LYS A 299 -8.74 -24.35 0.01
C LYS A 299 -9.51 -23.89 -1.25
N GLU A 300 -9.42 -24.64 -2.35
CA GLU A 300 -10.07 -24.21 -3.61
C GLU A 300 -11.59 -24.22 -3.44
N ASP A 301 -12.09 -25.13 -2.61
CA ASP A 301 -13.55 -25.30 -2.40
C ASP A 301 -14.04 -24.14 -1.49
N VAL A 302 -13.24 -23.77 -0.49
CA VAL A 302 -13.59 -22.56 0.30
C VAL A 302 -13.57 -21.33 -0.59
N ALA A 303 -12.57 -21.19 -1.45
CA ALA A 303 -12.46 -19.99 -2.31
C ALA A 303 -13.67 -19.92 -3.27
N GLU A 304 -14.04 -21.05 -3.81
CA GLU A 304 -15.18 -21.09 -4.76
C GLU A 304 -16.46 -20.76 -4.02
N ALA A 305 -16.66 -21.31 -2.82
CA ALA A 305 -17.90 -21.01 -2.07
C ALA A 305 -18.02 -19.50 -1.77
N LEU A 306 -16.90 -18.86 -1.42
CA LEU A 306 -16.90 -17.40 -1.21
C LEU A 306 -17.22 -16.70 -2.50
N ARG A 307 -16.58 -17.13 -3.58
CA ARG A 307 -16.65 -16.41 -4.88
C ARG A 307 -18.11 -16.30 -5.30
N THR A 308 -18.89 -17.35 -5.09
CA THR A 308 -20.30 -17.44 -5.59
C THR A 308 -21.29 -16.96 -4.53
N GLY A 309 -20.83 -16.62 -3.33
CA GLY A 309 -21.73 -16.14 -2.29
C GLY A 309 -22.34 -17.26 -1.47
N HIS A 310 -21.95 -18.52 -1.67
CA HIS A 310 -22.45 -19.58 -0.78
C HIS A 310 -21.91 -19.33 0.65
N LEU A 311 -20.62 -19.06 0.80
CA LEU A 311 -20.12 -18.48 2.09
C LEU A 311 -20.15 -16.96 2.01
N ARG A 312 -20.56 -16.33 3.07
CA ARG A 312 -20.37 -14.88 3.29
C ARG A 312 -18.94 -14.63 3.80
N GLY A 313 -18.31 -15.58 4.47
CA GLY A 313 -16.99 -15.26 5.04
C GLY A 313 -16.26 -16.53 5.39
N TYR A 314 -14.93 -16.43 5.42
CA TYR A 314 -13.99 -17.42 5.96
C TYR A 314 -12.94 -16.68 6.72
N GLY A 315 -12.49 -17.25 7.82
CA GLY A 315 -11.40 -16.65 8.59
C GLY A 315 -10.79 -17.68 9.48
N GLY A 316 -9.67 -17.27 10.05
CA GLY A 316 -8.86 -18.11 10.92
C GLY A 316 -7.42 -17.81 10.71
N ASP A 317 -6.57 -18.70 11.20
CA ASP A 317 -5.12 -18.43 11.25
C ASP A 317 -4.31 -19.59 10.69
N VAL A 318 -4.94 -20.67 10.21
CA VAL A 318 -4.16 -21.89 9.88
C VAL A 318 -4.22 -22.16 8.39
N TRP A 319 -3.12 -22.77 7.91
CA TRP A 319 -2.86 -22.91 6.47
C TRP A 319 -2.18 -24.23 6.24
N PHE A 320 -2.28 -24.76 5.02
CA PHE A 320 -1.41 -25.90 4.65
C PHE A 320 -0.75 -25.64 3.30
N PRO A 321 0.58 -25.79 3.19
CA PRO A 321 1.51 -25.94 4.31
C PRO A 321 1.77 -24.58 4.98
N GLN A 322 2.64 -24.59 5.98
CA GLN A 322 3.10 -23.35 6.65
C GLN A 322 4.62 -23.35 6.61
N PRO A 323 5.24 -22.20 6.28
CA PRO A 323 4.60 -20.94 5.91
C PRO A 323 3.62 -21.05 4.74
N ALA A 324 2.55 -20.28 4.76
CA ALA A 324 1.59 -20.33 3.65
C ALA A 324 2.27 -19.78 2.41
N PRO A 325 2.20 -20.50 1.26
CA PRO A 325 2.79 -19.96 0.04
C PRO A 325 2.26 -18.56 -0.22
N ALA A 326 3.09 -17.72 -0.84
CA ALA A 326 2.75 -16.29 -1.04
C ALA A 326 1.54 -16.16 -1.95
N ASP A 327 1.26 -17.15 -2.82
CA ASP A 327 0.09 -17.15 -3.75
C ASP A 327 -1.06 -18.00 -3.25
N HIS A 328 -1.07 -18.42 -1.98
CA HIS A 328 -2.17 -19.26 -1.47
C HIS A 328 -3.50 -18.54 -1.71
N VAL A 329 -4.48 -19.22 -2.28
CA VAL A 329 -5.74 -18.59 -2.73
C VAL A 329 -6.49 -17.94 -1.54
N LEU A 330 -6.36 -18.46 -0.32
CA LEU A 330 -7.13 -17.87 0.80
C LEU A 330 -6.49 -16.62 1.37
N ARG A 331 -5.38 -16.16 0.80
CA ARG A 331 -4.85 -14.83 1.20
C ARG A 331 -5.74 -13.71 0.66
N THR A 332 -6.39 -13.98 -0.48
CA THR A 332 -7.04 -12.88 -1.25
C THR A 332 -8.46 -13.21 -1.68
N ALA A 333 -8.94 -14.42 -1.41
CA ALA A 333 -10.32 -14.80 -1.80
C ALA A 333 -11.33 -13.89 -1.08
N LYS A 334 -12.36 -13.42 -1.74
CA LYS A 334 -13.40 -12.54 -1.21
C LYS A 334 -14.80 -13.05 -1.61
N ASN A 335 -15.78 -12.63 -0.84
CA ASN A 335 -17.20 -12.80 -1.22
C ASN A 335 -17.52 -11.85 -2.36
N PRO A 336 -18.74 -11.93 -2.95
CA PRO A 336 -19.04 -11.07 -4.08
C PRO A 336 -19.13 -9.58 -3.79
N PHE A 337 -19.15 -9.19 -2.52
CA PHE A 337 -19.13 -7.77 -2.09
CA PHE A 337 -19.14 -7.76 -2.09
C PHE A 337 -17.72 -7.26 -1.79
N GLY A 338 -16.71 -8.09 -1.99
CA GLY A 338 -15.30 -7.70 -1.70
C GLY A 338 -14.95 -7.74 -0.21
N GLY A 339 -15.72 -8.47 0.59
CA GLY A 339 -15.37 -8.73 1.99
C GLY A 339 -15.18 -10.21 2.25
N GLY A 340 -15.44 -10.63 3.47
CA GLY A 340 -15.56 -12.04 3.81
C GLY A 340 -14.24 -12.75 4.01
N ASN A 341 -13.13 -12.03 4.20
CA ASN A 341 -11.83 -12.65 4.43
C ASN A 341 -11.23 -12.12 5.74
N ALA A 342 -11.15 -12.98 6.73
CA ALA A 342 -10.52 -12.61 8.03
C ALA A 342 -9.36 -13.56 8.30
N MET A 343 -8.53 -13.85 7.30
CA MET A 343 -7.34 -14.68 7.49
C MET A 343 -6.24 -13.89 8.18
N VAL A 344 -5.43 -14.59 8.98
CA VAL A 344 -4.21 -14.02 9.58
C VAL A 344 -3.16 -15.13 9.46
N PRO A 345 -1.87 -14.81 9.69
CA PRO A 345 -0.85 -15.86 9.81
C PRO A 345 -1.17 -16.75 11.02
N HIS A 346 -0.46 -17.88 11.13
CA HIS A 346 -0.73 -18.81 12.25
C HIS A 346 -0.15 -18.21 13.52
N MET A 347 -0.98 -17.57 14.30
CA MET A 347 -0.56 -16.69 15.41
C MET A 347 -1.41 -16.89 16.67
N SER A 348 -2.64 -17.39 16.59
CA SER A 348 -3.52 -17.34 17.78
C SER A 348 -2.89 -18.09 18.97
N GLY A 349 -2.34 -19.25 18.71
CA GLY A 349 -1.71 -20.11 19.72
C GLY A 349 -0.35 -19.61 20.18
N THR A 350 0.15 -18.52 19.58
CA THR A 350 1.51 -18.00 19.94
C THR A 350 1.39 -16.54 20.37
N SER A 351 0.24 -16.14 20.93
CA SER A 351 0.15 -14.87 21.67
C SER A 351 1.25 -14.84 22.75
N LEU A 352 1.59 -13.64 23.19
CA LEU A 352 2.68 -13.55 24.21
C LEU A 352 2.26 -14.29 25.47
N ASP A 353 0.99 -14.22 25.85
CA ASP A 353 0.48 -14.93 27.05
C ASP A 353 0.62 -16.45 26.82
N ALA A 354 0.24 -16.96 25.66
CA ALA A 354 0.35 -18.39 25.32
C ALA A 354 1.81 -18.86 25.38
N GLN A 355 2.72 -18.10 24.80
CA GLN A 355 4.12 -18.56 24.69
C GLN A 355 4.69 -18.83 26.07
N LYS A 356 4.39 -18.01 27.06
N LYS A 356 4.39 -18.00 27.07
CA LYS A 356 4.92 -18.25 28.44
CA LYS A 356 4.91 -18.24 28.44
C LYS A 356 4.48 -19.64 28.90
C LYS A 356 4.48 -19.64 28.90
N ARG A 357 3.22 -20.02 28.64
CA ARG A 357 2.68 -21.31 29.09
C ARG A 357 3.26 -22.45 28.27
N TYR A 358 3.38 -22.35 26.94
CA TYR A 358 3.89 -23.55 26.24
C TYR A 358 5.40 -23.68 26.41
N ALA A 359 6.11 -22.57 26.61
CA ALA A 359 7.56 -22.67 26.89
C ALA A 359 7.77 -23.43 28.21
N GLU A 360 7.02 -23.10 29.25
CA GLU A 360 7.09 -23.78 30.57
CA GLU A 360 7.10 -23.79 30.56
C GLU A 360 6.73 -25.27 30.37
N GLY A 361 5.69 -25.57 29.58
CA GLY A 361 5.26 -26.94 29.39
C GLY A 361 6.30 -27.73 28.62
N VAL A 362 6.96 -27.16 27.64
CA VAL A 362 8.03 -27.90 26.93
C VAL A 362 9.13 -28.28 27.94
N LYS A 363 9.51 -27.35 28.82
CA LYS A 363 10.55 -27.63 29.85
C LYS A 363 10.11 -28.81 30.71
N ARG A 364 8.86 -28.83 31.13
CA ARG A 364 8.27 -29.92 31.96
CA ARG A 364 8.27 -29.92 31.96
C ARG A 364 8.36 -31.25 31.20
N ILE A 365 7.94 -31.29 29.94
CA ILE A 365 8.01 -32.56 29.14
C ILE A 365 9.46 -32.97 28.99
N LEU A 366 10.35 -32.04 28.68
CA LEU A 366 11.80 -32.36 28.55
C LEU A 366 12.30 -32.95 29.85
N ASP A 367 11.91 -32.37 30.99
CA ASP A 367 12.43 -32.82 32.31
C ASP A 367 11.94 -34.26 32.55
N SER A 368 10.70 -34.59 32.19
CA SER A 368 10.16 -35.98 32.31
C SER A 368 11.08 -36.95 31.59
N TYR A 369 11.58 -36.59 30.40
CA TYR A 369 12.41 -37.49 29.59
C TYR A 369 13.84 -37.51 30.14
N LEU A 370 14.43 -36.35 30.30
CA LEU A 370 15.88 -36.18 30.65
C LEU A 370 16.17 -36.73 32.05
N SER A 371 15.20 -36.69 32.95
CA SER A 371 15.31 -37.22 34.34
C SER A 371 15.37 -38.76 34.34
N GLY A 372 14.97 -39.41 33.25
CA GLY A 372 14.79 -40.87 33.17
C GLY A 372 13.52 -41.37 33.85
N ARG A 373 12.67 -40.45 34.34
CA ARG A 373 11.39 -40.83 35.01
C ARG A 373 10.30 -41.19 33.98
N PHE A 374 10.33 -40.55 32.81
CA PHE A 374 9.30 -40.70 31.74
C PHE A 374 7.89 -40.52 32.34
N ASP A 375 7.75 -39.58 33.28
CA ASP A 375 6.51 -39.35 34.05
C ASP A 375 5.70 -38.24 33.37
N TYR A 376 5.41 -38.43 32.09
CA TYR A 376 4.61 -37.47 31.30
C TYR A 376 3.22 -37.35 31.88
N ARG A 377 2.62 -36.16 31.78
CA ARG A 377 1.16 -36.01 31.93
CA ARG A 377 1.15 -36.01 31.94
C ARG A 377 0.51 -36.83 30.84
N PRO A 378 -0.37 -37.79 31.13
CA PRO A 378 -0.97 -38.60 30.07
C PRO A 378 -1.67 -37.74 28.99
N GLU A 379 -2.26 -36.63 29.38
CA GLU A 379 -2.99 -35.76 28.40
C GLU A 379 -2.00 -35.10 27.44
N ASP A 380 -0.70 -35.07 27.74
CA ASP A 380 0.28 -34.48 26.82
C ASP A 380 0.66 -35.47 25.73
N LEU A 381 0.33 -36.76 25.87
CA LEU A 381 0.86 -37.78 24.95
C LEU A 381 -0.09 -37.96 23.76
N ILE A 382 0.48 -37.98 22.55
CA ILE A 382 -0.29 -38.24 21.31
C ILE A 382 -0.01 -39.68 20.86
N VAL A 383 1.27 -40.04 20.70
CA VAL A 383 1.64 -41.47 20.55
C VAL A 383 2.77 -41.74 21.54
N HIS A 384 2.84 -42.99 22.00
CA HIS A 384 3.81 -43.40 23.03
C HIS A 384 3.95 -44.92 22.97
N GLN A 385 5.20 -45.42 23.02
CA GLN A 385 5.45 -46.88 23.13
C GLN A 385 4.71 -47.61 21.98
N GLY A 386 4.70 -47.05 20.78
CA GLY A 386 4.21 -47.70 19.55
C GLY A 386 2.70 -47.64 19.35
N LYS A 387 1.97 -46.92 20.22
CA LYS A 387 0.49 -46.83 20.15
CA LYS A 387 0.50 -46.83 20.15
C LYS A 387 0.03 -45.37 20.27
N TYR A 388 -1.08 -45.06 19.63
CA TYR A 388 -1.84 -43.83 19.93
C TYR A 388 -2.16 -43.80 21.42
N ALA A 389 -1.99 -42.65 22.04
CA ALA A 389 -2.20 -42.40 23.49
C ALA A 389 -3.33 -41.39 23.67
N THR A 390 -4.11 -41.14 22.64
CA THR A 390 -5.20 -40.15 22.67
C THR A 390 -6.40 -40.72 21.92
N ARG A 391 -7.57 -40.27 22.36
CA ARG A 391 -8.86 -40.55 21.70
CA ARG A 391 -8.85 -40.56 21.69
C ARG A 391 -9.19 -39.48 20.66
N ALA A 392 -8.46 -38.38 20.62
CA ALA A 392 -8.87 -37.15 19.90
C ALA A 392 -8.44 -37.16 18.42
N TYR A 393 -7.60 -38.12 17.97
CA TYR A 393 -7.09 -38.20 16.58
C TYR A 393 -7.85 -39.28 15.83
N GLY A 394 -9.18 -39.25 15.95
CA GLY A 394 -10.07 -40.28 15.36
C GLY A 394 -10.44 -41.38 16.34
N GLN A 395 -11.52 -42.07 16.04
CA GLN A 395 -12.04 -43.21 16.83
C GLN A 395 -11.21 -44.42 16.44
N ARG A 396 -10.36 -44.90 17.34
CA ARG A 396 -9.42 -46.02 17.05
C ARG A 396 -9.66 -47.20 18.00
N GLU A 397 -9.37 -48.39 17.49
CA GLU A 397 -8.94 -49.58 18.27
C GLU A 397 -7.43 -49.46 18.47
N ASP A 398 -6.87 -50.13 19.49
CA ASP A 398 -5.41 -50.18 19.76
C ASP A 398 -4.93 -48.80 20.23
N VAL A 399 -5.74 -48.08 21.00
CA VAL A 399 -5.33 -46.87 21.77
C VAL A 399 -4.93 -47.33 23.18
N LYS A 400 -3.73 -46.95 23.64
CA LYS A 400 -3.24 -47.23 25.01
C LYS A 400 -3.03 -45.89 25.75
N ILE A 401 -4.03 -45.48 26.53
CA ILE A 401 -3.99 -44.36 27.51
C ILE A 401 -3.11 -44.81 28.68
N PRO A 402 -1.95 -44.18 28.98
CA PRO A 402 -1.13 -44.58 30.14
C PRO A 402 -1.51 -43.88 31.45
N TYR B 29 -62.20 8.21 23.21
CA TYR B 29 -61.82 8.72 21.87
C TYR B 29 -60.90 9.93 21.99
N THR B 30 -59.81 9.90 21.24
CA THR B 30 -58.87 11.03 21.06
C THR B 30 -58.75 11.30 19.56
N ALA B 31 -58.84 12.57 19.17
CA ALA B 31 -58.71 13.03 17.78
C ALA B 31 -57.24 12.90 17.35
N ARG B 32 -56.98 12.19 16.25
CA ARG B 32 -55.64 12.08 15.60
C ARG B 32 -55.23 13.43 15.04
N LEU B 33 -53.93 13.75 15.05
CA LEU B 33 -53.40 14.95 14.37
C LEU B 33 -53.51 14.73 12.87
N GLN B 34 -53.63 15.82 12.10
CA GLN B 34 -54.00 15.76 10.67
C GLN B 34 -52.92 16.45 9.82
N MET B 35 -52.64 15.85 8.65
CA MET B 35 -51.83 16.43 7.55
C MET B 35 -50.51 16.95 8.13
N VAL B 36 -49.82 16.08 8.88
CA VAL B 36 -48.54 16.41 9.53
C VAL B 36 -47.40 16.29 8.50
N LYS B 37 -46.56 17.31 8.40
CA LYS B 37 -45.36 17.27 7.54
CA LYS B 37 -45.36 17.27 7.54
C LYS B 37 -44.23 16.60 8.33
N VAL B 38 -43.78 15.44 7.83
CA VAL B 38 -42.64 14.67 8.40
C VAL B 38 -41.44 14.86 7.46
N LEU B 39 -40.30 15.23 8.04
CA LEU B 39 -39.01 15.33 7.33
C LEU B 39 -38.08 14.27 7.91
N ALA B 40 -37.49 13.43 7.07
CA ALA B 40 -36.54 12.38 7.49
C ALA B 40 -35.19 12.67 6.84
N VAL B 41 -34.14 12.78 7.66
CA VAL B 41 -32.73 12.88 7.19
C VAL B 41 -32.06 11.53 7.42
N LEU B 42 -31.81 10.79 6.34
CA LEU B 42 -31.28 9.41 6.40
C LEU B 42 -30.09 9.29 5.47
N TYR B 43 -29.31 8.23 5.59
CA TYR B 43 -28.16 8.07 4.70
C TYR B 43 -28.61 7.57 3.34
N ASP B 44 -27.82 7.96 2.33
CA ASP B 44 -28.02 7.52 0.94
C ASP B 44 -27.51 6.09 0.78
N GLY B 45 -28.39 5.16 0.45
CA GLY B 45 -28.07 3.75 0.21
C GLY B 45 -27.69 3.45 -1.23
N GLY B 46 -27.78 4.45 -2.13
CA GLY B 46 -27.47 4.24 -3.56
C GLY B 46 -28.08 2.93 -4.07
N GLU B 47 -27.30 2.14 -4.81
CA GLU B 47 -27.75 0.86 -5.42
C GLU B 47 -27.91 -0.17 -4.32
N HIS B 48 -27.16 -0.02 -3.22
CA HIS B 48 -27.12 -1.00 -2.11
C HIS B 48 -28.52 -1.14 -1.54
N ALA B 49 -29.24 -0.03 -1.36
CA ALA B 49 -30.56 0.02 -0.69
C ALA B 49 -31.65 -0.54 -1.61
N LYS B 50 -31.40 -0.57 -2.93
CA LYS B 50 -32.33 -1.20 -3.90
C LYS B 50 -32.12 -2.71 -3.87
N GLN B 51 -30.85 -3.14 -3.75
CA GLN B 51 -30.40 -4.56 -3.82
CA GLN B 51 -30.42 -4.56 -3.83
C GLN B 51 -30.62 -5.27 -2.49
N VAL B 52 -30.54 -4.53 -1.38
CA VAL B 52 -30.67 -5.10 0.00
C VAL B 52 -31.79 -4.32 0.69
N PRO B 53 -33.07 -4.74 0.54
CA PRO B 53 -34.19 -4.05 1.18
C PRO B 53 -34.08 -3.94 2.70
N GLY B 54 -33.25 -4.78 3.34
CA GLY B 54 -33.04 -4.71 4.79
C GLY B 54 -32.35 -3.42 5.20
N LEU B 55 -31.77 -2.65 4.27
CA LEU B 55 -31.27 -1.27 4.54
C LEU B 55 -32.50 -0.35 4.66
N LEU B 56 -33.24 -0.48 5.74
CA LEU B 56 -34.48 0.31 5.99
C LEU B 56 -34.15 1.78 6.24
N GLY B 57 -33.04 2.08 6.91
CA GLY B 57 -32.69 3.43 7.41
C GLY B 57 -32.06 4.33 6.37
N THR B 58 -32.49 4.21 5.11
CA THR B 58 -31.92 4.90 3.94
C THR B 58 -32.98 5.80 3.28
N THR B 59 -32.54 6.71 2.42
CA THR B 59 -33.46 7.62 1.72
C THR B 59 -34.33 6.77 0.77
N GLU B 60 -33.83 5.61 0.33
CA GLU B 60 -34.54 4.70 -0.61
CA GLU B 60 -34.53 4.69 -0.60
C GLU B 60 -35.72 4.05 0.09
N ASN B 61 -35.53 3.53 1.30
CA ASN B 61 -36.52 2.67 1.99
C ASN B 61 -37.29 3.44 3.07
N GLU B 62 -36.76 4.56 3.58
CA GLU B 62 -37.52 5.53 4.40
C GLU B 62 -38.10 4.83 5.64
N LEU B 63 -37.35 3.89 6.24
CA LEU B 63 -37.75 3.19 7.49
C LEU B 63 -39.10 2.48 7.32
N GLY B 64 -39.50 2.15 6.08
CA GLY B 64 -40.81 1.55 5.79
C GLY B 64 -41.99 2.42 6.22
N LEU B 65 -41.85 3.74 6.25
CA LEU B 65 -42.88 4.66 6.81
C LEU B 65 -43.80 5.26 5.75
N ARG B 66 -43.40 5.32 4.48
CA ARG B 66 -44.07 6.26 3.52
C ARG B 66 -45.56 5.94 3.39
N LYS B 67 -45.92 4.70 3.04
CA LYS B 67 -47.33 4.29 2.82
C LYS B 67 -48.12 4.52 4.12
N TRP B 68 -47.53 4.11 5.25
CA TRP B 68 -48.19 4.21 6.58
C TRP B 68 -48.54 5.67 6.90
N LEU B 69 -47.66 6.62 6.58
CA LEU B 69 -47.90 8.06 6.81
C LEU B 69 -48.93 8.59 5.81
N GLU B 70 -48.74 8.27 4.53
CA GLU B 70 -49.54 8.81 3.41
C GLU B 70 -50.98 8.32 3.56
N ASP B 71 -51.20 7.09 4.01
CA ASP B 71 -52.56 6.51 4.22
C ASP B 71 -53.31 7.29 5.31
N GLN B 72 -52.60 7.98 6.21
CA GLN B 72 -53.19 8.79 7.31
C GLN B 72 -53.40 10.24 6.87
N GLY B 73 -52.90 10.61 5.68
CA GLY B 73 -52.97 11.96 5.10
C GLY B 73 -51.78 12.81 5.48
N HIS B 74 -50.73 12.20 6.03
CA HIS B 74 -49.47 12.92 6.36
C HIS B 74 -48.62 13.01 5.11
N THR B 75 -47.60 13.85 5.14
CA THR B 75 -46.62 13.95 4.05
C THR B 75 -45.24 13.58 4.60
N LEU B 76 -44.41 12.99 3.74
CA LEU B 76 -43.02 12.62 4.10
C LEU B 76 -42.08 13.17 3.04
N VAL B 77 -41.09 13.95 3.46
CA VAL B 77 -39.94 14.39 2.62
C VAL B 77 -38.70 13.76 3.24
N THR B 78 -37.88 13.11 2.43
CA THR B 78 -36.68 12.37 2.89
C THR B 78 -35.47 12.90 2.15
N THR B 79 -34.34 13.10 2.83
CA THR B 79 -33.14 13.64 2.20
C THR B 79 -31.89 13.12 2.90
N SER B 80 -30.78 13.09 2.19
CA SER B 80 -29.43 12.87 2.78
C SER B 80 -28.62 14.18 2.72
N ASP B 81 -29.20 15.23 2.15
CA ASP B 81 -28.49 16.51 1.89
C ASP B 81 -28.65 17.41 3.10
N LYS B 82 -27.68 17.42 4.02
CA LYS B 82 -27.88 17.96 5.37
C LYS B 82 -26.77 18.91 5.85
N ASP B 83 -25.63 19.05 5.14
CA ASP B 83 -24.45 19.77 5.69
C ASP B 83 -24.21 21.13 5.00
N ARG B 84 -24.46 21.26 3.70
CA ARG B 84 -24.01 22.46 2.92
C ARG B 84 -24.94 23.64 3.26
N GLU B 85 -24.46 24.86 3.04
N GLU B 85 -24.52 24.88 3.01
CA GLU B 85 -25.31 26.07 3.10
CA GLU B 85 -25.24 26.09 3.49
C GLU B 85 -26.39 25.88 2.04
C GLU B 85 -26.71 26.11 3.03
N GLY B 86 -27.65 26.10 2.41
N GLY B 86 -26.99 25.74 1.78
CA GLY B 86 -28.82 25.93 1.54
CA GLY B 86 -28.35 25.79 1.21
C GLY B 86 -29.10 24.46 1.24
C GLY B 86 -29.00 24.42 1.16
N SER B 87 -28.73 23.56 2.15
CA SER B 87 -29.06 22.11 2.04
C SER B 87 -30.57 21.94 2.02
N THR B 88 -31.05 20.85 1.43
CA THR B 88 -32.46 20.41 1.45
C THR B 88 -32.95 20.36 2.90
N PHE B 89 -32.10 19.90 3.83
CA PHE B 89 -32.48 19.80 5.26
C PHE B 89 -32.86 21.20 5.75
N ASP B 90 -31.96 22.16 5.50
CA ASP B 90 -32.13 23.57 5.91
C ASP B 90 -33.43 24.19 5.37
N ARG B 91 -33.81 23.87 4.14
CA ARG B 91 -35.06 24.41 3.51
CA ARG B 91 -35.06 24.41 3.51
C ARG B 91 -36.28 23.75 4.17
N GLU B 92 -36.29 22.42 4.23
CA GLU B 92 -37.48 21.63 4.67
C GLU B 92 -37.70 21.74 6.19
N LEU B 93 -36.68 22.01 7.00
CA LEU B 93 -36.87 21.97 8.47
C LEU B 93 -37.70 23.19 8.92
N GLU B 94 -37.80 24.22 8.07
CA GLU B 94 -38.49 25.49 8.47
C GLU B 94 -39.99 25.25 8.68
N ASP B 95 -40.61 24.25 8.07
CA ASP B 95 -42.05 23.96 8.30
C ASP B 95 -42.31 22.48 8.60
N ALA B 96 -41.28 21.66 8.86
CA ALA B 96 -41.51 20.27 9.33
C ALA B 96 -42.09 20.29 10.75
N GLU B 97 -43.13 19.51 10.98
CA GLU B 97 -43.74 19.34 12.32
C GLU B 97 -43.02 18.20 13.07
N ILE B 98 -42.60 17.17 12.34
CA ILE B 98 -41.78 16.04 12.88
C ILE B 98 -40.50 15.97 12.07
N ILE B 99 -39.34 15.90 12.75
CA ILE B 99 -38.06 15.67 12.05
C ILE B 99 -37.47 14.36 12.58
N ILE B 100 -37.27 13.43 11.67
CA ILE B 100 -36.60 12.13 11.94
C ILE B 100 -35.16 12.28 11.49
N THR B 101 -34.24 12.04 12.41
CA THR B 101 -32.78 12.02 12.10
C THR B 101 -32.23 10.62 12.40
N THR B 102 -30.98 10.36 12.05
CA THR B 102 -30.37 9.06 12.33
C THR B 102 -28.91 9.35 12.66
N PRO B 103 -28.35 8.77 13.74
CA PRO B 103 -27.01 9.20 14.16
C PRO B 103 -25.91 8.86 13.13
N PHE B 104 -26.17 7.89 12.25
CA PHE B 104 -25.17 7.39 11.28
C PHE B 104 -24.93 8.48 10.24
N HIS B 105 -25.90 9.40 10.05
CA HIS B 105 -25.82 10.49 9.05
C HIS B 105 -26.63 11.66 9.60
N PRO B 106 -26.10 12.30 10.65
CA PRO B 106 -26.92 13.12 11.53
C PRO B 106 -27.19 14.52 10.97
N GLY B 107 -28.47 14.83 10.84
CA GLY B 107 -28.88 16.23 10.61
C GLY B 107 -28.72 17.01 11.88
N TYR B 108 -27.68 17.82 12.01
CA TYR B 108 -27.37 18.52 13.28
C TYR B 108 -28.43 19.59 13.53
N LEU B 109 -29.27 19.43 14.55
CA LEU B 109 -30.30 20.44 14.88
C LEU B 109 -29.68 21.43 15.86
N THR B 110 -28.96 22.37 15.27
CA THR B 110 -28.23 23.45 15.98
C THR B 110 -29.26 24.43 16.51
N ALA B 111 -28.88 25.28 17.45
CA ALA B 111 -29.77 26.35 17.95
C ALA B 111 -30.23 27.22 16.77
N GLU B 112 -29.35 27.51 15.80
CA GLU B 112 -29.66 28.36 14.62
C GLU B 112 -30.80 27.71 13.83
N ARG B 113 -30.71 26.39 13.60
CA ARG B 113 -31.72 25.65 12.81
C ARG B 113 -33.02 25.53 13.61
N LEU B 114 -32.95 25.24 14.90
CA LEU B 114 -34.15 25.08 15.75
C LEU B 114 -34.93 26.41 15.77
N ALA B 115 -34.23 27.53 15.75
CA ALA B 115 -34.84 28.88 15.75
C ALA B 115 -35.61 29.11 14.44
N ARG B 116 -35.26 28.41 13.36
CA ARG B 116 -35.92 28.50 12.04
C ARG B 116 -37.00 27.42 11.88
N ALA B 117 -37.03 26.40 12.75
CA ALA B 117 -37.98 25.27 12.68
C ALA B 117 -39.28 25.70 13.37
N LYS B 118 -40.10 26.49 12.67
CA LYS B 118 -41.27 27.21 13.25
C LYS B 118 -42.39 26.23 13.62
N LYS B 119 -42.48 25.08 12.96
CA LYS B 119 -43.59 24.12 13.15
C LYS B 119 -43.16 22.90 13.98
N LEU B 120 -41.87 22.81 14.31
CA LEU B 120 -41.33 21.54 14.88
C LEU B 120 -41.92 21.28 16.26
N LYS B 121 -42.44 20.08 16.49
CA LYS B 121 -42.98 19.63 17.81
CA LYS B 121 -42.98 19.63 17.81
C LYS B 121 -42.27 18.36 18.29
N LEU B 122 -41.80 17.53 17.37
CA LEU B 122 -41.23 16.20 17.71
C LEU B 122 -40.01 15.94 16.84
N ALA B 123 -38.88 15.65 17.50
CA ALA B 123 -37.60 15.25 16.87
C ALA B 123 -37.34 13.80 17.28
N VAL B 124 -37.40 12.87 16.33
CA VAL B 124 -37.23 11.42 16.60
C VAL B 124 -35.87 10.98 16.05
N THR B 125 -35.04 10.38 16.90
CA THR B 125 -33.78 9.73 16.48
C THR B 125 -34.02 8.28 16.08
N ALA B 126 -33.76 7.94 14.83
CA ALA B 126 -33.78 6.57 14.31
C ALA B 126 -32.46 5.91 14.74
N GLY B 127 -32.51 5.37 15.94
CA GLY B 127 -31.33 4.88 16.64
C GLY B 127 -31.32 5.40 18.07
N ILE B 128 -30.14 5.59 18.62
CA ILE B 128 -29.92 5.92 20.04
C ILE B 128 -28.77 6.94 20.11
N GLY B 129 -28.98 8.00 20.83
CA GLY B 129 -28.04 9.10 21.05
C GLY B 129 -28.54 10.30 20.28
N SER B 130 -29.03 11.27 21.02
CA SER B 130 -29.72 12.45 20.44
C SER B 130 -28.86 13.70 20.58
N ASP B 131 -27.55 13.52 20.77
CA ASP B 131 -26.59 14.63 20.98
C ASP B 131 -26.37 15.47 19.71
N HIS B 132 -26.86 15.03 18.54
CA HIS B 132 -26.82 15.86 17.30
C HIS B 132 -27.94 16.89 17.34
N VAL B 133 -28.82 16.83 18.33
CA VAL B 133 -29.80 17.92 18.64
C VAL B 133 -29.20 18.75 19.77
N ASP B 134 -29.28 20.08 19.64
CA ASP B 134 -28.98 20.98 20.78
C ASP B 134 -30.15 20.88 21.74
N LEU B 135 -30.03 20.04 22.75
CA LEU B 135 -31.14 19.68 23.65
C LEU B 135 -31.52 20.87 24.53
N ASP B 136 -30.55 21.69 24.94
CA ASP B 136 -30.84 22.91 25.73
C ASP B 136 -31.72 23.82 24.84
N ALA B 137 -31.35 24.03 23.58
CA ALA B 137 -32.12 24.85 22.64
C ALA B 137 -33.48 24.19 22.39
N ALA B 138 -33.55 22.86 22.27
CA ALA B 138 -34.81 22.14 22.03
C ALA B 138 -35.80 22.45 23.17
N ASN B 139 -35.30 22.57 24.39
CA ASN B 139 -36.14 22.82 25.58
C ASN B 139 -36.76 24.23 25.52
N LYS B 140 -36.17 25.13 24.73
CA LYS B 140 -36.63 26.54 24.62
CA LYS B 140 -36.62 26.55 24.63
C LYS B 140 -37.32 26.79 23.28
N THR B 141 -37.48 25.74 22.46
CA THR B 141 -38.03 25.85 21.10
C THR B 141 -39.51 25.46 21.07
N ASN B 142 -40.37 26.38 20.60
CA ASN B 142 -41.80 26.11 20.37
C ASN B 142 -42.44 25.50 21.62
N GLY B 143 -42.10 26.04 22.80
CA GLY B 143 -42.66 25.61 24.10
C GLY B 143 -41.96 24.39 24.69
N GLY B 144 -40.90 23.92 24.05
CA GLY B 144 -40.15 22.72 24.48
C GLY B 144 -40.57 21.56 23.62
N ILE B 145 -39.71 21.19 22.65
CA ILE B 145 -40.10 20.09 21.72
C ILE B 145 -39.82 18.76 22.43
N THR B 146 -40.48 17.73 21.97
CA THR B 146 -40.18 16.34 22.39
C THR B 146 -39.03 15.80 21.54
N VAL B 147 -37.95 15.40 22.20
CA VAL B 147 -36.84 14.64 21.55
C VAL B 147 -36.90 13.22 22.10
N ALA B 148 -37.12 12.28 21.19
CA ALA B 148 -37.32 10.85 21.50
C ALA B 148 -36.34 10.04 20.68
N GLU B 149 -35.95 8.86 21.19
CA GLU B 149 -35.11 7.92 20.44
C GLU B 149 -35.58 6.52 20.76
N VAL B 150 -35.07 5.54 20.01
CA VAL B 150 -35.52 4.15 20.15
C VAL B 150 -34.60 3.43 21.13
N THR B 151 -34.85 3.68 22.40
CA THR B 151 -34.03 3.15 23.51
C THR B 151 -34.02 1.62 23.41
N GLY B 152 -32.84 1.02 23.56
CA GLY B 152 -32.68 -0.44 23.53
C GLY B 152 -32.65 -1.06 22.14
N SER B 153 -32.89 -0.32 21.07
CA SER B 153 -33.05 -0.92 19.73
C SER B 153 -31.76 -1.57 19.21
N ASN B 154 -30.60 -0.99 19.51
CA ASN B 154 -29.35 -1.49 18.89
C ASN B 154 -28.26 -1.63 19.95
N VAL B 155 -28.66 -1.74 21.20
CA VAL B 155 -27.68 -1.82 22.31
C VAL B 155 -26.95 -3.16 22.25
N VAL B 156 -27.61 -4.23 21.83
CA VAL B 156 -26.90 -5.53 21.67
C VAL B 156 -25.87 -5.38 20.57
N SER B 157 -26.27 -4.83 19.45
CA SER B 157 -25.39 -4.66 18.28
C SER B 157 -24.09 -3.98 18.68
N VAL B 158 -24.24 -2.90 19.43
CA VAL B 158 -23.08 -2.09 19.82
C VAL B 158 -22.22 -2.89 20.79
N ALA B 159 -22.87 -3.56 21.77
CA ALA B 159 -22.08 -4.32 22.75
C ALA B 159 -21.24 -5.40 22.04
N GLU B 160 -21.83 -6.07 21.09
CA GLU B 160 -21.06 -7.04 20.27
C GLU B 160 -19.89 -6.35 19.58
N HIS B 161 -20.14 -5.18 19.04
CA HIS B 161 -19.12 -4.46 18.26
C HIS B 161 -17.97 -4.07 19.20
N VAL B 162 -18.31 -3.67 20.44
CA VAL B 162 -17.27 -3.34 21.44
C VAL B 162 -16.39 -4.56 21.67
N VAL B 163 -16.98 -5.71 22.01
CA VAL B 163 -16.17 -6.91 22.32
C VAL B 163 -15.34 -7.30 21.11
N MET B 164 -15.94 -7.30 19.93
CA MET B 164 -15.16 -7.54 18.71
C MET B 164 -13.92 -6.61 18.62
N THR B 165 -14.17 -5.34 18.82
CA THR B 165 -13.12 -4.32 18.64
C THR B 165 -12.03 -4.51 19.72
N ILE B 166 -12.46 -4.83 20.95
CA ILE B 166 -11.46 -5.10 22.03
C ILE B 166 -10.56 -6.27 21.55
N LEU B 167 -11.18 -7.35 21.09
CA LEU B 167 -10.41 -8.53 20.68
C LEU B 167 -9.51 -8.20 19.49
N VAL B 168 -10.02 -7.54 18.49
CA VAL B 168 -9.23 -7.13 17.29
C VAL B 168 -7.99 -6.37 17.75
N LEU B 169 -8.16 -5.43 18.68
CA LEU B 169 -7.00 -4.65 19.14
C LEU B 169 -6.05 -5.51 19.98
N VAL B 170 -6.59 -6.23 20.97
CA VAL B 170 -5.71 -6.98 21.92
C VAL B 170 -4.95 -8.05 21.17
N ARG B 171 -5.58 -8.70 20.22
CA ARG B 171 -4.97 -9.84 19.49
C ARG B 171 -4.27 -9.35 18.22
N ASN B 172 -4.17 -8.06 17.96
CA ASN B 172 -3.39 -7.46 16.85
C ASN B 172 -3.84 -8.02 15.49
N PHE B 173 -5.14 -8.10 15.28
CA PHE B 173 -5.75 -8.66 14.03
C PHE B 173 -5.41 -7.80 12.81
N VAL B 174 -5.55 -6.48 12.88
CA VAL B 174 -5.52 -5.66 11.65
C VAL B 174 -4.19 -5.82 10.91
N PRO B 175 -3.02 -5.57 11.55
CA PRO B 175 -1.78 -5.69 10.79
C PRO B 175 -1.53 -7.14 10.38
N ALA B 176 -2.03 -8.10 11.15
CA ALA B 176 -1.88 -9.51 10.78
C ALA B 176 -2.67 -9.82 9.50
N HIS B 177 -3.90 -9.35 9.39
CA HIS B 177 -4.68 -9.59 8.15
C HIS B 177 -4.01 -8.88 6.97
N GLU B 178 -3.49 -7.68 7.22
CA GLU B 178 -2.83 -6.91 6.14
C GLU B 178 -1.65 -7.72 5.63
N GLN B 179 -0.85 -8.27 6.52
CA GLN B 179 0.33 -9.07 6.14
C GLN B 179 -0.11 -10.17 5.19
N ILE B 180 -1.15 -10.90 5.53
CA ILE B 180 -1.65 -12.02 4.71
C ILE B 180 -2.06 -11.51 3.32
N GLU B 181 -2.86 -10.48 3.24
CA GLU B 181 -3.39 -10.04 1.94
C GLU B 181 -2.26 -9.48 1.08
N ALA B 182 -1.16 -9.03 1.65
CA ALA B 182 -0.01 -8.47 0.92
C ALA B 182 0.88 -9.62 0.41
N GLY B 183 0.69 -10.86 0.81
CA GLY B 183 1.44 -12.00 0.31
C GLY B 183 2.62 -12.31 1.18
N ARG B 184 2.68 -11.70 2.37
CA ARG B 184 3.83 -11.86 3.27
CA ARG B 184 3.84 -11.88 3.27
C ARG B 184 3.56 -12.97 4.32
N TRP B 185 4.58 -13.30 5.09
CA TRP B 185 4.42 -14.31 6.16
C TRP B 185 5.51 -14.05 7.19
N ASP B 186 5.14 -13.57 8.37
CA ASP B 186 6.13 -13.34 9.46
C ASP B 186 5.38 -13.41 10.79
N VAL B 187 5.35 -14.56 11.39
CA VAL B 187 4.59 -14.77 12.64
C VAL B 187 5.10 -13.81 13.71
N ALA B 188 6.40 -13.72 13.93
CA ALA B 188 6.94 -12.90 15.04
C ALA B 188 6.46 -11.44 14.90
N GLU B 189 6.51 -10.91 13.69
CA GLU B 189 6.19 -9.50 13.41
C GLU B 189 4.83 -9.13 14.04
N VAL B 190 3.87 -10.04 13.98
CA VAL B 190 2.52 -9.64 14.49
C VAL B 190 2.22 -10.31 15.83
N ALA B 191 2.88 -11.42 16.16
CA ALA B 191 2.67 -12.05 17.47
C ALA B 191 3.32 -11.19 18.55
N LYS B 192 4.22 -10.30 18.19
CA LYS B 192 4.99 -9.54 19.20
CA LYS B 192 4.99 -9.54 19.20
C LYS B 192 4.08 -8.53 19.90
N ASP B 193 2.93 -8.23 19.33
CA ASP B 193 1.95 -7.29 19.94
CA ASP B 193 1.95 -7.29 19.94
C ASP B 193 0.60 -8.00 20.13
N GLU B 194 0.59 -9.32 20.14
CA GLU B 194 -0.62 -10.13 20.31
C GLU B 194 -0.73 -10.64 21.74
N TYR B 195 -1.80 -10.25 22.42
CA TYR B 195 -2.07 -10.68 23.79
C TYR B 195 -3.35 -11.46 23.83
N ASP B 196 -3.61 -12.09 24.99
CA ASP B 196 -4.95 -12.67 25.25
C ASP B 196 -5.76 -11.68 26.08
N LEU B 197 -7.06 -11.72 25.92
CA LEU B 197 -7.95 -10.90 26.78
C LEU B 197 -8.09 -11.51 28.16
N GLU B 198 -7.94 -12.81 28.28
CA GLU B 198 -7.93 -13.51 29.59
C GLU B 198 -6.91 -12.78 30.47
N GLY B 199 -7.27 -12.56 31.73
CA GLY B 199 -6.30 -12.03 32.70
C GLY B 199 -6.11 -10.52 32.56
N LYS B 200 -6.79 -9.84 31.66
CA LYS B 200 -6.72 -8.38 31.53
C LYS B 200 -7.86 -7.74 32.32
N VAL B 201 -7.65 -6.50 32.75
CA VAL B 201 -8.70 -5.73 33.43
C VAL B 201 -9.40 -4.86 32.41
N VAL B 202 -10.73 -4.95 32.31
CA VAL B 202 -11.53 -4.12 31.40
C VAL B 202 -12.44 -3.20 32.19
N GLY B 203 -12.47 -1.94 31.84
CA GLY B 203 -13.34 -0.95 32.48
C GLY B 203 -14.30 -0.37 31.45
N THR B 204 -15.51 -0.11 31.83
CA THR B 204 -16.51 0.62 31.01
C THR B 204 -16.84 1.96 31.64
N VAL B 205 -16.76 3.02 30.86
CA VAL B 205 -17.31 4.35 31.21
C VAL B 205 -18.78 4.39 30.82
N GLY B 206 -19.66 4.20 31.81
CA GLY B 206 -21.09 3.98 31.55
C GLY B 206 -21.43 2.52 31.69
N VAL B 207 -22.49 2.23 32.45
CA VAL B 207 -22.97 0.83 32.65
C VAL B 207 -24.48 0.84 32.43
N GLY B 208 -24.89 1.57 31.45
CA GLY B 208 -26.29 1.55 30.99
C GLY B 208 -26.54 0.39 30.07
N ARG B 209 -27.43 0.55 29.12
CA ARG B 209 -27.91 -0.61 28.34
C ARG B 209 -26.70 -1.20 27.58
N ILE B 210 -25.86 -0.39 26.96
CA ILE B 210 -24.71 -0.95 26.21
C ILE B 210 -23.64 -1.40 27.18
N GLY B 211 -23.22 -0.55 28.09
CA GLY B 211 -22.08 -0.95 28.97
C GLY B 211 -22.39 -2.24 29.74
N GLU B 212 -23.59 -2.39 30.26
CA GLU B 212 -23.94 -3.61 30.98
C GLU B 212 -23.84 -4.80 30.01
N ARG B 213 -24.31 -4.66 28.80
CA ARG B 213 -24.28 -5.78 27.81
C ARG B 213 -22.85 -6.08 27.39
N VAL B 214 -21.97 -5.09 27.38
CA VAL B 214 -20.53 -5.35 27.12
C VAL B 214 -19.97 -6.23 28.24
N LEU B 215 -20.26 -5.87 29.49
CA LEU B 215 -19.72 -6.70 30.62
C LEU B 215 -20.34 -8.12 30.56
N ARG B 216 -21.62 -8.25 30.18
CA ARG B 216 -22.25 -9.58 30.08
C ARG B 216 -21.58 -10.43 29.03
N ARG B 217 -21.09 -9.82 27.96
CA ARG B 217 -20.40 -10.59 26.92
C ARG B 217 -18.95 -10.86 27.32
N LEU B 218 -18.33 -9.97 28.10
CA LEU B 218 -16.94 -10.22 28.53
C LEU B 218 -16.86 -11.31 29.60
N LYS B 219 -17.93 -11.57 30.32
CA LYS B 219 -17.92 -12.51 31.45
C LYS B 219 -17.24 -13.82 31.10
N GLY B 220 -17.53 -14.40 29.95
CA GLY B 220 -17.02 -15.72 29.56
C GLY B 220 -15.51 -15.73 29.27
N PHE B 221 -14.92 -14.56 29.10
CA PHE B 221 -13.50 -14.43 28.74
C PHE B 221 -12.52 -14.47 29.93
N ASP B 222 -13.01 -14.57 31.16
CA ASP B 222 -12.10 -14.70 32.33
C ASP B 222 -11.08 -13.56 32.35
N CYS B 223 -11.57 -12.36 32.13
CA CYS B 223 -10.81 -11.13 32.44
C CYS B 223 -10.41 -11.18 33.91
N LYS B 224 -9.30 -10.56 34.29
CA LYS B 224 -8.89 -10.47 35.70
C LYS B 224 -9.97 -9.75 36.49
N GLU B 225 -10.51 -8.65 35.97
CA GLU B 225 -11.60 -7.93 36.64
C GLU B 225 -12.37 -7.19 35.56
N LEU B 226 -13.65 -6.97 35.81
CA LEU B 226 -14.54 -6.10 35.04
C LEU B 226 -14.93 -4.95 35.96
N LEU B 227 -14.65 -3.75 35.51
CA LEU B 227 -14.89 -2.50 36.26
C LEU B 227 -15.85 -1.60 35.53
N TYR B 228 -16.49 -0.71 36.28
CA TYR B 228 -17.32 0.34 35.67
C TYR B 228 -17.27 1.59 36.47
N TYR B 229 -17.57 2.65 35.74
CA TYR B 229 -17.69 4.01 36.30
C TYR B 229 -18.99 4.58 35.75
N ASP B 230 -19.90 4.90 36.65
CA ASP B 230 -21.21 5.48 36.25
C ASP B 230 -21.81 6.04 37.52
N TYR B 231 -22.42 7.22 37.43
CA TYR B 231 -23.17 7.80 38.57
C TYR B 231 -24.52 7.10 38.74
N GLN B 232 -24.98 6.31 37.78
CA GLN B 232 -26.14 5.41 37.90
C GLN B 232 -25.64 3.99 38.00
N PRO B 233 -25.49 3.43 39.22
CA PRO B 233 -24.80 2.15 39.36
C PRO B 233 -25.69 0.97 38.98
N LEU B 234 -25.08 -0.19 38.80
CA LEU B 234 -25.84 -1.45 38.76
C LEU B 234 -26.34 -1.77 40.16
N SER B 235 -27.39 -2.58 40.25
CA SER B 235 -27.83 -3.16 41.53
C SER B 235 -26.75 -4.09 42.03
N PRO B 236 -26.63 -4.30 43.36
CA PRO B 236 -25.70 -5.29 43.88
C PRO B 236 -25.94 -6.69 43.28
N GLU B 237 -27.21 -7.04 43.02
CA GLU B 237 -27.58 -8.34 42.42
CA GLU B 237 -27.59 -8.34 42.42
C GLU B 237 -26.92 -8.47 41.05
N LYS B 238 -27.01 -7.43 40.23
CA LYS B 238 -26.45 -7.47 38.86
CA LYS B 238 -26.44 -7.47 38.86
C LYS B 238 -24.91 -7.44 38.95
N GLU B 239 -24.35 -6.71 39.89
CA GLU B 239 -22.89 -6.70 40.02
C GLU B 239 -22.39 -8.12 40.28
N LYS B 240 -23.05 -8.84 41.20
CA LYS B 240 -22.62 -10.21 41.49
C LYS B 240 -22.93 -11.19 40.36
N GLU B 241 -24.04 -11.01 39.67
CA GLU B 241 -24.38 -11.91 38.54
C GLU B 241 -23.32 -11.80 37.45
N ILE B 242 -23.03 -10.58 37.02
CA ILE B 242 -22.07 -10.34 35.92
C ILE B 242 -20.65 -10.58 36.45
N GLY B 243 -20.35 -10.17 37.70
CA GLY B 243 -19.03 -10.30 38.32
C GLY B 243 -18.22 -9.08 37.98
N CYS B 244 -18.69 -7.91 38.40
CA CYS B 244 -18.03 -6.63 38.12
C CYS B 244 -18.03 -5.74 39.37
N ARG B 245 -17.25 -4.70 39.36
CA ARG B 245 -17.00 -3.84 40.54
C ARG B 245 -17.07 -2.38 40.13
N ARG B 246 -17.84 -1.58 40.85
CA ARG B 246 -17.95 -0.15 40.62
C ARG B 246 -16.71 0.54 41.17
N VAL B 247 -16.10 1.41 40.36
CA VAL B 247 -15.01 2.30 40.79
C VAL B 247 -15.56 3.71 40.90
N GLU B 248 -15.35 4.35 42.05
CA GLU B 248 -16.04 5.64 42.32
CA GLU B 248 -15.99 5.64 42.38
C GLU B 248 -15.40 6.79 41.54
N ASN B 249 -14.12 6.69 41.19
CA ASN B 249 -13.39 7.83 40.56
C ASN B 249 -12.95 7.35 39.18
N LEU B 250 -13.17 8.17 38.16
CA LEU B 250 -12.85 7.75 36.77
C LEU B 250 -11.34 7.55 36.62
N GLU B 251 -10.53 8.51 37.06
CA GLU B 251 -9.05 8.40 36.90
C GLU B 251 -8.54 7.15 37.62
N GLU B 252 -9.11 6.81 38.77
CA GLU B 252 -8.77 5.60 39.56
CA GLU B 252 -8.66 5.60 39.49
C GLU B 252 -9.05 4.36 38.71
N MET B 253 -10.21 4.34 38.06
CA MET B 253 -10.53 3.18 37.20
C MET B 253 -9.54 3.09 36.05
N LEU B 254 -9.26 4.19 35.36
CA LEU B 254 -8.43 4.14 34.15
C LEU B 254 -7.05 3.59 34.51
N ALA B 255 -6.51 3.96 35.67
CA ALA B 255 -5.16 3.55 36.08
C ALA B 255 -5.09 2.05 36.34
N GLN B 256 -6.23 1.38 36.52
CA GLN B 256 -6.25 -0.08 36.83
C GLN B 256 -6.50 -0.90 35.58
N CYS B 257 -6.97 -0.28 34.50
CA CYS B 257 -7.46 -1.06 33.35
C CYS B 257 -6.38 -1.33 32.30
N ASP B 258 -6.41 -2.49 31.68
CA ASP B 258 -5.68 -2.75 30.42
C ASP B 258 -6.53 -2.33 29.23
N VAL B 259 -7.85 -2.42 29.30
CA VAL B 259 -8.78 -2.05 28.23
C VAL B 259 -9.78 -1.07 28.82
N VAL B 260 -10.07 0.01 28.11
CA VAL B 260 -11.15 0.92 28.52
C VAL B 260 -12.14 1.01 27.34
N THR B 261 -13.42 0.96 27.61
CA THR B 261 -14.48 1.12 26.60
C THR B 261 -15.42 2.23 27.04
N ILE B 262 -15.67 3.17 26.16
CA ILE B 262 -16.55 4.33 26.43
C ILE B 262 -17.98 4.04 25.98
N ASN B 263 -18.91 4.06 26.94
CA ASN B 263 -20.32 3.68 26.64
C ASN B 263 -21.29 4.65 27.31
N CYS B 264 -20.98 5.91 27.30
CA CYS B 264 -21.87 6.94 27.88
C CYS B 264 -22.32 7.86 26.76
N PRO B 265 -23.42 8.62 26.99
CA PRO B 265 -23.83 9.58 25.98
C PRO B 265 -22.93 10.80 25.95
N LEU B 266 -23.04 11.53 24.84
CA LEU B 266 -22.40 12.84 24.65
C LEU B 266 -23.27 13.95 25.22
N HIS B 267 -22.71 14.63 26.22
CA HIS B 267 -23.36 15.80 26.86
C HIS B 267 -22.23 16.73 27.32
N GLU B 268 -22.58 17.87 27.91
CA GLU B 268 -21.59 18.94 28.21
CA GLU B 268 -21.61 18.94 28.22
C GLU B 268 -20.40 18.34 28.97
N SER B 269 -20.64 17.47 29.96
CA SER B 269 -19.58 16.97 30.86
C SER B 269 -18.79 15.81 30.23
N THR B 270 -19.22 15.22 29.12
CA THR B 270 -18.46 14.16 28.43
C THR B 270 -17.84 14.67 27.13
N ARG B 271 -18.12 15.87 26.69
CA ARG B 271 -17.50 16.41 25.44
C ARG B 271 -16.04 16.67 25.73
N GLY B 272 -15.17 16.01 24.99
CA GLY B 272 -13.72 16.20 25.20
C GLY B 272 -13.21 15.62 26.50
N LEU B 273 -13.96 14.70 27.12
CA LEU B 273 -13.59 14.08 28.39
C LEU B 273 -12.24 13.36 28.20
N PHE B 274 -12.11 12.58 27.14
CA PHE B 274 -10.86 11.80 26.87
C PHE B 274 -9.91 12.70 26.09
N ASN B 275 -9.27 13.56 26.87
CA ASN B 275 -8.23 14.51 26.40
C ASN B 275 -6.87 13.96 26.82
N LYS B 276 -5.81 14.66 26.46
CA LYS B 276 -4.44 14.19 26.74
CA LYS B 276 -4.44 14.20 26.75
C LYS B 276 -4.31 13.90 28.24
N ASP B 277 -4.84 14.76 29.11
CA ASP B 277 -4.64 14.58 30.58
CA ASP B 277 -4.64 14.59 30.58
C ASP B 277 -5.32 13.29 31.02
N LEU B 278 -6.54 13.04 30.56
CA LEU B 278 -7.23 11.82 31.05
C LEU B 278 -6.62 10.59 30.43
N ILE B 279 -6.26 10.65 29.16
CA ILE B 279 -5.65 9.47 28.47
C ILE B 279 -4.33 9.13 29.15
N SER B 280 -3.61 10.13 29.67
CA SER B 280 -2.33 9.91 30.38
CA SER B 280 -2.33 9.90 30.37
C SER B 280 -2.54 9.06 31.65
N LYS B 281 -3.75 8.98 32.20
CA LYS B 281 -4.02 8.14 33.40
C LYS B 281 -4.21 6.68 33.01
N MET B 282 -4.53 6.40 31.73
CA MET B 282 -4.55 5.01 31.25
C MET B 282 -3.15 4.42 31.32
N LYS B 283 -3.08 3.11 31.40
CA LYS B 283 -1.79 2.39 31.45
C LYS B 283 -1.07 2.57 30.12
N ARG B 284 0.26 2.59 30.14
CA ARG B 284 0.99 2.52 28.88
C ARG B 284 0.72 1.17 28.19
N GLY B 285 0.39 1.24 26.91
CA GLY B 285 0.13 0.02 26.13
C GLY B 285 -1.32 -0.46 26.25
N SER B 286 -2.18 0.37 26.80
CA SER B 286 -3.60 0.04 26.98
C SER B 286 -4.34 0.16 25.64
N TRP B 287 -5.54 -0.36 25.60
CA TRP B 287 -6.41 -0.35 24.41
C TRP B 287 -7.67 0.42 24.74
N LEU B 288 -8.06 1.35 23.88
CA LEU B 288 -9.21 2.23 24.07
C LEU B 288 -10.22 1.98 22.97
N VAL B 289 -11.46 1.72 23.34
CA VAL B 289 -12.57 1.49 22.39
C VAL B 289 -13.65 2.53 22.63
N ASN B 290 -14.17 3.08 21.53
CA ASN B 290 -15.18 4.15 21.61
C ASN B 290 -16.22 3.90 20.54
N THR B 291 -17.32 3.31 20.95
CA THR B 291 -18.53 3.17 20.13
C THR B 291 -19.61 4.10 20.66
N ALA B 292 -19.25 5.05 21.50
CA ALA B 292 -20.26 5.97 22.08
C ALA B 292 -20.47 7.16 21.13
N ARG B 293 -19.65 8.18 21.24
CA ARG B 293 -19.60 9.30 20.31
C ARG B 293 -18.17 9.77 20.14
N GLY B 294 -17.87 10.22 18.93
CA GLY B 294 -16.55 10.70 18.56
C GLY B 294 -16.11 11.85 19.42
N ALA B 295 -17.02 12.77 19.73
CA ALA B 295 -16.64 14.02 20.41
C ALA B 295 -16.33 13.78 21.88
N ILE B 296 -16.56 12.59 22.41
CA ILE B 296 -16.17 12.29 23.81
C ILE B 296 -14.64 12.23 23.91
N VAL B 297 -13.97 11.90 22.80
CA VAL B 297 -12.48 11.93 22.79
C VAL B 297 -12.02 13.20 22.07
N VAL B 298 -10.83 13.64 22.39
CA VAL B 298 -10.15 14.69 21.58
C VAL B 298 -9.26 13.96 20.56
N LYS B 299 -9.64 14.00 19.31
CA LYS B 299 -9.04 13.11 18.27
CA LYS B 299 -9.04 13.11 18.28
C LYS B 299 -7.51 13.32 18.20
N GLU B 300 -7.02 14.55 18.33
CA GLU B 300 -5.57 14.84 18.21
C GLU B 300 -4.82 14.18 19.39
N ASP B 301 -5.48 14.11 20.54
CA ASP B 301 -4.89 13.56 21.78
C ASP B 301 -4.86 12.02 21.68
N VAL B 302 -5.91 11.43 21.11
CA VAL B 302 -5.91 9.97 20.87
C VAL B 302 -4.80 9.66 19.88
N ALA B 303 -4.67 10.43 18.80
CA ALA B 303 -3.67 10.16 17.75
C ALA B 303 -2.27 10.26 18.36
N GLU B 304 -2.04 11.28 19.16
CA GLU B 304 -0.70 11.45 19.78
CA GLU B 304 -0.70 11.46 19.79
C GLU B 304 -0.41 10.29 20.73
N ALA B 305 -1.34 9.90 21.56
CA ALA B 305 -1.13 8.76 22.49
C ALA B 305 -0.81 7.46 21.75
N LEU B 306 -1.49 7.21 20.65
CA LEU B 306 -1.22 6.02 19.82
CA LEU B 306 -1.22 6.03 19.79
C LEU B 306 0.20 6.13 19.25
N ARG B 307 0.52 7.30 18.70
CA ARG B 307 1.74 7.46 17.90
C ARG B 307 2.93 7.27 18.82
N THR B 308 2.85 7.66 20.10
CA THR B 308 3.99 7.53 21.07
C THR B 308 4.01 6.17 21.78
N GLY B 309 3.02 5.33 21.53
CA GLY B 309 2.94 4.02 22.18
C GLY B 309 2.29 4.10 23.54
N HIS B 310 1.72 5.21 23.95
CA HIS B 310 0.99 5.19 25.23
C HIS B 310 -0.28 4.35 25.07
N LEU B 311 -1.00 4.52 23.97
CA LEU B 311 -2.05 3.55 23.57
C LEU B 311 -1.40 2.51 22.66
N ARG B 312 -1.68 1.24 22.89
CA ARG B 312 -1.42 0.18 21.90
C ARG B 312 -2.52 0.22 20.82
N GLY B 313 -3.73 0.69 21.08
CA GLY B 313 -4.79 0.63 20.07
C GLY B 313 -5.90 1.58 20.38
N TYR B 314 -6.63 1.97 19.35
CA TYR B 314 -7.88 2.70 19.43
C TYR B 314 -8.79 2.10 18.38
N GLY B 315 -10.06 1.95 18.70
CA GLY B 315 -11.00 1.50 17.68
C GLY B 315 -12.40 1.86 18.06
N GLY B 316 -13.31 1.60 17.15
CA GLY B 316 -14.71 1.96 17.32
C GLY B 316 -15.28 2.41 15.99
N ASP B 317 -16.43 3.04 16.04
CA ASP B 317 -17.18 3.34 14.83
C ASP B 317 -17.64 4.79 14.79
N VAL B 318 -17.35 5.61 15.79
CA VAL B 318 -17.99 6.93 15.89
C VAL B 318 -16.94 8.04 15.73
N TRP B 319 -17.37 9.16 15.17
CA TRP B 319 -16.49 10.25 14.70
C TRP B 319 -17.21 11.56 14.94
N PHE B 320 -16.44 12.64 15.03
CA PHE B 320 -17.08 13.98 14.99
C PHE B 320 -16.33 14.86 13.99
N PRO B 321 -17.04 15.51 13.04
CA PRO B 321 -18.46 15.27 12.75
C PRO B 321 -18.63 14.02 11.91
N GLN B 322 -19.88 13.74 11.49
CA GLN B 322 -20.19 12.65 10.57
C GLN B 322 -21.03 13.19 9.42
N PRO B 323 -20.72 12.84 8.16
CA PRO B 323 -19.60 11.97 7.78
C PRO B 323 -18.23 12.44 8.26
N ALA B 324 -17.36 11.52 8.60
CA ALA B 324 -15.96 11.85 9.00
C ALA B 324 -15.27 12.46 7.78
N PRO B 325 -14.63 13.64 7.94
CA PRO B 325 -13.85 14.18 6.83
C PRO B 325 -12.81 13.18 6.35
N ALA B 326 -12.48 13.26 5.07
CA ALA B 326 -11.61 12.28 4.38
C ALA B 326 -10.22 12.29 5.03
N ASP B 327 -9.81 13.44 5.60
CA ASP B 327 -8.47 13.58 6.25
C ASP B 327 -8.49 13.43 7.76
N HIS B 328 -9.59 12.93 8.33
CA HIS B 328 -9.71 12.79 9.80
C HIS B 328 -8.52 11.96 10.30
N VAL B 329 -7.83 12.43 11.31
CA VAL B 329 -6.57 11.81 11.76
C VAL B 329 -6.78 10.35 12.21
N LEU B 330 -7.94 10.00 12.75
CA LEU B 330 -8.15 8.63 13.27
C LEU B 330 -8.45 7.65 12.16
N ARG B 331 -8.49 8.07 10.90
CA ARG B 331 -8.61 7.10 9.78
C ARG B 331 -7.29 6.36 9.62
N THR B 332 -6.18 6.98 9.95
CA THR B 332 -4.86 6.48 9.53
C THR B 332 -3.82 6.46 10.66
N ALA B 333 -4.13 7.02 11.83
CA ALA B 333 -3.15 7.01 12.94
C ALA B 333 -2.85 5.58 13.35
N LYS B 334 -1.59 5.28 13.65
CA LYS B 334 -1.14 3.95 14.08
C LYS B 334 -0.21 4.03 15.29
N ASN B 335 -0.12 2.91 16.00
CA ASN B 335 0.91 2.74 17.06
C ASN B 335 2.28 2.65 16.39
N PRO B 336 3.36 2.66 17.19
CA PRO B 336 4.69 2.64 16.60
C PRO B 336 5.06 1.37 15.83
N PHE B 337 4.28 0.30 15.96
CA PHE B 337 4.50 -0.98 15.23
CA PHE B 337 4.50 -0.99 15.23
C PHE B 337 3.66 -1.03 13.94
N GLY B 338 2.91 0.00 13.63
CA GLY B 338 2.07 0.08 12.41
C GLY B 338 0.73 -0.62 12.55
N GLY B 339 0.30 -0.87 13.79
CA GLY B 339 -1.02 -1.44 14.05
C GLY B 339 -1.84 -0.50 14.91
N GLY B 340 -2.77 -1.06 15.67
CA GLY B 340 -3.50 -0.31 16.70
C GLY B 340 -4.63 0.54 16.19
N ASN B 341 -5.11 0.34 14.95
CA ASN B 341 -6.26 1.12 14.46
C ASN B 341 -7.35 0.14 14.04
N ALA B 342 -8.45 0.19 14.77
CA ALA B 342 -9.61 -0.65 14.40
C ALA B 342 -10.83 0.22 14.17
N MET B 343 -10.67 1.31 13.45
CA MET B 343 -11.81 2.23 13.16
C MET B 343 -12.64 1.69 12.02
N VAL B 344 -13.92 1.95 12.05
CA VAL B 344 -14.87 1.65 10.96
C VAL B 344 -15.77 2.86 10.84
N PRO B 345 -16.56 2.95 9.76
CA PRO B 345 -17.58 3.98 9.67
C PRO B 345 -18.62 3.76 10.76
N HIS B 346 -19.51 4.71 10.95
CA HIS B 346 -20.53 4.64 12.01
C HIS B 346 -21.57 3.63 11.57
N MET B 347 -21.41 2.39 12.02
CA MET B 347 -22.22 1.28 11.45
C MET B 347 -22.76 0.32 12.53
N SER B 348 -22.19 0.28 13.73
CA SER B 348 -22.53 -0.84 14.63
C SER B 348 -24.04 -0.83 14.92
N GLY B 349 -24.62 0.33 15.20
CA GLY B 349 -26.04 0.49 15.50
C GLY B 349 -26.95 0.35 14.30
N THR B 350 -26.39 0.16 13.11
CA THR B 350 -27.22 0.09 11.86
C THR B 350 -26.92 -1.24 11.16
N SER B 351 -26.59 -2.27 11.93
CA SER B 351 -26.62 -3.64 11.40
C SER B 351 -28.01 -3.93 10.86
N LEU B 352 -28.13 -4.89 9.96
CA LEU B 352 -29.45 -5.19 9.38
C LEU B 352 -30.39 -5.65 10.49
N ASP B 353 -29.93 -6.37 11.49
CA ASP B 353 -30.80 -6.80 12.62
C ASP B 353 -31.24 -5.57 13.40
N ALA B 354 -30.34 -4.63 13.68
CA ALA B 354 -30.71 -3.40 14.41
C ALA B 354 -31.74 -2.59 13.63
N GLN B 355 -31.52 -2.41 12.33
CA GLN B 355 -32.40 -1.50 11.54
C GLN B 355 -33.85 -1.97 11.63
N LYS B 356 -34.10 -3.28 11.60
CA LYS B 356 -35.51 -3.77 11.73
CA LYS B 356 -35.50 -3.79 11.73
C LYS B 356 -36.11 -3.24 13.03
N ARG B 357 -35.36 -3.26 14.13
CA ARG B 357 -35.89 -2.86 15.44
C ARG B 357 -36.01 -1.34 15.51
N TYR B 358 -35.05 -0.54 15.05
CA TYR B 358 -35.23 0.91 15.24
C TYR B 358 -36.24 1.44 14.22
N ALA B 359 -36.41 0.81 13.05
CA ALA B 359 -37.49 1.23 12.12
C ALA B 359 -38.85 1.03 12.80
N GLU B 360 -39.07 -0.12 13.41
CA GLU B 360 -40.34 -0.44 14.13
CA GLU B 360 -40.33 -0.43 14.13
C GLU B 360 -40.52 0.57 15.27
N GLY B 361 -39.45 0.87 16.01
CA GLY B 361 -39.54 1.80 17.14
C GLY B 361 -39.86 3.20 16.69
N VAL B 362 -39.31 3.67 15.57
CA VAL B 362 -39.65 5.03 15.07
C VAL B 362 -41.15 5.08 14.76
N LYS B 363 -41.67 4.02 14.13
CA LYS B 363 -43.13 3.96 13.82
C LYS B 363 -43.94 4.08 15.11
N ARG B 364 -43.56 3.37 16.15
CA ARG B 364 -44.24 3.37 17.47
C ARG B 364 -44.21 4.80 18.05
N ILE B 365 -43.07 5.47 18.03
CA ILE B 365 -42.96 6.84 18.57
C ILE B 365 -43.84 7.77 17.73
N LEU B 366 -43.77 7.66 16.40
CA LEU B 366 -44.59 8.50 15.50
C LEU B 366 -46.07 8.27 15.84
N ASP B 367 -46.47 7.03 16.07
CA ASP B 367 -47.90 6.70 16.32
C ASP B 367 -48.34 7.37 17.62
N SER B 368 -47.49 7.38 18.65
CA SER B 368 -47.77 8.06 19.95
C SER B 368 -48.10 9.53 19.70
N TYR B 369 -47.38 10.19 18.81
CA TYR B 369 -47.55 11.64 18.53
C TYR B 369 -48.80 11.83 17.65
N LEU B 370 -48.84 11.13 16.51
CA LEU B 370 -49.84 11.33 15.44
C LEU B 370 -51.24 10.97 15.93
N SER B 371 -51.36 10.02 16.85
CA SER B 371 -52.62 9.57 17.46
C SER B 371 -53.22 10.64 18.38
N GLY B 372 -52.43 11.64 18.79
CA GLY B 372 -52.78 12.64 19.82
C GLY B 372 -52.74 12.08 21.23
N ARG B 373 -52.30 10.83 21.42
CA ARG B 373 -52.23 10.20 22.77
C ARG B 373 -50.98 10.69 23.53
N PHE B 374 -49.89 10.98 22.82
CA PHE B 374 -48.58 11.36 23.41
C PHE B 374 -48.17 10.34 24.49
N ASP B 375 -48.44 9.06 24.25
CA ASP B 375 -48.23 7.95 25.21
C ASP B 375 -46.87 7.31 24.93
N TYR B 376 -45.82 8.13 24.91
CA TYR B 376 -44.43 7.67 24.68
C TYR B 376 -44.01 6.72 25.80
N ARG B 377 -43.18 5.74 25.47
CA ARG B 377 -42.39 5.00 26.50
CA ARG B 377 -42.39 5.00 26.50
C ARG B 377 -41.53 6.03 27.21
N PRO B 378 -41.59 6.16 28.54
CA PRO B 378 -40.78 7.17 29.23
C PRO B 378 -39.28 7.00 28.88
N GLU B 379 -38.82 5.75 28.72
CA GLU B 379 -37.38 5.50 28.46
C GLU B 379 -37.00 6.00 27.08
N ASP B 380 -37.96 6.28 26.17
CA ASP B 380 -37.59 6.81 24.84
C ASP B 380 -37.35 8.31 24.90
N LEU B 381 -37.73 9.00 25.98
CA LEU B 381 -37.73 10.47 25.97
C LEU B 381 -36.41 11.02 26.47
N ILE B 382 -35.86 11.99 25.75
CA ILE B 382 -34.60 12.67 26.12
C ILE B 382 -34.94 14.04 26.71
N VAL B 383 -35.68 14.86 25.94
CA VAL B 383 -36.30 16.09 26.51
C VAL B 383 -37.77 16.10 26.12
N HIS B 384 -38.57 16.72 26.97
CA HIS B 384 -40.04 16.69 26.81
C HIS B 384 -40.62 17.85 27.61
N GLN B 385 -41.53 18.62 27.02
CA GLN B 385 -42.28 19.66 27.78
C GLN B 385 -41.28 20.61 28.48
N GLY B 386 -40.18 20.97 27.82
CA GLY B 386 -39.22 21.99 28.26
C GLY B 386 -38.21 21.50 29.29
N LYS B 387 -38.18 20.21 29.61
CA LYS B 387 -37.25 19.65 30.62
CA LYS B 387 -37.26 19.64 30.62
C LYS B 387 -36.56 18.39 30.08
N TYR B 388 -35.34 18.17 30.54
CA TYR B 388 -34.71 16.83 30.38
C TYR B 388 -35.60 15.78 31.02
N ALA B 389 -35.76 14.65 30.33
CA ALA B 389 -36.62 13.53 30.72
C ALA B 389 -35.78 12.28 30.99
N THR B 390 -34.47 12.45 31.11
CA THR B 390 -33.52 11.34 31.34
C THR B 390 -32.47 11.79 32.36
N ARG B 391 -31.95 10.79 33.07
CA ARG B 391 -30.84 10.99 34.02
CA ARG B 391 -30.84 11.01 34.02
C ARG B 391 -29.50 10.72 33.33
N ALA B 392 -29.52 10.26 32.09
CA ALA B 392 -28.30 9.71 31.43
C ALA B 392 -27.46 10.77 30.74
N TYR B 393 -27.95 12.02 30.61
CA TYR B 393 -27.24 13.11 29.89
C TYR B 393 -26.64 14.05 30.95
N GLY B 394 -25.99 13.46 31.94
CA GLY B 394 -25.40 14.22 33.06
C GLY B 394 -26.29 14.26 34.30
N GLN B 395 -25.66 14.50 35.45
CA GLN B 395 -26.37 14.61 36.75
C GLN B 395 -27.03 15.98 36.82
N ARG B 396 -28.36 16.01 36.74
CA ARG B 396 -29.11 17.28 36.67
C ARG B 396 -30.12 17.39 37.82
N GLU B 397 -30.34 18.64 38.23
CA GLU B 397 -31.60 19.12 38.87
C GLU B 397 -32.53 19.52 37.70
N ASP B 398 -33.83 19.56 37.92
CA ASP B 398 -34.84 19.93 36.89
C ASP B 398 -34.91 18.85 35.81
N VAL B 399 -34.75 17.57 36.22
CA VAL B 399 -35.11 16.40 35.36
C VAL B 399 -36.53 15.99 35.75
N LYS B 400 -37.42 15.87 34.76
CA LYS B 400 -38.83 15.42 34.94
C LYS B 400 -39.00 14.11 34.16
N ILE B 401 -38.87 12.98 34.87
CA ILE B 401 -39.15 11.61 34.36
C ILE B 401 -40.67 11.46 34.31
N PRO B 402 -41.30 11.25 33.13
CA PRO B 402 -42.73 11.00 33.05
C PRO B 402 -43.13 9.68 33.74
N GLY B 403 -44.33 9.63 34.33
CA GLY B 403 -44.91 8.43 34.96
C GLY B 403 -45.54 8.73 36.30
N ALA C 31 51.37 -20.69 -3.96
CA ALA C 31 52.38 -19.92 -4.76
C ALA C 31 51.65 -19.03 -5.77
N ARG C 32 51.93 -17.73 -5.74
CA ARG C 32 51.37 -16.72 -6.68
C ARG C 32 51.94 -16.97 -8.08
N LEU C 33 51.17 -16.70 -9.13
CA LEU C 33 51.66 -16.72 -10.53
C LEU C 33 52.64 -15.55 -10.69
N GLN C 34 53.59 -15.66 -11.61
CA GLN C 34 54.71 -14.70 -11.76
C GLN C 34 54.73 -14.10 -13.16
N MET C 35 55.07 -12.81 -13.25
CA MET C 35 55.37 -12.07 -14.49
C MET C 35 54.27 -12.33 -15.54
N VAL C 36 53.02 -12.13 -15.13
CA VAL C 36 51.82 -12.36 -16.00
C VAL C 36 51.62 -11.13 -16.91
N LYS C 37 51.47 -11.36 -18.21
CA LYS C 37 51.15 -10.28 -19.18
CA LYS C 37 51.14 -10.28 -19.18
C LYS C 37 49.63 -10.05 -19.17
N VAL C 38 49.23 -8.85 -18.75
CA VAL C 38 47.81 -8.40 -18.76
C VAL C 38 47.64 -7.41 -19.90
N LEU C 39 46.62 -7.64 -20.73
CA LEU C 39 46.22 -6.72 -21.81
C LEU C 39 44.84 -6.19 -21.46
N ALA C 40 44.68 -4.86 -21.44
CA ALA C 40 43.38 -4.20 -21.21
C ALA C 40 42.99 -3.45 -22.47
N VAL C 41 41.79 -3.73 -22.96
CA VAL C 41 41.15 -2.95 -24.05
C VAL C 41 40.06 -2.10 -23.42
N LEU C 42 40.31 -0.79 -23.39
CA LEU C 42 39.42 0.17 -22.70
C LEU C 42 39.13 1.32 -23.63
N TYR C 43 38.14 2.14 -23.31
CA TYR C 43 37.87 3.31 -24.16
C TYR C 43 38.88 4.41 -23.86
N ASP C 44 39.14 5.20 -24.89
CA ASP C 44 39.98 6.41 -24.85
C ASP C 44 39.20 7.53 -24.15
N GLY C 45 39.72 7.98 -23.01
CA GLY C 45 39.13 9.11 -22.25
C GLY C 45 39.66 10.46 -22.67
N GLY C 46 40.64 10.51 -23.57
CA GLY C 46 41.28 11.78 -23.98
C GLY C 46 41.52 12.70 -22.78
N GLU C 47 41.19 13.99 -22.92
CA GLU C 47 41.40 15.01 -21.86
C GLU C 47 40.38 14.76 -20.74
N HIS C 48 39.22 14.16 -21.07
CA HIS C 48 38.13 13.91 -20.09
C HIS C 48 38.67 13.08 -18.93
N ALA C 49 39.46 12.05 -19.21
CA ALA C 49 39.96 11.05 -18.23
C ALA C 49 41.05 11.68 -17.35
N LYS C 50 41.69 12.74 -17.82
CA LYS C 50 42.69 13.50 -17.02
C LYS C 50 41.95 14.45 -16.07
N GLN C 51 40.86 15.06 -16.56
CA GLN C 51 40.04 16.09 -15.86
CA GLN C 51 40.02 16.09 -15.88
C GLN C 51 39.09 15.43 -14.84
N VAL C 52 38.63 14.21 -15.13
CA VAL C 52 37.68 13.45 -14.25
C VAL C 52 38.33 12.13 -13.93
N PRO C 53 39.13 12.03 -12.84
CA PRO C 53 39.79 10.78 -12.47
C PRO C 53 38.82 9.63 -12.21
N GLY C 54 37.54 9.94 -11.94
CA GLY C 54 36.46 8.95 -11.76
C GLY C 54 36.23 8.10 -13.02
N LEU C 55 36.71 8.55 -14.18
CA LEU C 55 36.73 7.73 -15.42
C LEU C 55 37.83 6.68 -15.29
N LEU C 56 37.61 5.70 -14.44
CA LEU C 56 38.58 4.60 -14.18
C LEU C 56 38.72 3.69 -15.38
N GLY C 57 37.64 3.44 -16.12
CA GLY C 57 37.59 2.40 -17.18
C GLY C 57 38.14 2.88 -18.51
N THR C 58 39.20 3.69 -18.47
CA THR C 58 39.79 4.35 -19.66
C THR C 58 41.24 3.94 -19.83
N THR C 59 41.81 4.19 -21.00
CA THR C 59 43.22 3.85 -21.27
C THR C 59 44.10 4.71 -20.36
N GLU C 60 43.63 5.88 -19.95
CA GLU C 60 44.38 6.84 -19.09
CA GLU C 60 44.38 6.84 -19.09
C GLU C 60 44.52 6.26 -17.67
N ASN C 61 43.42 5.77 -17.10
CA ASN C 61 43.36 5.43 -15.66
C ASN C 61 43.48 3.91 -15.44
N GLU C 62 43.20 3.09 -16.46
CA GLU C 62 43.54 1.64 -16.44
C GLU C 62 42.92 0.94 -15.23
N LEU C 63 41.70 1.31 -14.85
CA LEU C 63 40.94 0.68 -13.72
C LEU C 63 41.74 0.76 -12.41
N GLY C 64 42.67 1.70 -12.28
CA GLY C 64 43.55 1.82 -11.09
C GLY C 64 44.41 0.58 -10.86
N LEU C 65 44.76 -0.16 -11.91
CA LEU C 65 45.46 -1.47 -11.77
C LEU C 65 46.98 -1.35 -11.93
N ARG C 66 47.51 -0.32 -12.60
CA ARG C 66 48.90 -0.41 -13.14
C ARG C 66 49.90 -0.66 -12.01
N LYS C 67 49.95 0.20 -10.99
CA LYS C 67 50.92 0.08 -9.86
CA LYS C 67 50.93 0.08 -9.87
C LYS C 67 50.71 -1.26 -9.16
N TRP C 68 49.46 -1.63 -8.90
CA TRP C 68 49.11 -2.89 -8.19
C TRP C 68 49.67 -4.10 -8.94
N LEU C 69 49.60 -4.12 -10.27
CA LEU C 69 50.13 -5.24 -11.11
C LEU C 69 51.66 -5.18 -11.12
N GLU C 70 52.21 -3.99 -11.38
CA GLU C 70 53.67 -3.77 -11.58
C GLU C 70 54.41 -4.11 -10.28
N ASP C 71 53.84 -3.78 -9.12
CA ASP C 71 54.45 -4.06 -7.79
C ASP C 71 54.57 -5.58 -7.58
N GLN C 72 53.76 -6.39 -8.27
CA GLN C 72 53.78 -7.89 -8.17
C GLN C 72 54.73 -8.49 -9.22
N GLY C 73 55.26 -7.67 -10.13
CA GLY C 73 56.12 -8.07 -11.25
C GLY C 73 55.34 -8.42 -12.50
N HIS C 74 54.05 -8.10 -12.55
CA HIS C 74 53.21 -8.33 -13.76
C HIS C 74 53.42 -7.17 -14.72
N THR C 75 53.02 -7.36 -15.96
CA THR C 75 53.05 -6.27 -16.97
CA THR C 75 53.07 -6.33 -17.02
C THR C 75 51.62 -5.97 -17.41
N LEU C 76 51.38 -4.70 -17.74
CA LEU C 76 50.07 -4.25 -18.24
C LEU C 76 50.31 -3.46 -19.53
N VAL C 77 49.62 -3.87 -20.61
CA VAL C 77 49.52 -3.10 -21.87
C VAL C 77 48.06 -2.74 -22.02
N THR C 78 47.77 -1.48 -22.32
CA THR C 78 46.40 -0.93 -22.42
C THR C 78 46.24 -0.27 -23.77
N THR C 79 45.11 -0.51 -24.44
CA THR C 79 44.86 0.09 -25.77
C THR C 79 43.37 0.33 -25.97
N SER C 80 43.05 1.28 -26.82
CA SER C 80 41.69 1.48 -27.35
C SER C 80 41.64 1.07 -28.83
N ASP C 81 42.79 0.66 -29.41
CA ASP C 81 42.88 0.37 -30.85
C ASP C 81 42.55 -1.11 -31.07
N LYS C 82 41.31 -1.43 -31.46
CA LYS C 82 40.80 -2.82 -31.30
C LYS C 82 40.10 -3.37 -32.55
N ASP C 83 39.82 -2.56 -33.58
CA ASP C 83 38.91 -2.97 -34.68
C ASP C 83 39.67 -3.18 -36.01
N ARG C 84 40.65 -2.35 -36.35
CA ARG C 84 41.26 -2.33 -37.71
C ARG C 84 42.14 -3.58 -37.91
N GLU C 85 42.39 -3.93 -39.17
N GLU C 85 42.46 -3.95 -39.15
CA GLU C 85 43.39 -4.99 -39.49
CA GLU C 85 43.07 -5.29 -39.44
C GLU C 85 44.73 -4.49 -38.97
C GLU C 85 44.38 -5.50 -38.65
N GLY C 86 45.44 -5.35 -38.22
N GLY C 86 45.24 -4.49 -38.55
CA GLY C 86 46.72 -5.03 -37.57
CA GLY C 86 46.55 -4.60 -37.85
C GLY C 86 46.57 -4.04 -36.42
C GLY C 86 46.52 -3.93 -36.48
N SER C 87 45.41 -4.06 -35.75
CA SER C 87 45.18 -3.26 -34.52
C SER C 87 46.18 -3.68 -33.44
N THR C 88 46.47 -2.78 -32.50
CA THR C 88 47.28 -3.05 -31.30
C THR C 88 46.68 -4.24 -30.56
N PHE C 89 45.34 -4.32 -30.48
CA PHE C 89 44.68 -5.45 -29.78
C PHE C 89 45.13 -6.77 -30.44
N ASP C 90 45.02 -6.82 -31.76
CA ASP C 90 45.36 -8.03 -32.58
C ASP C 90 46.82 -8.45 -32.34
N ARG C 91 47.75 -7.50 -32.20
CA ARG C 91 49.19 -7.82 -31.95
CA ARG C 91 49.19 -7.82 -31.95
C ARG C 91 49.37 -8.34 -30.53
N GLU C 92 48.86 -7.62 -29.53
CA GLU C 92 49.11 -7.90 -28.10
C GLU C 92 48.34 -9.14 -27.63
N LEU C 93 47.21 -9.52 -28.26
CA LEU C 93 46.41 -10.66 -27.71
C LEU C 93 47.15 -11.98 -27.94
N GLU C 94 48.12 -12.01 -28.85
CA GLU C 94 48.81 -13.28 -29.23
C GLU C 94 49.61 -13.84 -28.04
N ASP C 95 50.06 -13.02 -27.08
CA ASP C 95 50.81 -13.55 -25.89
C ASP C 95 50.24 -13.02 -24.58
N ALA C 96 49.06 -12.37 -24.57
CA ALA C 96 48.44 -11.96 -23.29
C ALA C 96 47.94 -13.20 -22.53
N GLU C 97 48.25 -13.29 -21.24
CA GLU C 97 47.76 -14.39 -20.37
C GLU C 97 46.39 -14.02 -19.78
N ILE C 98 46.18 -12.73 -19.51
CA ILE C 98 44.87 -12.16 -19.05
C ILE C 98 44.50 -11.08 -20.05
N ILE C 99 43.25 -11.09 -20.52
CA ILE C 99 42.71 -10.00 -21.36
C ILE C 99 41.51 -9.41 -20.62
N ILE C 100 41.63 -8.13 -20.29
CA ILE C 100 40.51 -7.32 -19.73
C ILE C 100 39.87 -6.59 -20.90
N THR C 101 38.56 -6.79 -21.06
CA THR C 101 37.76 -6.04 -22.04
C THR C 101 36.69 -5.25 -21.26
N THR C 102 35.98 -4.40 -21.99
CA THR C 102 34.91 -3.61 -21.36
C THR C 102 33.81 -3.55 -22.40
N PRO C 103 32.54 -3.80 -22.05
CA PRO C 103 31.50 -3.87 -23.07
C PRO C 103 31.27 -2.55 -23.83
N PHE C 104 31.63 -1.43 -23.19
CA PHE C 104 31.38 -0.07 -23.71
C PHE C 104 32.29 0.16 -24.94
N HIS C 105 33.41 -0.59 -25.03
CA HIS C 105 34.40 -0.45 -26.14
C HIS C 105 35.00 -1.82 -26.34
N PRO C 106 34.21 -2.77 -26.85
CA PRO C 106 34.50 -4.18 -26.70
C PRO C 106 35.55 -4.71 -27.68
N GLY C 107 36.62 -5.25 -27.13
CA GLY C 107 37.56 -6.04 -27.93
C GLY C 107 36.94 -7.37 -28.27
N TYR C 108 36.42 -7.54 -29.47
CA TYR C 108 35.64 -8.76 -29.85
C TYR C 108 36.60 -9.93 -29.88
N LEU C 109 36.45 -10.88 -28.96
CA LEU C 109 37.31 -12.09 -28.95
C LEU C 109 36.60 -13.14 -29.81
N THR C 110 36.77 -12.99 -31.12
CA THR C 110 36.21 -13.88 -32.17
C THR C 110 36.94 -15.23 -32.09
N ALA C 111 36.40 -16.27 -32.70
CA ALA C 111 37.09 -17.58 -32.75
C ALA C 111 38.48 -17.42 -33.40
N GLU C 112 38.61 -16.56 -34.41
CA GLU C 112 39.87 -16.32 -35.16
C GLU C 112 40.91 -15.76 -34.18
N ARG C 113 40.50 -14.78 -33.37
CA ARG C 113 41.40 -14.11 -32.40
C ARG C 113 41.75 -15.08 -31.26
N LEU C 114 40.76 -15.84 -30.75
CA LEU C 114 41.02 -16.78 -29.63
C LEU C 114 42.03 -17.85 -30.09
N ALA C 115 41.98 -18.24 -31.36
CA ALA C 115 42.90 -19.26 -31.93
C ALA C 115 44.32 -18.70 -31.96
N ARG C 116 44.50 -17.38 -32.00
CA ARG C 116 45.83 -16.70 -32.01
C ARG C 116 46.28 -16.33 -30.59
N ALA C 117 45.38 -16.37 -29.60
CA ALA C 117 45.67 -15.99 -28.20
C ALA C 117 46.27 -17.20 -27.49
N LYS C 118 47.56 -17.47 -27.75
CA LYS C 118 48.24 -18.75 -27.40
CA LYS C 118 48.22 -18.76 -27.39
C LYS C 118 48.39 -18.87 -25.88
N LYS C 119 48.46 -17.75 -25.17
CA LYS C 119 48.79 -17.73 -23.71
CA LYS C 119 48.79 -17.73 -23.70
C LYS C 119 47.53 -17.43 -22.88
N LEU C 120 46.40 -17.14 -23.52
CA LEU C 120 45.22 -16.63 -22.78
C LEU C 120 44.66 -17.70 -21.84
N LYS C 121 44.46 -17.35 -20.57
CA LYS C 121 43.84 -18.24 -19.55
CA LYS C 121 43.84 -18.24 -19.55
C LYS C 121 42.59 -17.59 -18.93
N LEU C 122 42.56 -16.27 -18.87
CA LEU C 122 41.48 -15.52 -18.18
C LEU C 122 41.09 -14.31 -19.01
N ALA C 123 39.80 -14.24 -19.33
CA ALA C 123 39.17 -13.08 -19.99
C ALA C 123 38.23 -12.44 -18.98
N VAL C 124 38.55 -11.22 -18.56
CA VAL C 124 37.76 -10.50 -17.53
C VAL C 124 37.01 -9.38 -18.22
N THR C 125 35.68 -9.34 -18.04
CA THR C 125 34.83 -8.22 -18.51
C THR C 125 34.74 -7.17 -17.41
N ALA C 126 35.22 -5.97 -17.72
CA ALA C 126 35.07 -4.79 -16.84
C ALA C 126 33.65 -4.25 -17.09
N GLY C 127 32.73 -4.83 -16.33
CA GLY C 127 31.29 -4.65 -16.55
C GLY C 127 30.58 -5.98 -16.49
N ILE C 128 29.47 -6.09 -17.22
CA ILE C 128 28.55 -7.23 -17.22
C ILE C 128 28.11 -7.46 -18.66
N GLY C 129 28.19 -8.70 -19.10
CA GLY C 129 27.77 -9.15 -20.42
C GLY C 129 29.04 -9.48 -21.19
N SER C 130 29.25 -10.77 -21.39
CA SER C 130 30.53 -11.26 -21.96
C SER C 130 30.31 -11.78 -23.37
N ASP C 131 29.23 -11.37 -24.04
CA ASP C 131 28.87 -11.83 -25.39
C ASP C 131 29.79 -11.29 -26.48
N HIS C 132 30.69 -10.36 -26.18
CA HIS C 132 31.74 -9.91 -27.14
C HIS C 132 32.87 -10.94 -27.18
N VAL C 133 32.83 -11.93 -26.31
CA VAL C 133 33.68 -13.17 -26.38
C VAL C 133 32.84 -14.24 -27.08
N ASP C 134 33.44 -14.97 -28.03
CA ASP C 134 32.82 -16.19 -28.58
C ASP C 134 32.92 -17.26 -27.50
N LEU C 135 31.89 -17.44 -26.68
CA LEU C 135 31.95 -18.28 -25.47
C LEU C 135 32.10 -19.77 -25.85
N ASP C 136 31.47 -20.19 -26.93
CA ASP C 136 31.61 -21.59 -27.42
C ASP C 136 33.09 -21.79 -27.78
N ALA C 137 33.70 -20.87 -28.51
CA ALA C 137 35.14 -20.95 -28.88
C ALA C 137 35.98 -20.86 -27.61
N ALA C 138 35.63 -20.02 -26.64
CA ALA C 138 36.39 -19.88 -25.37
C ALA C 138 36.47 -21.23 -24.67
N ASN C 139 35.39 -22.00 -24.73
CA ASN C 139 35.30 -23.31 -24.03
C ASN C 139 36.26 -24.32 -24.69
N LYS C 140 36.69 -24.07 -25.93
CA LYS C 140 37.56 -25.00 -26.70
CA LYS C 140 37.56 -25.00 -26.70
C LYS C 140 38.98 -24.42 -26.83
N THR C 141 39.23 -23.27 -26.22
CA THR C 141 40.52 -22.55 -26.34
C THR C 141 41.42 -22.80 -25.12
N ASN C 142 42.62 -23.31 -25.34
CA ASN C 142 43.66 -23.45 -24.27
C ASN C 142 43.06 -24.19 -23.06
N GLY C 143 42.29 -25.25 -23.30
CA GLY C 143 41.72 -26.11 -22.26
C GLY C 143 40.37 -25.62 -21.74
N GLY C 144 39.89 -24.49 -22.28
CA GLY C 144 38.69 -23.82 -21.74
C GLY C 144 39.11 -22.65 -20.89
N ILE C 145 39.06 -21.44 -21.43
CA ILE C 145 39.52 -20.25 -20.66
C ILE C 145 38.42 -19.87 -19.68
N THR C 146 38.82 -19.17 -18.63
CA THR C 146 37.85 -18.62 -17.65
C THR C 146 37.39 -17.27 -18.19
N VAL C 147 36.07 -17.14 -18.37
CA VAL C 147 35.44 -15.85 -18.72
C VAL C 147 34.62 -15.42 -17.51
N ALA C 148 35.04 -14.31 -16.92
CA ALA C 148 34.48 -13.77 -15.68
C ALA C 148 34.06 -12.34 -15.92
N GLU C 149 33.00 -11.91 -15.23
CA GLU C 149 32.56 -10.50 -15.28
C GLU C 149 32.17 -10.08 -13.87
N VAL C 150 31.94 -8.78 -13.68
CA VAL C 150 31.65 -8.24 -12.33
C VAL C 150 30.13 -8.21 -12.14
N THR C 151 29.59 -9.35 -11.83
CA THR C 151 28.14 -9.57 -11.63
C THR C 151 27.65 -8.58 -10.58
N GLY C 152 26.51 -7.92 -10.86
CA GLY C 152 25.87 -6.99 -9.93
C GLY C 152 26.50 -5.60 -9.90
N SER C 153 27.61 -5.34 -10.55
CA SER C 153 28.37 -4.08 -10.37
C SER C 153 27.59 -2.87 -10.91
N ASN C 154 26.83 -3.03 -11.97
CA ASN C 154 26.15 -1.86 -12.58
C ASN C 154 24.69 -2.19 -12.87
N VAL C 155 24.11 -3.17 -12.22
CA VAL C 155 22.72 -3.56 -12.48
C VAL C 155 21.77 -2.46 -11.99
N VAL C 156 22.12 -1.75 -10.93
CA VAL C 156 21.26 -0.62 -10.49
C VAL C 156 21.33 0.46 -11.55
N SER C 157 22.48 0.81 -12.00
CA SER C 157 22.73 1.86 -12.99
C SER C 157 21.83 1.62 -14.21
N VAL C 158 21.85 0.40 -14.69
CA VAL C 158 21.10 0.04 -15.90
C VAL C 158 19.62 0.12 -15.60
N ALA C 159 19.17 -0.43 -14.47
CA ALA C 159 17.72 -0.38 -14.14
C ALA C 159 17.22 1.05 -14.10
N GLU C 160 18.00 1.95 -13.51
CA GLU C 160 17.61 3.38 -13.50
C GLU C 160 17.51 3.89 -14.93
N HIS C 161 18.44 3.51 -15.78
CA HIS C 161 18.52 4.00 -17.15
C HIS C 161 17.31 3.49 -17.92
N VAL C 162 16.88 2.26 -17.64
CA VAL C 162 15.66 1.70 -18.28
C VAL C 162 14.49 2.59 -17.89
N VAL C 163 14.26 2.79 -16.61
CA VAL C 163 13.07 3.56 -16.19
C VAL C 163 13.13 4.98 -16.77
N MET C 164 14.29 5.63 -16.70
CA MET C 164 14.47 6.89 -17.39
C MET C 164 14.02 6.85 -18.84
N THR C 165 14.50 5.86 -19.57
CA THR C 165 14.27 5.77 -21.01
C THR C 165 12.79 5.50 -21.28
N ILE C 166 12.19 4.64 -20.44
CA ILE C 166 10.71 4.40 -20.58
C ILE C 166 9.99 5.75 -20.44
N LEU C 167 10.32 6.49 -19.40
CA LEU C 167 9.64 7.77 -19.16
C LEU C 167 9.90 8.77 -20.31
N VAL C 168 11.14 8.91 -20.72
CA VAL C 168 11.53 9.81 -21.84
C VAL C 168 10.65 9.49 -23.06
N LEU C 169 10.50 8.21 -23.37
CA LEU C 169 9.71 7.84 -24.57
C LEU C 169 8.22 8.10 -24.33
N VAL C 170 7.69 7.57 -23.23
CA VAL C 170 6.23 7.67 -22.97
C VAL C 170 5.79 9.13 -22.92
N ARG C 171 6.59 9.97 -22.30
CA ARG C 171 6.23 11.37 -22.06
C ARG C 171 6.73 12.26 -23.21
N ASN C 172 7.31 11.72 -24.26
CA ASN C 172 7.69 12.46 -25.49
C ASN C 172 8.67 13.60 -25.15
N PHE C 173 9.67 13.33 -24.32
CA PHE C 173 10.66 14.33 -23.86
C PHE C 173 11.52 14.84 -25.03
N VAL C 174 12.08 13.95 -25.84
CA VAL C 174 13.10 14.36 -26.81
C VAL C 174 12.64 15.46 -27.73
N PRO C 175 11.53 15.28 -28.49
CA PRO C 175 11.17 16.36 -29.40
C PRO C 175 10.73 17.59 -28.64
N ALA C 176 10.22 17.45 -27.42
CA ALA C 176 9.81 18.60 -26.60
C ALA C 176 11.06 19.40 -26.22
N HIS C 177 12.15 18.76 -25.83
CA HIS C 177 13.37 19.49 -25.45
C HIS C 177 13.93 20.16 -26.72
N GLU C 178 13.86 19.46 -27.85
CA GLU C 178 14.40 20.05 -29.12
C GLU C 178 13.61 21.30 -29.45
N GLN C 179 12.31 21.28 -29.29
CA GLN C 179 11.44 22.44 -29.58
C GLN C 179 11.94 23.63 -28.78
N ILE C 180 12.16 23.45 -27.50
CA ILE C 180 12.64 24.52 -26.60
C ILE C 180 13.99 25.07 -27.06
N GLU C 181 14.94 24.22 -27.35
CA GLU C 181 16.30 24.69 -27.65
C GLU C 181 16.30 25.42 -28.99
N ALA C 182 15.34 25.13 -29.89
CA ALA C 182 15.26 25.76 -31.21
C ALA C 182 14.55 27.11 -31.11
N GLY C 183 13.97 27.48 -29.98
CA GLY C 183 13.37 28.80 -29.76
C GLY C 183 11.90 28.77 -30.09
N ARG C 184 11.33 27.57 -30.22
CA ARG C 184 9.90 27.43 -30.61
CA ARG C 184 9.89 27.45 -30.60
C ARG C 184 9.01 27.22 -29.36
N TRP C 185 7.70 27.25 -29.55
CA TRP C 185 6.74 27.00 -28.45
C TRP C 185 5.45 26.52 -29.08
N ASP C 186 5.12 25.24 -28.85
CA ASP C 186 3.84 24.67 -29.34
C ASP C 186 3.49 23.50 -28.45
N VAL C 187 2.69 23.73 -27.44
CA VAL C 187 2.33 22.66 -26.47
C VAL C 187 1.68 21.51 -27.20
N ALA C 188 0.69 21.77 -28.04
CA ALA C 188 -0.08 20.69 -28.68
C ALA C 188 0.86 19.76 -29.47
N GLU C 189 1.81 20.34 -30.18
CA GLU C 189 2.71 19.59 -31.07
C GLU C 189 3.35 18.43 -30.30
N VAL C 190 3.70 18.67 -29.04
CA VAL C 190 4.39 17.58 -28.33
C VAL C 190 3.49 16.90 -27.31
N ALA C 191 2.45 17.55 -26.82
CA ALA C 191 1.51 16.89 -25.89
C ALA C 191 0.71 15.84 -26.65
N LYS C 192 0.63 15.93 -27.96
CA LYS C 192 -0.25 15.01 -28.74
CA LYS C 192 -0.26 15.01 -28.74
C LYS C 192 0.28 13.58 -28.68
N ASP C 193 1.55 13.38 -28.31
CA ASP C 193 2.14 12.03 -28.18
CA ASP C 193 2.16 12.03 -28.18
C ASP C 193 2.70 11.83 -26.76
N GLU C 194 2.21 12.60 -25.80
CA GLU C 194 2.64 12.54 -24.40
C GLU C 194 1.61 11.75 -23.58
N TYR C 195 2.04 10.65 -23.00
CA TYR C 195 1.20 9.81 -22.14
C TYR C 195 1.77 9.81 -20.75
N ASP C 196 0.99 9.28 -19.80
CA ASP C 196 1.51 8.92 -18.47
C ASP C 196 1.88 7.43 -18.44
N LEU C 197 2.85 7.09 -17.64
CA LEU C 197 3.20 5.66 -17.40
C LEU C 197 2.20 4.99 -16.48
N GLU C 198 1.54 5.74 -15.61
CA GLU C 198 0.44 5.21 -14.77
C GLU C 198 -0.56 4.53 -15.71
N GLY C 199 -1.06 3.38 -15.29
CA GLY C 199 -2.10 2.69 -16.07
C GLY C 199 -1.59 1.97 -17.30
N LYS C 200 -0.29 1.97 -17.58
CA LYS C 200 0.27 1.22 -18.72
C LYS C 200 0.75 -0.14 -18.25
N VAL C 201 0.78 -1.09 -19.17
CA VAL C 201 1.33 -2.42 -18.86
C VAL C 201 2.78 -2.48 -19.32
N VAL C 202 3.69 -2.81 -18.41
CA VAL C 202 5.13 -2.94 -18.73
C VAL C 202 5.56 -4.39 -18.61
N GLY C 203 6.24 -4.87 -19.59
CA GLY C 203 6.80 -6.24 -19.57
C GLY C 203 8.30 -6.22 -19.67
N THR C 204 8.99 -7.08 -18.95
CA THR C 204 10.44 -7.27 -19.08
C THR C 204 10.75 -8.64 -19.65
N VAL C 205 11.61 -8.68 -20.64
CA VAL C 205 12.26 -9.91 -21.15
C VAL C 205 13.52 -10.15 -20.32
N GLY C 206 13.43 -11.07 -19.36
CA GLY C 206 14.48 -11.30 -18.36
C GLY C 206 14.10 -10.62 -17.05
N VAL C 207 14.19 -11.38 -15.95
CA VAL C 207 13.89 -10.88 -14.60
C VAL C 207 15.06 -11.26 -13.70
N GLY C 208 16.26 -11.16 -14.23
CA GLY C 208 17.48 -11.30 -13.43
C GLY C 208 17.78 -10.04 -12.68
N ARG C 209 19.07 -9.79 -12.47
CA ARG C 209 19.47 -8.68 -11.57
C ARG C 209 18.93 -7.36 -12.12
N ILE C 210 19.02 -7.11 -13.41
CA ILE C 210 18.52 -5.83 -14.00
C ILE C 210 17.01 -5.88 -14.06
N GLY C 211 16.45 -6.89 -14.68
CA GLY C 211 14.99 -6.86 -14.88
C GLY C 211 14.24 -6.76 -13.56
N GLU C 212 14.63 -7.50 -12.54
CA GLU C 212 13.98 -7.41 -11.22
C GLU C 212 14.08 -5.97 -10.71
N ARG C 213 15.24 -5.35 -10.84
CA ARG C 213 15.46 -3.97 -10.32
C ARG C 213 14.66 -2.95 -11.15
N VAL C 214 14.40 -3.23 -12.42
CA VAL C 214 13.51 -2.37 -13.23
C VAL C 214 12.10 -2.46 -12.65
N LEU C 215 11.61 -3.67 -12.39
CA LEU C 215 10.23 -3.81 -11.84
C LEU C 215 10.17 -3.17 -10.43
N ARG C 216 11.22 -3.26 -9.63
CA ARG C 216 11.22 -2.65 -8.29
C ARG C 216 11.13 -1.16 -8.41
N ARG C 217 11.72 -0.56 -9.43
CA ARG C 217 11.65 0.90 -9.62
C ARG C 217 10.30 1.28 -10.23
N LEU C 218 9.72 0.42 -11.06
CA LEU C 218 8.39 0.76 -11.67
C LEU C 218 7.27 0.67 -10.65
N LYS C 219 7.43 -0.12 -9.61
CA LYS C 219 6.37 -0.37 -8.61
CA LYS C 219 6.36 -0.38 -8.62
C LYS C 219 5.67 0.92 -8.18
N GLY C 220 6.40 2.00 -7.90
CA GLY C 220 5.78 3.23 -7.36
C GLY C 220 5.00 4.03 -8.40
N PHE C 221 5.08 3.65 -9.67
CA PHE C 221 4.40 4.35 -10.78
C PHE C 221 2.98 3.86 -11.04
N ASP C 222 2.48 2.84 -10.32
CA ASP C 222 1.07 2.41 -10.51
C ASP C 222 0.80 2.12 -11.99
N CYS C 223 1.71 1.34 -12.59
CA CYS C 223 1.42 0.70 -13.89
C CYS C 223 0.20 -0.17 -13.69
N LYS C 224 -0.57 -0.40 -14.77
CA LYS C 224 -1.73 -1.30 -14.71
C LYS C 224 -1.24 -2.69 -14.31
N GLU C 225 -0.17 -3.19 -14.91
CA GLU C 225 0.42 -4.48 -14.54
C GLU C 225 1.87 -4.45 -14.89
N LEU C 226 2.69 -5.19 -14.15
CA LEU C 226 4.08 -5.48 -14.42
C LEU C 226 4.17 -6.95 -14.76
N LEU C 227 4.72 -7.24 -15.90
CA LEU C 227 4.85 -8.61 -16.44
C LEU C 227 6.31 -8.98 -16.65
N TYR C 228 6.62 -10.25 -16.67
CA TYR C 228 7.94 -10.73 -17.06
C TYR C 228 7.87 -12.04 -17.79
N TYR C 229 8.91 -12.27 -18.58
CA TYR C 229 9.14 -13.52 -19.32
C TYR C 229 10.58 -13.92 -19.05
N ASP C 230 10.76 -15.05 -18.41
CA ASP C 230 12.08 -15.61 -18.12
C ASP C 230 11.88 -17.08 -17.81
N TYR C 231 12.77 -17.93 -18.30
CA TYR C 231 12.77 -19.36 -17.92
C TYR C 231 13.34 -19.55 -16.51
N GLN C 232 13.95 -18.55 -15.89
CA GLN C 232 14.33 -18.53 -14.47
C GLN C 232 13.39 -17.58 -13.74
N PRO C 233 12.29 -18.08 -13.15
CA PRO C 233 11.29 -17.18 -12.58
C PRO C 233 11.69 -16.56 -11.25
N LEU C 234 10.98 -15.51 -10.86
CA LEU C 234 11.06 -15.01 -9.46
C LEU C 234 10.38 -16.00 -8.53
N SER C 235 10.71 -15.97 -7.26
CA SER C 235 9.97 -16.71 -6.22
C SER C 235 8.57 -16.13 -6.13
N PRO C 236 7.57 -16.91 -5.69
CA PRO C 236 6.24 -16.37 -5.46
C PRO C 236 6.25 -15.19 -4.47
N GLU C 237 7.16 -15.25 -3.48
CA GLU C 237 7.30 -14.20 -2.43
CA GLU C 237 7.31 -14.20 -2.44
C GLU C 237 7.69 -12.88 -3.14
N LYS C 238 8.68 -12.95 -4.03
CA LYS C 238 9.15 -11.75 -4.75
CA LYS C 238 9.16 -11.74 -4.74
C LYS C 238 8.09 -11.27 -5.73
N GLU C 239 7.36 -12.17 -6.37
CA GLU C 239 6.29 -11.75 -7.29
C GLU C 239 5.31 -10.90 -6.52
N LYS C 240 4.87 -11.34 -5.34
CA LYS C 240 3.90 -10.57 -4.55
CA LYS C 240 3.88 -10.58 -4.55
C LYS C 240 4.51 -9.30 -3.97
N GLU C 241 5.77 -9.33 -3.56
CA GLU C 241 6.40 -8.12 -2.97
C GLU C 241 6.48 -7.01 -4.01
N ILE C 242 6.97 -7.36 -5.21
CA ILE C 242 7.11 -6.37 -6.30
C ILE C 242 5.72 -6.06 -6.86
N GLY C 243 4.87 -7.07 -7.02
CA GLY C 243 3.55 -6.92 -7.64
C GLY C 243 3.62 -7.16 -9.14
N CYS C 244 4.10 -8.32 -9.55
CA CYS C 244 4.31 -8.64 -10.98
C CYS C 244 3.83 -10.06 -11.28
N ARG C 245 3.63 -10.37 -12.53
CA ARG C 245 3.04 -11.65 -12.99
C ARG C 245 3.91 -12.26 -14.08
N ARG C 246 4.28 -13.52 -13.96
CA ARG C 246 5.03 -14.24 -15.00
C ARG C 246 4.10 -14.60 -16.16
N VAL C 247 4.54 -14.33 -17.38
CA VAL C 247 3.84 -14.76 -18.60
C VAL C 247 4.67 -15.88 -19.24
N GLU C 248 4.00 -17.00 -19.55
CA GLU C 248 4.76 -18.22 -19.96
CA GLU C 248 4.65 -18.26 -20.00
C GLU C 248 5.24 -18.10 -21.40
N ASN C 249 4.58 -17.34 -22.25
CA ASN C 249 4.88 -17.27 -23.69
C ASN C 249 5.30 -15.83 -24.00
N LEU C 250 6.39 -15.66 -24.72
CA LEU C 250 6.91 -14.30 -25.00
C LEU C 250 5.93 -13.52 -25.87
N GLU C 251 5.44 -14.11 -26.96
CA GLU C 251 4.50 -13.40 -27.86
C GLU C 251 3.24 -12.99 -27.10
N GLU C 252 2.76 -13.82 -26.19
CA GLU C 252 1.57 -13.54 -25.32
CA GLU C 252 1.55 -13.46 -25.40
C GLU C 252 1.86 -12.31 -24.45
N MET C 253 3.07 -12.24 -23.89
CA MET C 253 3.41 -11.07 -23.08
C MET C 253 3.45 -9.84 -23.96
N LEU C 254 4.11 -9.89 -25.11
CA LEU C 254 4.30 -8.68 -25.94
C LEU C 254 2.94 -8.13 -26.33
N ALA C 255 1.96 -8.99 -26.61
CA ALA C 255 0.65 -8.54 -27.11
C ALA C 255 -0.16 -7.80 -26.02
N GLN C 256 0.25 -7.93 -24.77
CA GLN C 256 -0.44 -7.33 -23.62
C GLN C 256 0.23 -6.03 -23.18
N CYS C 257 1.44 -5.78 -23.64
CA CYS C 257 2.23 -4.69 -23.04
C CYS C 257 2.08 -3.39 -23.84
N ASP C 258 2.07 -2.27 -23.13
CA ASP C 258 2.30 -0.96 -23.75
C ASP C 258 3.79 -0.65 -23.85
N VAL C 259 4.58 -1.10 -22.90
CA VAL C 259 6.04 -0.87 -22.87
C VAL C 259 6.70 -2.25 -22.76
N VAL C 260 7.72 -2.50 -23.52
CA VAL C 260 8.56 -3.70 -23.36
C VAL C 260 10.01 -3.25 -23.12
N THR C 261 10.68 -3.85 -22.17
CA THR C 261 12.09 -3.62 -21.91
C THR C 261 12.85 -4.95 -22.00
N ILE C 262 13.93 -4.97 -22.72
CA ILE C 262 14.77 -6.16 -22.92
C ILE C 262 15.92 -6.16 -21.90
N ASN C 263 15.96 -7.20 -21.08
CA ASN C 263 16.96 -7.28 -19.99
C ASN C 263 17.56 -8.68 -19.88
N CYS C 264 17.79 -9.33 -20.97
CA CYS C 264 18.41 -10.66 -21.00
C CYS C 264 19.76 -10.55 -21.69
N PRO C 265 20.67 -11.53 -21.46
CA PRO C 265 21.95 -11.53 -22.13
C PRO C 265 21.80 -11.91 -23.60
N LEU C 266 22.88 -11.61 -24.33
CA LEU C 266 23.04 -11.99 -25.74
C LEU C 266 23.65 -13.38 -25.84
N HIS C 267 22.90 -14.30 -26.38
CA HIS C 267 23.32 -15.69 -26.65
C HIS C 267 22.61 -16.15 -27.91
N GLU C 268 22.89 -17.35 -28.38
CA GLU C 268 22.43 -17.83 -29.71
CA GLU C 268 22.43 -17.80 -29.71
C GLU C 268 20.91 -17.63 -29.86
N SER C 269 20.14 -17.94 -28.81
CA SER C 269 18.67 -17.91 -28.87
C SER C 269 18.09 -16.49 -28.71
N THR C 270 18.88 -15.50 -28.30
CA THR C 270 18.40 -14.09 -28.22
C THR C 270 18.99 -13.21 -29.32
N ARG C 271 19.94 -13.69 -30.11
CA ARG C 271 20.51 -12.89 -31.22
CA ARG C 271 20.51 -12.89 -31.22
C ARG C 271 19.42 -12.74 -32.28
N GLY C 272 19.05 -11.51 -32.57
CA GLY C 272 18.00 -11.23 -33.57
C GLY C 272 16.63 -11.66 -33.11
N LEU C 273 16.40 -11.85 -31.81
CA LEU C 273 15.10 -12.26 -31.26
C LEU C 273 14.05 -11.23 -31.66
N PHE C 274 14.35 -9.94 -31.48
CA PHE C 274 13.40 -8.86 -31.81
C PHE C 274 13.57 -8.50 -33.28
N ASN C 275 12.91 -9.33 -34.10
CA ASN C 275 12.90 -9.18 -35.57
C ASN C 275 11.51 -8.67 -35.97
N LYS C 276 11.28 -8.46 -37.25
CA LYS C 276 10.01 -7.88 -37.71
CA LYS C 276 10.01 -7.88 -37.71
C LYS C 276 8.85 -8.74 -37.19
N ASP C 277 8.96 -10.06 -37.24
CA ASP C 277 7.82 -10.93 -36.83
CA ASP C 277 7.84 -10.95 -36.83
C ASP C 277 7.52 -10.73 -35.34
N LEU C 278 8.54 -10.67 -34.49
CA LEU C 278 8.24 -10.58 -33.05
C LEU C 278 7.79 -9.17 -32.72
N ILE C 279 8.40 -8.16 -33.35
CA ILE C 279 7.99 -6.75 -33.05
C ILE C 279 6.54 -6.55 -33.48
N SER C 280 6.10 -7.28 -34.52
CA SER C 280 4.71 -7.17 -35.01
CA SER C 280 4.71 -7.16 -35.00
C SER C 280 3.73 -7.67 -33.94
N LYS C 281 4.14 -8.45 -32.96
CA LYS C 281 3.27 -8.93 -31.86
C LYS C 281 3.11 -7.85 -30.80
N MET C 282 4.00 -6.86 -30.74
CA MET C 282 3.80 -5.71 -29.84
C MET C 282 2.58 -4.92 -30.30
N LYS C 283 2.00 -4.19 -29.39
CA LYS C 283 0.87 -3.30 -29.68
C LYS C 283 1.30 -2.19 -30.62
N ARG C 284 0.38 -1.74 -31.47
CA ARG C 284 0.67 -0.53 -32.23
C ARG C 284 0.78 0.67 -31.27
N GLY C 285 1.87 1.43 -31.44
CA GLY C 285 2.11 2.61 -30.62
C GLY C 285 2.83 2.29 -29.32
N SER C 286 3.34 1.07 -29.20
CA SER C 286 4.10 0.65 -28.02
C SER C 286 5.50 1.27 -28.02
N TRP C 287 6.12 1.21 -26.88
CA TRP C 287 7.51 1.72 -26.62
C TRP C 287 8.43 0.56 -26.30
N LEU C 288 9.56 0.47 -26.96
CA LEU C 288 10.56 -0.57 -26.75
C LEU C 288 11.87 0.00 -26.21
N VAL C 289 12.35 -0.55 -25.15
CA VAL C 289 13.62 -0.14 -24.49
C VAL C 289 14.60 -1.31 -24.50
N ASN C 290 15.85 -1.02 -24.86
CA ASN C 290 16.89 -2.06 -24.97
C ASN C 290 18.18 -1.51 -24.40
N THR C 291 18.44 -1.87 -23.17
CA THR C 291 19.74 -1.61 -22.51
C THR C 291 20.49 -2.92 -22.37
N ALA C 292 20.05 -3.98 -23.03
CA ALA C 292 20.65 -5.32 -22.89
C ALA C 292 21.86 -5.42 -23.85
N ARG C 293 21.60 -5.84 -25.09
CA ARG C 293 22.59 -5.78 -26.18
C ARG C 293 21.89 -5.43 -27.47
N GLY C 294 22.63 -4.70 -28.32
CA GLY C 294 22.15 -4.26 -29.62
C GLY C 294 21.71 -5.42 -30.48
N ALA C 295 22.48 -6.50 -30.48
CA ALA C 295 22.24 -7.58 -31.45
C ALA C 295 20.98 -8.38 -31.10
N ILE C 296 20.38 -8.16 -29.93
CA ILE C 296 19.10 -8.83 -29.59
C ILE C 296 17.98 -8.31 -30.49
N VAL C 297 18.09 -7.09 -31.00
CA VAL C 297 17.09 -6.55 -31.98
C VAL C 297 17.72 -6.64 -33.37
N VAL C 298 16.85 -6.68 -34.37
CA VAL C 298 17.31 -6.48 -35.77
C VAL C 298 17.13 -5.01 -36.09
N LYS C 299 18.22 -4.25 -36.19
CA LYS C 299 18.12 -2.76 -36.24
CA LYS C 299 18.12 -2.77 -36.24
C LYS C 299 17.20 -2.31 -37.39
N GLU C 300 17.24 -2.92 -38.56
CA GLU C 300 16.44 -2.53 -39.74
CA GLU C 300 16.43 -2.40 -39.68
C GLU C 300 14.95 -2.70 -39.43
N ASP C 301 14.64 -3.73 -38.65
CA ASP C 301 13.24 -4.08 -38.30
C ASP C 301 12.73 -3.09 -37.25
N VAL C 302 13.59 -2.71 -36.29
CA VAL C 302 13.19 -1.66 -35.32
C VAL C 302 12.97 -0.37 -36.07
N ALA C 303 13.86 0.01 -37.00
CA ALA C 303 13.75 1.28 -37.73
C ALA C 303 12.43 1.30 -38.53
N GLU C 304 12.13 0.20 -39.18
CA GLU C 304 10.92 0.10 -39.99
CA GLU C 304 10.91 0.07 -40.01
C GLU C 304 9.67 0.21 -39.11
N ALA C 305 9.66 -0.48 -37.99
CA ALA C 305 8.50 -0.41 -37.06
C ALA C 305 8.26 1.01 -36.54
N LEU C 306 9.34 1.72 -36.22
CA LEU C 306 9.25 3.12 -35.77
CA LEU C 306 9.26 3.15 -35.80
C LEU C 306 8.69 3.96 -36.94
N ARG C 307 9.27 3.77 -38.12
CA ARG C 307 8.97 4.70 -39.23
C ARG C 307 7.52 4.57 -39.62
N THR C 308 6.90 3.40 -39.47
CA THR C 308 5.47 3.18 -39.86
C THR C 308 4.50 3.47 -38.71
N GLY C 309 5.03 3.84 -37.53
CA GLY C 309 4.17 4.13 -36.37
C GLY C 309 3.76 2.87 -35.63
N HIS C 310 4.32 1.71 -35.96
CA HIS C 310 3.98 0.52 -35.14
C HIS C 310 4.62 0.69 -33.76
N LEU C 311 5.89 1.09 -33.71
CA LEU C 311 6.48 1.55 -32.43
C LEU C 311 6.30 3.06 -32.37
N ARG C 312 5.84 3.56 -31.23
CA ARG C 312 5.93 5.00 -30.88
C ARG C 312 7.37 5.38 -30.48
N GLY C 313 8.19 4.48 -30.00
CA GLY C 313 9.52 4.87 -29.53
C GLY C 313 10.42 3.68 -29.41
N TYR C 314 11.72 3.91 -29.51
CA TYR C 314 12.79 2.98 -29.18
C TYR C 314 13.87 3.76 -28.46
N GLY C 315 14.51 3.16 -27.49
CA GLY C 315 15.58 3.85 -26.78
C GLY C 315 16.41 2.83 -26.08
N GLY C 316 17.50 3.33 -25.53
CA GLY C 316 18.48 2.50 -24.84
C GLY C 316 19.89 2.98 -25.17
N ASP C 317 20.86 2.17 -24.83
CA ASP C 317 22.27 2.58 -24.93
C ASP C 317 23.11 1.57 -25.68
N VAL C 318 22.58 0.47 -26.19
CA VAL C 318 23.44 -0.60 -26.71
C VAL C 318 23.23 -0.77 -28.21
N TRP C 319 24.31 -1.18 -28.89
CA TRP C 319 24.44 -1.16 -30.34
C TRP C 319 25.21 -2.38 -30.78
N PHE C 320 25.01 -2.76 -32.03
CA PHE C 320 25.96 -3.74 -32.62
C PHE C 320 26.38 -3.24 -34.00
N PRO C 321 27.69 -3.15 -34.28
CA PRO C 321 28.76 -3.34 -33.30
C PRO C 321 28.97 -2.04 -32.50
N GLN C 322 29.98 -2.03 -31.63
CA GLN C 322 30.38 -0.81 -30.88
C GLN C 322 31.88 -0.60 -31.02
N PRO C 323 32.34 0.63 -31.31
CA PRO C 323 31.51 1.82 -31.49
C PRO C 323 30.44 1.67 -32.58
N ALA C 324 29.28 2.28 -32.41
CA ALA C 324 28.24 2.25 -33.44
C ALA C 324 28.77 3.03 -34.64
N PRO C 325 28.68 2.48 -35.86
CA PRO C 325 29.06 3.23 -37.06
C PRO C 325 28.29 4.55 -37.13
N ALA C 326 28.90 5.55 -37.74
CA ALA C 326 28.36 6.92 -37.81
C ALA C 326 27.01 6.92 -38.54
N ASP C 327 26.76 5.98 -39.45
CA ASP C 327 25.52 5.87 -40.25
C ASP C 327 24.55 4.83 -39.69
N HIS C 328 24.77 4.33 -38.47
CA HIS C 328 23.87 3.31 -37.90
C HIS C 328 22.46 3.85 -37.92
N VAL C 329 21.51 3.07 -38.41
CA VAL C 329 20.14 3.57 -38.67
C VAL C 329 19.48 4.05 -37.37
N LEU C 330 19.79 3.45 -36.22
CA LEU C 330 19.08 3.81 -34.98
C LEU C 330 19.66 5.08 -34.35
N ARG C 331 20.61 5.74 -34.99
CA ARG C 331 21.03 7.08 -34.50
C ARG C 331 19.97 8.11 -34.86
N THR C 332 19.26 7.89 -35.94
CA THR C 332 18.44 8.96 -36.55
C THR C 332 17.00 8.53 -36.88
N ALA C 333 16.66 7.26 -36.75
CA ALA C 333 15.30 6.79 -37.07
C ALA C 333 14.30 7.45 -36.14
N LYS C 334 13.14 7.86 -36.65
CA LYS C 334 12.10 8.54 -35.88
C LYS C 334 10.73 7.94 -36.21
N ASN C 335 9.81 8.13 -35.26
CA ASN C 335 8.39 7.81 -35.53
C ASN C 335 7.81 8.85 -36.50
N PRO C 336 6.58 8.65 -37.00
CA PRO C 336 6.04 9.56 -37.99
C PRO C 336 5.83 11.01 -37.56
N PHE C 337 5.87 11.28 -36.25
CA PHE C 337 5.74 12.64 -35.66
CA PHE C 337 5.74 12.64 -35.66
C PHE C 337 7.11 13.28 -35.43
N GLY C 338 8.19 12.62 -35.76
CA GLY C 338 9.57 13.14 -35.60
C GLY C 338 10.10 12.98 -34.19
N GLY C 339 9.51 12.09 -33.39
CA GLY C 339 10.07 11.76 -32.06
C GLY C 339 10.45 10.29 -31.99
N GLY C 340 10.38 9.73 -30.80
CA GLY C 340 10.47 8.30 -30.58
C GLY C 340 11.87 7.74 -30.61
N ASN C 341 12.92 8.56 -30.51
CA ASN C 341 14.30 8.04 -30.46
C ASN C 341 14.97 8.55 -29.17
N ALA C 342 15.27 7.61 -28.30
CA ALA C 342 15.97 7.96 -27.04
C ALA C 342 17.29 7.18 -26.94
N MET C 343 18.01 7.08 -28.03
CA MET C 343 19.29 6.36 -28.05
C MET C 343 20.39 7.20 -27.42
N VAL C 344 21.31 6.56 -26.76
CA VAL C 344 22.54 7.18 -26.24
C VAL C 344 23.67 6.23 -26.59
N PRO C 345 24.94 6.68 -26.42
CA PRO C 345 26.06 5.76 -26.56
C PRO C 345 26.00 4.75 -25.42
N HIS C 346 26.81 3.69 -25.50
CA HIS C 346 26.80 2.64 -24.48
C HIS C 346 27.45 3.19 -23.21
N MET C 347 26.59 3.66 -22.29
CA MET C 347 27.10 4.44 -21.12
C MET C 347 26.41 4.04 -19.82
N SER C 348 25.26 3.38 -19.82
CA SER C 348 24.51 3.24 -18.53
C SER C 348 25.35 2.47 -17.50
N GLY C 349 25.99 1.40 -17.93
CA GLY C 349 26.82 0.56 -17.07
C GLY C 349 28.15 1.20 -16.70
N THR C 350 28.46 2.35 -17.25
CA THR C 350 29.78 3.00 -17.00
C THR C 350 29.56 4.39 -16.40
N SER C 351 28.44 4.60 -15.69
CA SER C 351 28.32 5.78 -14.82
C SER C 351 29.51 5.84 -13.87
N LEU C 352 29.80 7.00 -13.34
CA LEU C 352 30.95 7.14 -12.42
C LEU C 352 30.74 6.27 -11.19
N ASP C 353 29.54 6.12 -10.69
CA ASP C 353 29.24 5.24 -9.54
C ASP C 353 29.51 3.81 -9.94
N ALA C 354 29.08 3.36 -11.12
CA ALA C 354 29.31 1.98 -11.57
C ALA C 354 30.80 1.70 -11.72
N GLN C 355 31.54 2.62 -12.31
CA GLN C 355 32.96 2.36 -12.62
C GLN C 355 33.73 2.07 -11.33
N LYS C 356 33.44 2.76 -10.23
CA LYS C 356 34.14 2.47 -8.95
CA LYS C 356 34.12 2.47 -8.94
C LYS C 356 33.91 0.99 -8.58
N ARG C 357 32.70 0.48 -8.75
CA ARG C 357 32.36 -0.89 -8.35
C ARG C 357 32.97 -1.87 -9.35
N TYR C 358 32.90 -1.65 -10.68
CA TYR C 358 33.43 -2.72 -11.55
C TYR C 358 34.96 -2.66 -11.58
N ALA C 359 35.58 -1.50 -11.36
CA ALA C 359 37.07 -1.45 -11.22
C ALA C 359 37.49 -2.28 -10.02
N GLU C 360 36.84 -2.13 -8.87
CA GLU C 360 37.14 -2.93 -7.66
CA GLU C 360 37.15 -2.92 -7.66
C GLU C 360 36.93 -4.41 -7.96
N GLY C 361 35.84 -4.75 -8.65
CA GLY C 361 35.54 -6.14 -8.97
C GLY C 361 36.57 -6.74 -9.92
N VAL C 362 37.05 -6.00 -10.90
CA VAL C 362 38.09 -6.54 -11.81
C VAL C 362 39.35 -6.86 -10.97
N LYS C 363 39.71 -5.99 -10.04
CA LYS C 363 40.91 -6.22 -9.18
C LYS C 363 40.72 -7.52 -8.41
N ARG C 364 39.54 -7.73 -7.86
CA ARG C 364 39.20 -8.93 -7.05
CA ARG C 364 39.20 -8.93 -7.05
C ARG C 364 39.33 -10.18 -7.94
N ILE C 365 38.76 -10.16 -9.16
CA ILE C 365 38.87 -11.32 -10.07
C ILE C 365 40.34 -11.56 -10.42
N LEU C 366 41.08 -10.50 -10.78
CA LEU C 366 42.53 -10.63 -11.10
C LEU C 366 43.24 -11.25 -9.92
N ASP C 367 42.93 -10.82 -8.70
CA ASP C 367 43.64 -11.30 -7.49
C ASP C 367 43.36 -12.79 -7.32
N SER C 368 42.13 -13.26 -7.58
CA SER C 368 41.77 -14.69 -7.53
C SER C 368 42.69 -15.49 -8.45
N TYR C 369 43.00 -14.98 -9.63
CA TYR C 369 43.79 -15.71 -10.66
C TYR C 369 45.28 -15.63 -10.27
N LEU C 370 45.76 -14.41 -10.06
CA LEU C 370 47.21 -14.11 -9.87
C LEU C 370 47.74 -14.75 -8.58
N SER C 371 46.88 -14.89 -7.57
CA SER C 371 47.21 -15.50 -6.25
C SER C 371 47.42 -17.01 -6.40
N GLY C 372 46.95 -17.62 -7.49
CA GLY C 372 46.91 -19.08 -7.69
C GLY C 372 45.79 -19.75 -6.91
N ARG C 373 44.93 -18.99 -6.22
CA ARG C 373 43.78 -19.55 -5.44
C ARG C 373 42.63 -19.95 -6.37
N PHE C 374 42.42 -19.22 -7.48
CA PHE C 374 41.29 -19.41 -8.43
C PHE C 374 39.95 -19.45 -7.66
N ASP C 375 39.83 -18.61 -6.64
CA ASP C 375 38.67 -18.59 -5.70
C ASP C 375 37.66 -17.53 -6.18
N TYR C 376 37.25 -17.62 -7.45
CA TYR C 376 36.25 -16.70 -8.05
C TYR C 376 34.93 -16.81 -7.31
N ARG C 377 34.19 -15.70 -7.22
CA ARG C 377 32.74 -15.73 -6.89
CA ARG C 377 32.75 -15.74 -6.89
C ARG C 377 32.05 -16.55 -7.97
N PRO C 378 31.31 -17.61 -7.65
CA PRO C 378 30.66 -18.41 -8.69
C PRO C 378 29.79 -17.56 -9.62
N GLU C 379 29.10 -16.56 -9.07
CA GLU C 379 28.19 -15.72 -9.88
C GLU C 379 28.98 -14.87 -10.87
N ASP C 380 30.29 -14.71 -10.72
CA ASP C 380 31.08 -13.92 -11.71
C ASP C 380 31.40 -14.77 -12.93
N LEU C 381 31.26 -16.09 -12.87
CA LEU C 381 31.79 -16.96 -13.94
C LEU C 381 30.74 -17.18 -15.03
N ILE C 382 31.15 -17.01 -16.27
CA ILE C 382 30.29 -17.23 -17.45
C ILE C 382 30.67 -18.57 -18.07
N VAL C 383 31.95 -18.74 -18.41
CA VAL C 383 32.46 -20.10 -18.78
C VAL C 383 33.73 -20.35 -17.97
N HIS C 384 33.99 -21.62 -17.69
CA HIS C 384 35.10 -22.01 -16.80
C HIS C 384 35.39 -23.47 -17.04
N GLN C 385 36.67 -23.81 -17.21
CA GLN C 385 37.11 -25.22 -17.33
C GLN C 385 36.27 -25.94 -18.40
N GLY C 386 36.03 -25.26 -19.53
CA GLY C 386 35.45 -25.86 -20.75
C GLY C 386 33.92 -25.96 -20.74
N LYS C 387 33.24 -25.41 -19.71
CA LYS C 387 31.77 -25.48 -19.61
C LYS C 387 31.21 -24.10 -19.28
N TYR C 388 30.00 -23.85 -19.75
CA TYR C 388 29.14 -22.76 -19.23
C TYR C 388 29.00 -22.94 -17.72
N ALA C 389 29.13 -21.83 -16.99
CA ALA C 389 29.08 -21.78 -15.52
C ALA C 389 27.86 -20.96 -15.06
N THR C 390 26.93 -20.70 -15.98
CA THR C 390 25.72 -19.89 -15.71
C THR C 390 24.54 -20.52 -16.42
N ARG C 391 23.35 -20.31 -15.86
CA ARG C 391 22.07 -20.72 -16.46
CA ARG C 391 22.07 -20.73 -16.48
C ARG C 391 21.50 -19.57 -17.30
N ALA C 392 22.14 -18.40 -17.29
CA ALA C 392 21.52 -17.17 -17.87
C ALA C 392 21.78 -16.99 -19.36
N TYR C 393 22.67 -17.80 -19.99
CA TYR C 393 23.03 -17.68 -21.42
C TYR C 393 22.29 -18.77 -22.19
N GLY C 394 21.00 -18.92 -21.92
CA GLY C 394 20.17 -19.97 -22.54
C GLY C 394 20.00 -21.19 -21.64
N GLN C 395 18.95 -21.95 -21.90
CA GLN C 395 18.64 -23.21 -21.17
C GLN C 395 19.55 -24.30 -21.72
N ARG C 396 20.52 -24.74 -20.91
CA ARG C 396 21.55 -25.70 -21.35
C ARG C 396 21.54 -26.94 -20.47
N GLU C 397 21.85 -28.10 -21.07
CA GLU C 397 22.53 -29.24 -20.43
C GLU C 397 24.04 -28.99 -20.56
N ASP C 398 24.86 -29.66 -19.74
CA ASP C 398 26.33 -29.49 -19.70
C ASP C 398 26.68 -28.10 -19.15
N VAL C 399 25.88 -27.60 -18.19
CA VAL C 399 26.24 -26.42 -17.35
C VAL C 399 26.87 -26.96 -16.06
N LYS C 400 28.05 -26.45 -15.70
CA LYS C 400 28.73 -26.79 -14.42
C LYS C 400 28.86 -25.53 -13.57
N ILE C 401 27.91 -25.34 -12.64
CA ILE C 401 27.95 -24.28 -11.59
C ILE C 401 29.00 -24.68 -10.56
N PRO C 402 30.07 -23.87 -10.34
CA PRO C 402 31.05 -24.17 -9.30
C PRO C 402 30.41 -24.09 -7.90
N GLY C 403 30.70 -25.09 -7.05
CA GLY C 403 30.08 -25.27 -5.73
C GLY C 403 30.37 -26.65 -5.16
N THR D 30 -33.60 23.84 -6.41
CA THR D 30 -32.78 25.06 -6.72
C THR D 30 -32.92 25.36 -8.22
N ALA D 31 -33.20 26.63 -8.56
CA ALA D 31 -33.26 27.14 -9.95
C ALA D 31 -31.84 27.16 -10.54
N ARG D 32 -31.65 26.54 -11.70
CA ARG D 32 -30.39 26.63 -12.51
C ARG D 32 -30.19 28.06 -12.99
N LEU D 33 -28.93 28.50 -13.11
CA LEU D 33 -28.59 29.80 -13.71
C LEU D 33 -28.88 29.70 -15.21
N GLN D 34 -29.22 30.83 -15.83
CA GLN D 34 -29.73 30.86 -17.23
CA GLN D 34 -29.76 30.89 -17.22
C GLN D 34 -28.81 31.70 -18.12
N MET D 35 -28.61 31.23 -19.35
CA MET D 35 -27.97 31.98 -20.46
C MET D 35 -26.65 32.58 -20.00
N VAL D 36 -25.80 31.74 -19.41
CA VAL D 36 -24.47 32.15 -18.84
C VAL D 36 -23.46 32.23 -19.99
N LYS D 37 -22.75 33.35 -20.08
CA LYS D 37 -21.63 33.51 -21.05
CA LYS D 37 -21.63 33.48 -21.06
C LYS D 37 -20.36 32.89 -20.45
N VAL D 38 -19.85 31.86 -21.09
CA VAL D 38 -18.55 31.21 -20.73
C VAL D 38 -17.50 31.63 -21.75
N LEU D 39 -16.33 32.06 -21.25
CA LEU D 39 -15.14 32.31 -22.08
C LEU D 39 -14.06 31.29 -21.70
N ALA D 40 -13.49 30.62 -22.69
CA ALA D 40 -12.40 29.66 -22.50
C ALA D 40 -11.18 30.18 -23.26
N VAL D 41 -10.07 30.31 -22.55
CA VAL D 41 -8.75 30.63 -23.13
C VAL D 41 -7.94 29.33 -23.09
N LEU D 42 -7.71 28.75 -24.25
CA LEU D 42 -7.01 27.45 -24.38
C LEU D 42 -5.90 27.55 -25.41
N TYR D 43 -5.01 26.55 -25.48
CA TYR D 43 -3.96 26.62 -26.50
C TYR D 43 -4.51 26.20 -27.86
N ASP D 44 -3.90 26.76 -28.90
CA ASP D 44 -4.20 26.43 -30.31
C ASP D 44 -3.55 25.08 -30.65
N GLY D 45 -4.38 24.10 -31.00
CA GLY D 45 -3.95 22.75 -31.39
C GLY D 45 -3.67 22.62 -32.86
N GLY D 46 -3.93 23.66 -33.66
CA GLY D 46 -3.76 23.61 -35.12
C GLY D 46 -4.26 22.29 -35.70
N GLU D 47 -3.46 21.67 -36.59
CA GLU D 47 -3.83 20.40 -37.25
CA GLU D 47 -3.74 20.38 -37.27
C GLU D 47 -3.74 19.27 -36.23
N HIS D 48 -2.89 19.43 -35.22
CA HIS D 48 -2.65 18.38 -34.20
C HIS D 48 -3.96 18.02 -33.51
N ALA D 49 -4.79 19.00 -33.18
CA ALA D 49 -6.04 18.82 -32.40
C ALA D 49 -7.13 18.18 -33.28
N LYS D 50 -7.01 18.29 -34.60
CA LYS D 50 -7.91 17.58 -35.55
C LYS D 50 -7.47 16.12 -35.69
N GLN D 51 -6.16 15.88 -35.71
CA GLN D 51 -5.51 14.55 -35.93
CA GLN D 51 -5.52 14.54 -35.92
C GLN D 51 -5.57 13.71 -34.62
N VAL D 52 -5.49 14.37 -33.46
CA VAL D 52 -5.46 13.70 -32.13
C VAL D 52 -6.59 14.29 -31.30
N PRO D 53 -7.82 13.73 -31.39
CA PRO D 53 -8.95 14.23 -30.61
C PRO D 53 -8.72 14.23 -29.09
N GLY D 54 -7.78 13.40 -28.61
CA GLY D 54 -7.38 13.40 -27.18
C GLY D 54 -6.85 14.75 -26.70
N LEU D 55 -6.44 15.63 -27.61
CA LEU D 55 -6.06 17.04 -27.24
C LEU D 55 -7.36 17.80 -26.93
N LEU D 56 -7.98 17.49 -25.81
CA LEU D 56 -9.26 18.12 -25.37
C LEU D 56 -9.07 19.58 -25.02
N GLY D 57 -7.93 19.94 -24.41
CA GLY D 57 -7.68 21.28 -23.83
C GLY D 57 -7.23 22.30 -24.85
N THR D 58 -7.79 22.26 -26.06
CA THR D 58 -7.41 23.10 -27.21
C THR D 58 -8.62 23.91 -27.67
N THR D 59 -8.37 24.94 -28.45
CA THR D 59 -9.45 25.81 -28.96
C THR D 59 -10.34 24.97 -29.90
N GLU D 60 -9.79 23.92 -30.52
CA GLU D 60 -10.51 23.03 -31.47
CA GLU D 60 -10.50 23.01 -31.45
C GLU D 60 -11.56 22.19 -30.70
N ASN D 61 -11.16 21.59 -29.59
CA ASN D 61 -11.98 20.56 -28.91
C ASN D 61 -12.68 21.15 -27.67
N GLU D 62 -12.22 22.27 -27.11
CA GLU D 62 -12.98 23.06 -26.12
C GLU D 62 -13.35 22.21 -24.92
N LEU D 63 -12.44 21.31 -24.47
CA LEU D 63 -12.66 20.46 -23.26
C LEU D 63 -13.95 19.63 -23.39
N GLY D 64 -14.46 19.40 -24.59
CA GLY D 64 -15.72 18.68 -24.84
C GLY D 64 -16.93 19.35 -24.20
N LEU D 65 -16.91 20.68 -24.03
CA LEU D 65 -17.97 21.39 -23.28
C LEU D 65 -19.06 22.00 -24.17
N ARG D 66 -18.78 22.25 -25.46
CA ARG D 66 -19.67 23.16 -26.25
C ARG D 66 -21.12 22.68 -26.25
N LYS D 67 -21.39 21.45 -26.69
CA LYS D 67 -22.77 20.91 -26.80
CA LYS D 67 -22.77 20.90 -26.80
C LYS D 67 -23.43 20.93 -25.42
N TRP D 68 -22.71 20.49 -24.39
CA TRP D 68 -23.24 20.38 -23.01
C TRP D 68 -23.69 21.77 -22.52
N LEU D 69 -22.93 22.83 -22.81
CA LEU D 69 -23.28 24.21 -22.40
C LEU D 69 -24.45 24.71 -23.26
N GLU D 70 -24.35 24.54 -24.57
CA GLU D 70 -25.34 25.08 -25.56
C GLU D 70 -26.72 24.44 -25.32
N ASP D 71 -26.75 23.15 -24.99
CA ASP D 71 -28.01 22.40 -24.71
C ASP D 71 -28.73 23.00 -23.48
N GLN D 72 -28.01 23.68 -22.58
CA GLN D 72 -28.58 24.31 -21.36
C GLN D 72 -28.96 25.76 -21.63
N GLY D 73 -28.63 26.29 -22.80
CA GLY D 73 -28.89 27.68 -23.22
C GLY D 73 -27.75 28.61 -22.87
N HIS D 74 -26.59 28.07 -22.49
CA HIS D 74 -25.39 28.88 -22.21
C HIS D 74 -24.67 29.15 -23.54
N THR D 75 -23.75 30.11 -23.52
CA THR D 75 -22.89 30.39 -24.69
CA THR D 75 -22.88 30.50 -24.66
C THR D 75 -21.43 30.13 -24.31
N LEU D 76 -20.65 29.71 -25.30
CA LEU D 76 -19.18 29.49 -25.12
C LEU D 76 -18.45 30.25 -26.22
N VAL D 77 -17.49 31.08 -25.83
CA VAL D 77 -16.52 31.71 -26.75
C VAL D 77 -15.15 31.16 -26.34
N THR D 78 -14.39 30.68 -27.30
CA THR D 78 -13.06 30.06 -27.06
C THR D 78 -12.00 30.80 -27.88
N THR D 79 -10.86 31.07 -27.27
CA THR D 79 -9.76 31.75 -28.00
C THR D 79 -8.40 31.32 -27.44
N SER D 80 -7.37 31.46 -28.25
CA SER D 80 -5.95 31.36 -27.80
C SER D 80 -5.29 32.74 -27.82
N ASP D 81 -6.02 33.77 -28.25
CA ASP D 81 -5.45 35.13 -28.44
C ASP D 81 -5.55 35.91 -27.13
N LYS D 82 -4.49 35.93 -26.32
CA LYS D 82 -4.61 36.34 -24.91
C LYS D 82 -3.54 37.35 -24.46
N ASP D 83 -2.53 37.69 -25.28
CA ASP D 83 -1.34 38.46 -24.82
C ASP D 83 -1.31 39.90 -25.36
N ARG D 84 -1.73 40.12 -26.61
CA ARG D 84 -1.50 41.44 -27.28
C ARG D 84 -2.47 42.46 -26.71
N GLU D 85 -2.21 43.76 -26.87
N GLU D 85 -2.15 43.75 -26.82
CA GLU D 85 -3.00 44.81 -26.17
CA GLU D 85 -3.12 44.84 -26.52
C GLU D 85 -4.48 44.74 -26.55
C GLU D 85 -4.32 44.62 -27.45
N GLY D 86 -4.84 44.44 -27.80
N GLY D 86 -5.55 44.71 -26.93
CA GLY D 86 -6.24 44.39 -28.26
CA GLY D 86 -6.81 44.50 -27.68
C GLY D 86 -6.81 42.98 -28.32
C GLY D 86 -7.02 43.04 -28.09
N SER D 87 -6.35 42.09 -27.44
CA SER D 87 -6.55 40.62 -27.65
C SER D 87 -8.04 40.28 -27.55
N THR D 88 -8.45 39.18 -28.19
CA THR D 88 -9.81 38.61 -28.08
C THR D 88 -10.11 38.37 -26.59
N PHE D 89 -9.12 37.91 -25.81
CA PHE D 89 -9.34 37.67 -24.36
C PHE D 89 -9.80 38.98 -23.70
N ASP D 90 -9.05 40.05 -23.97
CA ASP D 90 -9.31 41.39 -23.38
C ASP D 90 -10.71 41.90 -23.76
N ARG D 91 -11.20 41.62 -24.96
CA ARG D 91 -12.56 42.06 -25.41
CA ARG D 91 -12.56 42.05 -25.42
C ARG D 91 -13.62 41.22 -24.70
N GLU D 92 -13.49 39.89 -24.76
CA GLU D 92 -14.52 38.95 -24.28
C GLU D 92 -14.59 38.90 -22.75
N LEU D 93 -13.51 39.21 -22.01
CA LEU D 93 -13.55 39.06 -20.54
C LEU D 93 -14.47 40.11 -19.92
N GLU D 94 -14.77 41.19 -20.65
CA GLU D 94 -15.55 42.33 -20.08
C GLU D 94 -16.97 41.89 -19.74
N ASP D 95 -17.55 40.88 -20.40
CA ASP D 95 -18.92 40.42 -20.04
C ASP D 95 -18.98 38.90 -19.83
N ALA D 96 -17.85 38.19 -19.74
CA ALA D 96 -17.90 36.75 -19.40
C ALA D 96 -18.30 36.58 -17.93
N GLU D 97 -19.23 35.67 -17.65
CA GLU D 97 -19.66 35.32 -16.28
C GLU D 97 -18.73 34.23 -15.71
N ILE D 98 -18.29 33.32 -16.58
CA ILE D 98 -17.32 32.24 -16.22
C ILE D 98 -16.15 32.39 -17.17
N ILE D 99 -14.93 32.39 -16.64
CA ILE D 99 -13.72 32.37 -17.49
C ILE D 99 -12.93 31.09 -17.16
N ILE D 100 -12.74 30.26 -18.15
CA ILE D 100 -11.91 29.02 -18.08
C ILE D 100 -10.56 29.40 -18.68
N THR D 101 -9.52 29.20 -17.89
CA THR D 101 -8.11 29.36 -18.34
C THR D 101 -7.41 28.02 -18.21
N THR D 102 -6.19 27.93 -18.73
CA THR D 102 -5.41 26.67 -18.63
C THR D 102 -3.97 27.12 -18.40
N PRO D 103 -3.22 26.50 -17.48
CA PRO D 103 -1.88 27.03 -17.12
C PRO D 103 -0.86 26.92 -18.26
N PHE D 104 -1.11 26.01 -19.21
CA PHE D 104 -0.18 25.70 -20.32
C PHE D 104 -0.20 26.91 -21.26
N HIS D 105 -1.28 27.72 -21.27
CA HIS D 105 -1.42 28.88 -22.18
C HIS D 105 -2.30 29.89 -21.45
N PRO D 106 -1.71 30.51 -20.41
CA PRO D 106 -2.49 31.15 -19.36
C PRO D 106 -2.97 32.56 -19.76
N GLY D 107 -4.28 32.73 -19.74
CA GLY D 107 -4.88 34.07 -19.81
C GLY D 107 -4.67 34.75 -18.47
N TYR D 108 -3.68 35.65 -18.38
CA TYR D 108 -3.30 36.24 -17.09
C TYR D 108 -4.42 37.18 -16.61
N LEU D 109 -5.09 36.82 -15.54
CA LEU D 109 -6.16 37.70 -14.99
C LEU D 109 -5.51 38.64 -13.98
N THR D 110 -4.91 39.68 -14.54
CA THR D 110 -4.25 40.79 -13.81
C THR D 110 -5.32 41.63 -13.09
N ALA D 111 -4.91 42.43 -12.13
CA ALA D 111 -5.83 43.37 -11.45
C ALA D 111 -6.54 44.26 -12.47
N GLU D 112 -5.83 44.71 -13.50
CA GLU D 112 -6.36 45.62 -14.55
C GLU D 112 -7.49 44.91 -15.28
N ARG D 113 -7.29 43.65 -15.65
CA ARG D 113 -8.28 42.84 -16.39
C ARG D 113 -9.48 42.52 -15.50
N LEU D 114 -9.24 42.14 -14.25
CA LEU D 114 -10.32 41.76 -13.33
C LEU D 114 -11.23 42.98 -13.09
N ALA D 115 -10.65 44.18 -13.09
CA ALA D 115 -11.39 45.45 -12.88
C ALA D 115 -12.33 45.69 -14.07
N ARG D 116 -12.01 45.15 -15.25
CA ARG D 116 -12.85 45.28 -16.48
C ARG D 116 -13.82 44.10 -16.65
N ALA D 117 -13.65 43.01 -15.87
CA ALA D 117 -14.47 41.80 -15.98
C ALA D 117 -15.74 41.98 -15.15
N LYS D 118 -16.70 42.75 -15.66
CA LYS D 118 -17.85 43.30 -14.88
CA LYS D 118 -17.79 43.28 -14.79
C LYS D 118 -18.82 42.18 -14.46
N LYS D 119 -18.88 41.08 -15.23
CA LYS D 119 -19.88 40.00 -15.03
C LYS D 119 -19.23 38.76 -14.39
N LEU D 120 -17.91 38.78 -14.19
CA LEU D 120 -17.19 37.55 -13.78
C LEU D 120 -17.61 37.13 -12.37
N LYS D 121 -17.99 35.86 -12.21
CA LYS D 121 -18.31 35.26 -10.89
C LYS D 121 -17.38 34.05 -10.60
N LEU D 122 -16.95 33.35 -11.65
CA LEU D 122 -16.22 32.07 -11.50
C LEU D 122 -15.07 32.05 -12.51
N ALA D 123 -13.86 31.86 -12.00
CA ALA D 123 -12.63 31.61 -12.79
C ALA D 123 -12.19 30.16 -12.56
N VAL D 124 -12.30 29.33 -13.59
CA VAL D 124 -11.97 27.88 -13.49
C VAL D 124 -10.64 27.64 -14.21
N THR D 125 -9.67 27.04 -13.50
CA THR D 125 -8.39 26.58 -14.11
C THR D 125 -8.55 25.17 -14.64
N ALA D 126 -8.40 24.99 -15.92
CA ALA D 126 -8.33 23.66 -16.57
C ALA D 126 -6.91 23.12 -16.34
N GLY D 127 -6.76 22.48 -15.20
CA GLY D 127 -5.42 22.13 -14.66
C GLY D 127 -5.34 22.45 -13.20
N ILE D 128 -4.12 22.71 -12.74
CA ILE D 128 -3.80 22.95 -11.32
C ILE D 128 -2.76 24.07 -11.27
N GLY D 129 -3.02 25.05 -10.45
CA GLY D 129 -2.17 26.21 -10.23
C GLY D 129 -2.87 27.41 -10.83
N SER D 130 -3.36 28.26 -9.94
CA SER D 130 -4.22 29.39 -10.34
C SER D 130 -3.47 30.71 -10.16
N ASP D 131 -2.13 30.65 -10.13
CA ASP D 131 -1.27 31.85 -9.92
C ASP D 131 -1.24 32.78 -11.13
N HIS D 132 -1.81 32.40 -12.25
CA HIS D 132 -1.97 33.30 -13.42
C HIS D 132 -3.18 34.22 -13.19
N VAL D 133 -3.94 33.98 -12.14
CA VAL D 133 -4.97 34.93 -11.60
C VAL D 133 -4.31 35.70 -10.46
N ASP D 134 -4.49 37.01 -10.45
CA ASP D 134 -4.13 37.82 -9.28
C ASP D 134 -5.18 37.55 -8.21
N LEU D 135 -4.89 36.62 -7.31
CA LEU D 135 -5.85 36.07 -6.35
C LEU D 135 -6.22 37.15 -5.33
N ASP D 136 -5.27 38.00 -4.93
CA ASP D 136 -5.59 39.12 -4.00
C ASP D 136 -6.63 40.01 -4.69
N ALA D 137 -6.41 40.38 -5.94
CA ALA D 137 -7.38 41.19 -6.73
C ALA D 137 -8.70 40.42 -6.91
N ALA D 138 -8.66 39.11 -7.15
CA ALA D 138 -9.87 38.28 -7.32
C ALA D 138 -10.76 38.39 -6.06
N ASN D 139 -10.14 38.45 -4.89
CA ASN D 139 -10.87 38.53 -3.60
C ASN D 139 -11.61 39.87 -3.47
N LYS D 140 -11.19 40.89 -4.22
CA LYS D 140 -11.77 42.27 -4.15
CA LYS D 140 -11.76 42.27 -4.16
C LYS D 140 -12.61 42.56 -5.40
N THR D 141 -12.77 41.57 -6.28
CA THR D 141 -13.47 41.74 -7.59
C THR D 141 -14.91 41.22 -7.52
N ASN D 142 -15.87 42.11 -7.83
CA ASN D 142 -17.30 41.71 -7.93
C ASN D 142 -17.74 40.97 -6.66
N GLY D 143 -17.29 41.43 -5.48
CA GLY D 143 -17.68 40.87 -4.17
C GLY D 143 -16.84 39.65 -3.76
N GLY D 144 -15.84 39.32 -4.56
CA GLY D 144 -14.96 38.17 -4.32
C GLY D 144 -15.37 37.05 -5.24
N ILE D 145 -14.60 36.83 -6.30
CA ILE D 145 -15.00 35.77 -7.28
C ILE D 145 -14.53 34.42 -6.73
N THR D 146 -15.13 33.37 -7.23
CA THR D 146 -14.66 31.99 -6.98
C THR D 146 -13.56 31.67 -7.99
N VAL D 147 -12.40 31.28 -7.47
CA VAL D 147 -11.30 30.71 -8.30
C VAL D 147 -11.14 29.25 -7.90
N ALA D 148 -11.40 28.36 -8.85
CA ALA D 148 -11.46 26.90 -8.67
C ALA D 148 -10.50 26.26 -9.67
N GLU D 149 -9.96 25.10 -9.33
CA GLU D 149 -9.09 24.34 -10.24
C GLU D 149 -9.37 22.87 -10.01
N VAL D 150 -8.85 22.02 -10.91
CA VAL D 150 -9.14 20.57 -10.83
C VAL D 150 -8.05 19.89 -10.01
N THR D 151 -8.18 20.04 -8.70
CA THR D 151 -7.23 19.48 -7.73
C THR D 151 -7.09 17.96 -7.99
N GLY D 152 -5.83 17.49 -8.03
CA GLY D 152 -5.52 16.06 -8.20
C GLY D 152 -5.57 15.56 -9.63
N SER D 153 -6.02 16.33 -10.62
CA SER D 153 -6.24 15.81 -11.98
C SER D 153 -4.95 15.40 -12.70
N ASN D 154 -3.85 16.09 -12.46
CA ASN D 154 -2.63 15.75 -13.24
C ASN D 154 -1.42 15.66 -12.32
N VAL D 155 -1.65 15.38 -11.04
CA VAL D 155 -0.56 15.35 -10.04
C VAL D 155 0.33 14.12 -10.31
N VAL D 156 -0.26 13.01 -10.76
CA VAL D 156 0.55 11.83 -11.13
C VAL D 156 1.43 12.20 -12.33
N SER D 157 0.84 12.76 -13.36
CA SER D 157 1.55 13.19 -14.57
C SER D 157 2.82 13.96 -14.20
N VAL D 158 2.64 14.94 -13.36
CA VAL D 158 3.76 15.82 -12.99
C VAL D 158 4.78 15.05 -12.18
N ALA D 159 4.34 14.21 -11.23
CA ALA D 159 5.30 13.43 -10.43
C ALA D 159 6.17 12.55 -11.33
N GLU D 160 5.56 11.91 -12.32
CA GLU D 160 6.31 11.11 -13.29
C GLU D 160 7.35 11.97 -13.99
N HIS D 161 6.92 13.14 -14.38
CA HIS D 161 7.77 14.06 -15.17
C HIS D 161 8.97 14.50 -14.31
N VAL D 162 8.73 14.72 -13.03
CA VAL D 162 9.82 15.09 -12.11
C VAL D 162 10.84 13.98 -12.07
N VAL D 163 10.40 12.73 -11.81
CA VAL D 163 11.37 11.64 -11.70
C VAL D 163 12.11 11.48 -13.03
N MET D 164 11.40 11.47 -14.14
CA MET D 164 12.05 11.49 -15.46
C MET D 164 13.16 12.54 -15.54
N THR D 165 12.81 13.76 -15.19
CA THR D 165 13.74 14.90 -15.33
C THR D 165 14.94 14.73 -14.41
N ILE D 166 14.68 14.26 -13.21
CA ILE D 166 15.80 13.98 -12.26
C ILE D 166 16.77 13.00 -12.95
N LEU D 167 16.22 11.90 -13.45
CA LEU D 167 17.08 10.85 -14.04
C LEU D 167 17.81 11.42 -15.28
N VAL D 168 17.09 12.08 -16.18
CA VAL D 168 17.71 12.69 -17.39
C VAL D 168 18.91 13.56 -16.99
N LEU D 169 18.76 14.38 -15.96
CA LEU D 169 19.89 15.24 -15.53
C LEU D 169 20.98 14.43 -14.87
N VAL D 170 20.67 13.58 -13.91
CA VAL D 170 21.68 12.85 -13.14
C VAL D 170 22.49 11.95 -14.09
N ARG D 171 21.81 11.33 -15.05
CA ARG D 171 22.45 10.32 -15.93
C ARG D 171 22.98 11.00 -17.21
N ASN D 172 22.87 12.31 -17.35
CA ASN D 172 23.48 13.06 -18.47
C ASN D 172 22.92 12.57 -19.81
N PHE D 173 21.61 12.38 -19.94
CA PHE D 173 20.94 11.90 -21.16
C PHE D 173 21.04 12.90 -22.30
N VAL D 174 20.74 14.15 -22.09
CA VAL D 174 20.57 15.10 -23.22
C VAL D 174 21.82 15.18 -24.08
N PRO D 175 23.02 15.50 -23.55
CA PRO D 175 24.18 15.59 -24.45
C PRO D 175 24.54 14.23 -25.01
N ALA D 176 24.23 13.15 -24.33
CA ALA D 176 24.50 11.79 -24.83
C ALA D 176 23.59 11.52 -26.06
N HIS D 177 22.33 11.87 -26.01
CA HIS D 177 21.40 11.65 -27.17
C HIS D 177 21.87 12.55 -28.31
N GLU D 178 22.26 13.77 -27.99
CA GLU D 178 22.73 14.71 -29.04
C GLU D 178 23.93 14.09 -29.75
N GLN D 179 24.88 13.57 -29.01
CA GLN D 179 26.09 12.94 -29.57
C GLN D 179 25.68 11.89 -30.58
N ILE D 180 24.75 11.02 -30.23
CA ILE D 180 24.29 9.93 -31.14
C ILE D 180 23.68 10.51 -32.40
N GLU D 181 22.76 11.44 -32.29
CA GLU D 181 22.07 11.97 -33.46
C GLU D 181 23.05 12.70 -34.38
N ALA D 182 24.15 13.23 -33.85
CA ALA D 182 25.14 14.00 -34.64
C ALA D 182 26.09 13.03 -35.34
N GLY D 183 26.03 11.72 -35.10
CA GLY D 183 26.84 10.70 -35.78
C GLY D 183 28.12 10.47 -35.05
N ARG D 184 28.24 10.99 -33.83
CA ARG D 184 29.51 10.90 -33.06
CA ARG D 184 29.51 10.87 -33.07
C ARG D 184 29.48 9.68 -32.12
N TRP D 185 30.60 9.39 -31.51
CA TRP D 185 30.72 8.30 -30.52
C TRP D 185 31.89 8.61 -29.59
N ASP D 186 31.60 8.91 -28.34
CA ASP D 186 32.69 9.16 -27.34
C ASP D 186 32.07 8.89 -25.97
N VAL D 187 32.24 7.69 -25.48
CA VAL D 187 31.63 7.27 -24.19
C VAL D 187 32.14 8.18 -23.10
N ALA D 188 33.45 8.41 -23.00
CA ALA D 188 34.01 9.16 -21.87
C ALA D 188 33.43 10.56 -21.84
N GLU D 189 33.26 11.19 -22.98
CA GLU D 189 32.78 12.59 -23.07
C GLU D 189 31.48 12.74 -22.27
N VAL D 190 30.60 11.73 -22.29
CA VAL D 190 29.31 11.91 -21.58
C VAL D 190 29.26 11.08 -20.32
N ALA D 191 30.03 10.02 -20.19
CA ALA D 191 30.05 9.24 -18.93
C ALA D 191 30.74 10.07 -17.82
N LYS D 192 31.53 11.05 -18.18
CA LYS D 192 32.28 11.85 -17.19
C LYS D 192 31.33 12.68 -16.31
N ASP D 193 30.07 12.88 -16.73
CA ASP D 193 29.08 13.62 -15.90
CA ASP D 193 29.07 13.62 -15.93
C ASP D 193 27.84 12.74 -15.67
N GLU D 194 27.99 11.43 -15.79
CA GLU D 194 26.91 10.47 -15.57
C GLU D 194 26.99 9.85 -14.21
N TYR D 195 25.96 10.01 -13.40
CA TYR D 195 25.87 9.45 -12.05
C TYR D 195 24.71 8.51 -11.97
N ASP D 196 24.64 7.74 -10.90
CA ASP D 196 23.42 7.01 -10.53
C ASP D 196 22.62 7.82 -9.50
N LEU D 197 21.31 7.71 -9.57
CA LEU D 197 20.44 8.27 -8.53
C LEU D 197 20.53 7.51 -7.21
N GLU D 198 20.84 6.22 -7.23
CA GLU D 198 21.02 5.44 -6.01
C GLU D 198 22.06 6.17 -5.15
N GLY D 199 21.83 6.23 -3.86
CA GLY D 199 22.82 6.81 -2.95
C GLY D 199 22.83 8.32 -2.95
N LYS D 200 21.97 8.97 -3.73
CA LYS D 200 21.86 10.42 -3.71
C LYS D 200 20.74 10.86 -2.76
N VAL D 201 20.89 12.06 -2.24
CA VAL D 201 19.84 12.63 -1.37
C VAL D 201 18.95 13.54 -2.20
N VAL D 202 17.66 13.33 -2.20
CA VAL D 202 16.68 14.13 -2.94
C VAL D 202 15.76 14.84 -1.96
N GLY D 203 15.58 16.11 -2.15
CA GLY D 203 14.69 16.93 -1.33
C GLY D 203 13.57 17.50 -2.17
N THR D 204 12.36 17.57 -1.66
CA THR D 204 11.22 18.24 -2.32
C THR D 204 10.81 19.49 -1.51
N VAL D 205 10.66 20.59 -2.21
CA VAL D 205 10.03 21.82 -1.67
C VAL D 205 8.54 21.73 -1.91
N GLY D 206 7.79 21.36 -0.85
CA GLY D 206 6.37 21.01 -1.00
C GLY D 206 6.19 19.51 -0.99
N VAL D 207 5.32 19.02 -0.11
CA VAL D 207 5.01 17.58 0.00
C VAL D 207 3.49 17.42 -0.10
N GLY D 208 2.86 18.22 -0.93
CA GLY D 208 1.45 18.03 -1.24
C GLY D 208 1.23 16.95 -2.25
N ARG D 209 0.19 17.10 -3.05
CA ARG D 209 -0.22 15.98 -3.94
C ARG D 209 0.95 15.57 -4.86
N ILE D 210 1.64 16.54 -5.46
CA ILE D 210 2.74 16.21 -6.40
C ILE D 210 3.96 15.80 -5.58
N GLY D 211 4.37 16.59 -4.60
CA GLY D 211 5.62 16.24 -3.92
C GLY D 211 5.55 14.86 -3.28
N GLU D 212 4.46 14.53 -2.62
CA GLU D 212 4.30 13.19 -2.03
C GLU D 212 4.44 12.13 -3.12
N ARG D 213 3.81 12.33 -4.24
CA ARG D 213 3.85 11.34 -5.34
C ARG D 213 5.25 11.23 -5.94
N VAL D 214 6.03 12.30 -5.92
CA VAL D 214 7.44 12.23 -6.34
C VAL D 214 8.20 11.32 -5.39
N LEU D 215 8.03 11.52 -4.09
CA LEU D 215 8.76 10.67 -3.09
C LEU D 215 8.29 9.20 -3.23
N ARG D 216 7.00 8.97 -3.51
CA ARG D 216 6.49 7.60 -3.65
C ARG D 216 7.11 6.93 -4.89
N ARG D 217 7.42 7.68 -5.93
CA ARG D 217 8.09 7.11 -7.12
C ARG D 217 9.58 6.95 -6.88
N LEU D 218 10.18 7.83 -6.11
CA LEU D 218 11.63 7.71 -5.81
C LEU D 218 11.93 6.56 -4.87
N LYS D 219 11.01 6.14 -4.06
CA LYS D 219 11.25 5.13 -3.02
C LYS D 219 12.01 3.92 -3.59
N GLY D 220 11.63 3.41 -4.76
CA GLY D 220 12.25 2.19 -5.31
C GLY D 220 13.67 2.39 -5.82
N PHE D 221 14.16 3.63 -5.86
CA PHE D 221 15.52 3.95 -6.40
C PHE D 221 16.60 3.92 -5.31
N ASP D 222 16.24 3.67 -4.06
CA ASP D 222 17.27 3.52 -2.99
C ASP D 222 18.17 4.76 -2.99
N CYS D 223 17.56 5.92 -3.01
CA CYS D 223 18.22 7.19 -2.67
C CYS D 223 18.80 7.03 -1.26
N LYS D 224 19.85 7.75 -0.94
CA LYS D 224 20.42 7.75 0.43
C LYS D 224 19.37 8.26 1.40
N GLU D 225 18.67 9.34 1.05
CA GLU D 225 17.60 9.89 1.88
C GLU D 225 16.62 10.61 1.00
N LEU D 226 15.40 10.63 1.41
CA LEU D 226 14.33 11.43 0.81
C LEU D 226 13.89 12.47 1.83
N LEU D 227 14.01 13.72 1.49
CA LEU D 227 13.73 14.85 2.40
C LEU D 227 12.61 15.71 1.87
N TYR D 228 11.94 16.44 2.75
CA TYR D 228 10.97 17.44 2.33
C TYR D 228 10.98 18.63 3.24
N TYR D 229 10.50 19.74 2.67
CA TYR D 229 10.29 21.01 3.40
C TYR D 229 8.89 21.48 3.03
N ASP D 230 8.03 21.57 4.03
CA ASP D 230 6.66 22.07 3.83
C ASP D 230 6.14 22.48 5.22
N TYR D 231 5.42 23.58 5.30
CA TYR D 231 4.73 23.98 6.55
C TYR D 231 3.50 23.12 6.80
N GLN D 232 3.02 22.35 5.82
CA GLN D 232 2.01 21.29 5.99
C GLN D 232 2.71 19.95 5.90
N PRO D 233 3.05 19.31 7.03
CA PRO D 233 3.85 18.09 6.97
C PRO D 233 3.04 16.87 6.53
N LEU D 234 3.74 15.80 6.13
CA LEU D 234 3.14 14.47 5.99
C LEU D 234 2.81 13.94 7.37
N SER D 235 1.87 13.02 7.46
CA SER D 235 1.62 12.28 8.70
C SER D 235 2.85 11.43 9.04
N PRO D 236 3.06 11.10 10.33
CA PRO D 236 4.13 10.20 10.68
C PRO D 236 3.99 8.84 9.97
N GLU D 237 2.75 8.38 9.76
CA GLU D 237 2.48 7.09 9.08
C GLU D 237 3.03 7.17 7.66
N LYS D 238 2.72 8.24 6.94
CA LYS D 238 3.21 8.42 5.55
C LYS D 238 4.72 8.59 5.53
N GLU D 239 5.30 9.28 6.50
CA GLU D 239 6.77 9.41 6.56
C GLU D 239 7.38 8.02 6.63
N LYS D 240 6.86 7.15 7.51
CA LYS D 240 7.42 5.78 7.65
CA LYS D 240 7.38 5.78 7.67
C LYS D 240 7.11 4.93 6.42
N GLU D 241 5.92 5.05 5.84
CA GLU D 241 5.55 4.21 4.66
C GLU D 241 6.47 4.53 3.48
N ILE D 242 6.63 5.81 3.19
CA ILE D 242 7.46 6.27 2.04
C ILE D 242 8.93 6.13 2.42
N GLY D 243 9.31 6.44 3.65
CA GLY D 243 10.68 6.45 4.13
C GLY D 243 11.31 7.80 3.81
N CYS D 244 10.78 8.88 4.35
CA CYS D 244 11.26 10.25 4.13
C CYS D 244 11.26 11.05 5.43
N ARG D 245 11.97 12.15 5.45
CA ARG D 245 12.26 12.92 6.67
C ARG D 245 11.95 14.38 6.42
N ARG D 246 11.24 15.01 7.32
CA ARG D 246 10.94 16.43 7.26
C ARG D 246 12.14 17.23 7.73
N VAL D 247 12.54 18.23 6.96
CA VAL D 247 13.56 19.21 7.39
C VAL D 247 12.87 20.54 7.68
N GLU D 248 13.16 21.09 8.84
CA GLU D 248 12.44 22.26 9.41
CA GLU D 248 12.38 22.24 9.36
C GLU D 248 12.80 23.53 8.65
N ASN D 249 14.04 23.63 8.17
CA ASN D 249 14.58 24.86 7.58
C ASN D 249 14.92 24.59 6.11
N LEU D 250 14.48 25.45 5.20
CA LEU D 250 14.70 25.22 3.75
C LEU D 250 16.19 25.21 3.43
N GLU D 251 16.94 26.22 3.85
CA GLU D 251 18.40 26.27 3.58
C GLU D 251 19.11 25.03 4.12
N GLU D 252 18.69 24.51 5.28
CA GLU D 252 19.34 23.31 5.85
CA GLU D 252 19.24 23.29 5.91
C GLU D 252 19.01 22.09 4.98
N MET D 253 17.80 22.04 4.42
CA MET D 253 17.50 20.91 3.50
C MET D 253 18.33 21.04 2.24
N LEU D 254 18.42 22.21 1.64
CA LEU D 254 19.15 22.37 0.37
C LEU D 254 20.61 21.93 0.56
N ALA D 255 21.23 22.27 1.68
CA ALA D 255 22.66 21.97 1.93
C ALA D 255 22.91 20.46 2.02
N GLN D 256 21.85 19.65 2.24
CA GLN D 256 22.00 18.19 2.38
C GLN D 256 21.69 17.45 1.08
N CYS D 257 21.12 18.12 0.12
CA CYS D 257 20.59 17.41 -1.07
C CYS D 257 21.59 17.38 -2.22
N ASP D 258 21.62 16.26 -2.95
CA ASP D 258 22.23 16.21 -4.29
C ASP D 258 21.23 16.65 -5.35
N VAL D 259 19.95 16.42 -5.18
CA VAL D 259 18.88 16.79 -6.13
C VAL D 259 17.85 17.58 -5.34
N VAL D 260 17.29 18.64 -5.90
CA VAL D 260 16.17 19.38 -5.30
C VAL D 260 15.07 19.46 -6.37
N THR D 261 13.86 19.24 -5.97
CA THR D 261 12.69 19.37 -6.85
C THR D 261 11.70 20.32 -6.21
N ILE D 262 11.21 21.28 -6.94
CA ILE D 262 10.27 22.33 -6.45
C ILE D 262 8.84 21.89 -6.80
N ASN D 263 8.02 21.72 -5.75
CA ASN D 263 6.63 21.23 -5.95
C ASN D 263 5.64 22.03 -5.10
N CYS D 264 5.85 23.32 -5.01
CA CYS D 264 4.93 24.19 -4.26
C CYS D 264 4.25 25.14 -5.22
N PRO D 265 3.11 25.75 -4.83
CA PRO D 265 2.48 26.73 -5.68
C PRO D 265 3.30 28.02 -5.71
N LEU D 266 2.92 28.85 -6.68
CA LEU D 266 3.44 30.22 -6.83
C LEU D 266 2.52 31.15 -6.05
N HIS D 267 3.08 31.81 -5.06
CA HIS D 267 2.39 32.84 -4.26
C HIS D 267 3.46 33.85 -3.85
N GLU D 268 3.07 34.92 -3.16
CA GLU D 268 4.00 36.05 -2.91
C GLU D 268 5.29 35.54 -2.27
N SER D 269 5.23 34.58 -1.35
CA SER D 269 6.43 34.15 -0.59
C SER D 269 7.28 33.13 -1.38
N THR D 270 6.79 32.58 -2.49
CA THR D 270 7.62 31.67 -3.34
C THR D 270 8.05 32.35 -4.65
N ARG D 271 7.52 33.53 -5.00
CA ARG D 271 7.95 34.23 -6.22
C ARG D 271 9.42 34.66 -6.06
N GLY D 272 10.30 34.16 -6.92
CA GLY D 272 11.73 34.51 -6.82
C GLY D 272 12.39 33.89 -5.63
N LEU D 273 11.83 32.82 -5.05
CA LEU D 273 12.41 32.12 -3.89
C LEU D 273 13.78 31.58 -4.27
N PHE D 274 13.85 30.93 -5.42
CA PHE D 274 15.14 30.33 -5.88
C PHE D 274 15.93 31.38 -6.65
N ASN D 275 16.54 32.27 -5.85
CA ASN D 275 17.45 33.33 -6.31
C ASN D 275 18.91 32.92 -6.07
N LYS D 276 19.85 33.78 -6.45
CA LYS D 276 21.28 33.37 -6.36
CA LYS D 276 21.30 33.45 -6.34
C LYS D 276 21.61 33.01 -4.91
N ASP D 277 21.08 33.74 -3.92
CA ASP D 277 21.44 33.45 -2.50
CA ASP D 277 21.37 33.47 -2.48
C ASP D 277 20.93 32.06 -2.11
N LEU D 278 19.72 31.70 -2.48
CA LEU D 278 19.22 30.39 -2.06
C LEU D 278 19.88 29.28 -2.86
N ILE D 279 20.07 29.51 -4.16
CA ILE D 279 20.73 28.47 -5.01
C ILE D 279 22.15 28.21 -4.48
N SER D 280 22.80 29.25 -3.92
CA SER D 280 24.17 29.09 -3.37
CA SER D 280 24.18 29.06 -3.41
C SER D 280 24.18 28.14 -2.18
N LYS D 281 23.05 27.87 -1.52
CA LYS D 281 22.97 26.91 -0.40
CA LYS D 281 22.95 26.92 -0.40
C LYS D 281 22.91 25.48 -0.91
N MET D 282 22.55 25.28 -2.18
CA MET D 282 22.59 23.92 -2.76
C MET D 282 24.07 23.51 -2.88
N LYS D 283 24.26 22.21 -2.95
CA LYS D 283 25.64 21.66 -3.11
C LYS D 283 26.21 22.03 -4.48
N ARG D 284 27.52 22.17 -4.56
CA ARG D 284 28.14 22.35 -5.88
C ARG D 284 27.92 21.07 -6.71
N GLY D 285 27.46 21.23 -7.95
CA GLY D 285 27.28 20.08 -8.86
C GLY D 285 25.90 19.45 -8.69
N SER D 286 25.01 20.09 -7.94
CA SER D 286 23.66 19.56 -7.66
C SER D 286 22.75 19.76 -8.89
N TRP D 287 21.61 19.09 -8.86
CA TRP D 287 20.61 19.08 -9.95
C TRP D 287 19.30 19.68 -9.45
N LEU D 288 18.72 20.65 -10.14
CA LEU D 288 17.48 21.33 -9.75
C LEU D 288 16.40 21.05 -10.77
N VAL D 289 15.27 20.60 -10.29
CA VAL D 289 14.08 20.35 -11.14
C VAL D 289 12.95 21.26 -10.70
N ASN D 290 12.21 21.80 -11.67
CA ASN D 290 11.13 22.74 -11.40
C ASN D 290 9.98 22.47 -12.39
N THR D 291 9.04 21.72 -11.91
CA THR D 291 7.77 21.48 -12.63
C THR D 291 6.66 22.26 -11.91
N ALA D 292 7.00 23.15 -11.01
CA ALA D 292 5.99 23.91 -10.23
C ALA D 292 5.55 25.14 -11.03
N ARG D 293 6.27 26.24 -10.90
CA ARG D 293 6.08 27.44 -11.71
C ARG D 293 7.42 28.09 -11.98
N GLY D 294 7.55 28.68 -13.16
CA GLY D 294 8.77 29.34 -13.62
C GLY D 294 9.19 30.48 -12.71
N ALA D 295 8.22 31.25 -12.22
CA ALA D 295 8.54 32.48 -11.48
C ALA D 295 9.05 32.13 -10.08
N ILE D 296 8.97 30.87 -9.64
CA ILE D 296 9.57 30.48 -8.35
C ILE D 296 11.09 30.58 -8.41
N VAL D 297 11.69 30.43 -9.58
CA VAL D 297 13.16 30.64 -9.75
C VAL D 297 13.41 32.01 -10.37
N VAL D 298 14.61 32.55 -10.12
CA VAL D 298 15.09 33.73 -10.87
C VAL D 298 15.92 33.21 -12.05
N LYS D 299 15.39 33.32 -13.27
CA LYS D 299 15.98 32.62 -14.43
CA LYS D 299 15.98 32.61 -14.44
C LYS D 299 17.46 32.98 -14.63
N GLU D 300 17.84 34.26 -14.42
CA GLU D 300 19.25 34.67 -14.64
C GLU D 300 20.16 34.02 -13.61
N ASP D 301 19.63 33.76 -12.42
CA ASP D 301 20.41 33.18 -11.32
C ASP D 301 20.60 31.67 -11.58
N VAL D 302 19.55 31.02 -12.11
CA VAL D 302 19.71 29.60 -12.53
C VAL D 302 20.74 29.51 -13.65
N ALA D 303 20.68 30.39 -14.63
CA ALA D 303 21.57 30.37 -15.79
C ALA D 303 23.03 30.58 -15.34
N GLU D 304 23.21 31.52 -14.43
CA GLU D 304 24.58 31.80 -13.91
C GLU D 304 25.09 30.62 -13.14
N ALA D 305 24.27 30.00 -12.29
CA ALA D 305 24.73 28.84 -11.51
C ALA D 305 25.13 27.67 -12.42
N LEU D 306 24.39 27.46 -13.51
CA LEU D 306 24.77 26.44 -14.50
C LEU D 306 26.10 26.83 -15.14
N ARG D 307 26.19 28.08 -15.56
CA ARG D 307 27.34 28.57 -16.37
C ARG D 307 28.64 28.30 -15.61
N THR D 308 28.64 28.47 -14.30
CA THR D 308 29.88 28.38 -13.47
C THR D 308 30.08 26.98 -12.89
N GLY D 309 29.12 26.07 -13.12
CA GLY D 309 29.24 24.71 -12.60
C GLY D 309 28.71 24.57 -11.17
N HIS D 310 28.12 25.60 -10.59
CA HIS D 310 27.49 25.40 -9.26
C HIS D 310 26.32 24.40 -9.40
N LEU D 311 25.45 24.60 -10.39
CA LEU D 311 24.49 23.54 -10.77
C LEU D 311 25.10 22.68 -11.87
N ARG D 312 24.94 21.39 -11.78
CA ARG D 312 25.19 20.45 -12.88
C ARG D 312 23.98 20.46 -13.84
N GLY D 313 22.76 20.75 -13.39
CA GLY D 313 21.64 20.62 -14.30
C GLY D 313 20.46 21.41 -13.78
N TYR D 314 19.57 21.80 -14.68
CA TYR D 314 18.24 22.35 -14.39
C TYR D 314 17.29 21.76 -15.43
N GLY D 315 16.08 21.46 -14.99
CA GLY D 315 15.09 20.96 -15.95
C GLY D 315 13.73 21.09 -15.38
N GLY D 316 12.76 20.86 -16.24
CA GLY D 316 11.33 20.99 -15.91
C GLY D 316 10.60 21.52 -17.12
N ASP D 317 9.39 22.00 -16.88
CA ASP D 317 8.48 22.32 -18.00
C ASP D 317 7.86 23.71 -17.83
N VAL D 318 8.24 24.46 -16.80
CA VAL D 318 7.48 25.70 -16.49
C VAL D 318 8.34 26.92 -16.67
N TRP D 319 7.70 28.01 -17.06
CA TRP D 319 8.39 29.24 -17.50
C TRP D 319 7.56 30.43 -17.05
N PHE D 320 8.21 31.59 -16.96
CA PHE D 320 7.42 32.84 -16.80
C PHE D 320 7.96 33.89 -17.78
N PRO D 321 7.08 34.52 -18.59
CA PRO D 321 5.68 34.14 -18.75
C PRO D 321 5.58 32.95 -19.71
N GLN D 322 4.34 32.56 -20.04
CA GLN D 322 4.05 31.50 -21.04
C GLN D 322 3.04 32.05 -22.02
N PRO D 323 3.24 31.84 -23.35
CA PRO D 323 4.39 31.15 -23.92
C PRO D 323 5.75 31.73 -23.51
N ALA D 324 6.75 30.88 -23.37
CA ALA D 324 8.10 31.36 -23.00
C ALA D 324 8.64 32.19 -24.16
N PRO D 325 9.13 33.41 -23.90
CA PRO D 325 9.73 34.19 -24.98
C PRO D 325 10.79 33.36 -25.71
N ALA D 326 10.95 33.62 -27.01
CA ALA D 326 11.80 32.79 -27.88
C ALA D 326 13.26 32.90 -27.46
N ASP D 327 13.65 34.01 -26.78
CA ASP D 327 15.02 34.27 -26.30
C ASP D 327 15.17 33.99 -24.80
N HIS D 328 14.21 33.32 -24.16
CA HIS D 328 14.32 33.02 -22.72
C HIS D 328 15.61 32.29 -22.45
N VAL D 329 16.37 32.76 -21.45
CA VAL D 329 17.75 32.25 -21.24
C VAL D 329 17.74 30.76 -20.92
N LEU D 330 16.70 30.23 -20.29
CA LEU D 330 16.71 28.81 -19.91
C LEU D 330 16.39 27.88 -21.07
N ARG D 331 16.17 28.41 -22.27
CA ARG D 331 16.04 27.53 -23.45
C ARG D 331 17.40 26.95 -23.84
N THR D 332 18.47 27.68 -23.53
CA THR D 332 19.78 27.38 -24.11
C THR D 332 20.92 27.37 -23.06
N ALA D 333 20.63 27.72 -21.81
CA ALA D 333 21.68 27.75 -20.76
C ALA D 333 22.23 26.33 -20.54
N LYS D 334 23.53 26.16 -20.42
CA LYS D 334 24.20 24.86 -20.25
C LYS D 334 25.20 24.94 -19.10
N ASN D 335 25.54 23.79 -18.55
CA ASN D 335 26.68 23.65 -17.63
C ASN D 335 27.97 23.79 -18.42
N PRO D 336 29.15 23.79 -17.75
CA PRO D 336 30.38 24.03 -18.50
C PRO D 336 30.80 22.88 -19.41
N PHE D 337 30.14 21.72 -19.34
CA PHE D 337 30.38 20.57 -20.23
CA PHE D 337 30.40 20.57 -20.25
C PHE D 337 29.42 20.58 -21.42
N GLY D 338 28.54 21.57 -21.52
CA GLY D 338 27.56 21.66 -22.63
C GLY D 338 26.34 20.76 -22.42
N GLY D 339 26.09 20.31 -21.19
CA GLY D 339 24.88 19.57 -20.85
C GLY D 339 24.04 20.34 -19.84
N GLY D 340 23.28 19.63 -19.05
CA GLY D 340 22.63 20.14 -17.87
C GLY D 340 21.36 20.91 -18.15
N ASN D 341 20.74 20.76 -19.34
CA ASN D 341 19.48 21.44 -19.63
C ASN D 341 18.46 20.39 -20.05
N ALA D 342 17.42 20.24 -19.22
CA ALA D 342 16.33 19.32 -19.56
C ALA D 342 15.00 20.05 -19.58
N MET D 343 14.97 21.22 -20.17
CA MET D 343 13.75 22.03 -20.29
C MET D 343 12.85 21.49 -21.38
N VAL D 344 11.57 21.60 -21.18
CA VAL D 344 10.53 21.28 -22.20
C VAL D 344 9.50 22.38 -22.09
N PRO D 345 8.58 22.48 -23.09
CA PRO D 345 7.46 23.40 -22.97
C PRO D 345 6.56 22.94 -21.82
N HIS D 346 5.61 23.78 -21.41
CA HIS D 346 4.73 23.41 -20.29
C HIS D 346 3.73 22.37 -20.74
N MET D 347 4.06 21.12 -20.45
CA MET D 347 3.35 19.96 -21.03
C MET D 347 3.03 18.87 -20.01
N SER D 348 3.74 18.79 -18.87
CA SER D 348 3.59 17.58 -18.03
C SER D 348 2.12 17.40 -17.60
N GLY D 349 1.48 18.49 -17.18
CA GLY D 349 0.09 18.43 -16.72
C GLY D 349 -0.92 18.32 -17.82
N THR D 350 -0.48 18.30 -19.06
CA THR D 350 -1.44 18.23 -20.23
C THR D 350 -1.08 17.01 -21.09
N SER D 351 -0.54 15.95 -20.46
CA SER D 351 -0.49 14.63 -21.13
C SER D 351 -1.92 14.22 -21.55
N LEU D 352 -1.99 13.36 -22.51
CA LEU D 352 -3.34 12.96 -23.01
C LEU D 352 -4.13 12.29 -21.87
N ASP D 353 -3.49 11.54 -21.00
CA ASP D 353 -4.17 10.92 -19.84
C ASP D 353 -4.68 12.03 -18.90
N ALA D 354 -3.87 13.03 -18.60
CA ALA D 354 -4.26 14.14 -17.73
C ALA D 354 -5.44 14.91 -18.31
N GLN D 355 -5.39 15.21 -19.59
CA GLN D 355 -6.45 16.07 -20.21
C GLN D 355 -7.82 15.43 -20.01
N LYS D 356 -7.94 14.12 -20.14
CA LYS D 356 -9.25 13.46 -19.92
CA LYS D 356 -9.24 13.42 -19.90
C LYS D 356 -9.76 13.79 -18.51
N ARG D 357 -8.87 13.76 -17.52
CA ARG D 357 -9.27 13.99 -16.11
C ARG D 357 -9.56 15.48 -15.90
N TYR D 358 -8.77 16.42 -16.41
CA TYR D 358 -9.10 17.82 -16.06
C TYR D 358 -10.27 18.32 -16.90
N ALA D 359 -10.48 17.77 -18.10
CA ALA D 359 -11.70 18.15 -18.87
C ALA D 359 -12.95 17.75 -18.06
N GLU D 360 -12.98 16.53 -17.54
CA GLU D 360 -14.11 16.02 -16.72
CA GLU D 360 -14.12 16.03 -16.73
C GLU D 360 -14.27 16.90 -15.48
N GLY D 361 -13.16 17.26 -14.82
CA GLY D 361 -13.25 18.07 -13.62
C GLY D 361 -13.78 19.47 -13.92
N VAL D 362 -13.38 20.07 -15.03
CA VAL D 362 -13.93 21.42 -15.39
C VAL D 362 -15.46 21.32 -15.53
N LYS D 363 -15.94 20.27 -16.17
CA LYS D 363 -17.41 20.08 -16.36
C LYS D 363 -18.09 20.02 -14.98
N ARG D 364 -17.52 19.24 -14.06
CA ARG D 364 -18.04 19.09 -12.68
CA ARG D 364 -17.99 19.09 -12.66
C ARG D 364 -18.09 20.46 -11.98
N ILE D 365 -17.03 21.25 -12.03
CA ILE D 365 -17.00 22.59 -11.39
C ILE D 365 -18.06 23.48 -12.06
N LEU D 366 -18.11 23.48 -13.38
CA LEU D 366 -19.13 24.28 -14.12
C LEU D 366 -20.51 23.86 -13.64
N ASP D 367 -20.75 22.57 -13.48
CA ASP D 367 -22.11 22.07 -13.12
C ASP D 367 -22.46 22.56 -11.71
N SER D 368 -21.50 22.58 -10.78
CA SER D 368 -21.71 23.15 -9.42
C SER D 368 -22.21 24.58 -9.50
N TYR D 369 -21.68 25.38 -10.42
CA TYR D 369 -22.01 26.81 -10.53
C TYR D 369 -23.35 26.95 -11.26
N LEU D 370 -23.45 26.35 -12.43
CA LEU D 370 -24.60 26.54 -13.39
C LEU D 370 -25.88 25.97 -12.78
N SER D 371 -25.79 24.94 -11.95
CA SER D 371 -26.95 24.30 -11.26
C SER D 371 -27.52 25.24 -10.19
N GLY D 372 -26.78 26.28 -9.77
CA GLY D 372 -27.13 27.16 -8.65
C GLY D 372 -26.88 26.50 -7.30
N ARG D 373 -26.31 25.29 -7.26
CA ARG D 373 -26.02 24.58 -5.98
C ARG D 373 -24.76 25.15 -5.32
N PHE D 374 -23.78 25.61 -6.11
CA PHE D 374 -22.44 26.08 -5.63
C PHE D 374 -21.81 25.04 -4.69
N ASP D 375 -22.00 23.76 -5.00
CA ASP D 375 -21.59 22.60 -4.16
C ASP D 375 -20.21 22.11 -4.62
N TYR D 376 -19.25 23.03 -4.68
CA TYR D 376 -17.87 22.74 -5.09
C TYR D 376 -17.24 21.72 -4.15
N ARG D 377 -16.35 20.88 -4.67
CA ARG D 377 -15.40 20.14 -3.81
CA ARG D 377 -15.40 20.14 -3.83
C ARG D 377 -14.55 21.18 -3.11
N PRO D 378 -14.49 21.21 -1.77
CA PRO D 378 -13.71 22.25 -1.07
C PRO D 378 -12.23 22.27 -1.55
N GLU D 379 -11.68 21.12 -1.87
CA GLU D 379 -10.24 21.02 -2.28
C GLU D 379 -10.06 21.68 -3.65
N ASP D 380 -11.11 21.90 -4.44
CA ASP D 380 -10.96 22.59 -5.74
C ASP D 380 -10.88 24.10 -5.55
N LEU D 381 -11.20 24.64 -4.38
CA LEU D 381 -11.33 26.11 -4.24
C LEU D 381 -10.00 26.74 -3.83
N ILE D 382 -9.62 27.80 -4.53
CA ILE D 382 -8.41 28.58 -4.19
C ILE D 382 -8.82 29.85 -3.46
N VAL D 383 -9.73 30.63 -4.05
CA VAL D 383 -10.37 31.76 -3.32
C VAL D 383 -11.87 31.64 -3.55
N HIS D 384 -12.65 32.08 -2.58
CA HIS D 384 -14.13 31.95 -2.62
C HIS D 384 -14.71 32.99 -1.66
N GLN D 385 -15.75 33.69 -2.11
CA GLN D 385 -16.49 34.64 -1.23
C GLN D 385 -15.52 35.60 -0.54
N GLY D 386 -14.49 36.10 -1.25
CA GLY D 386 -13.60 37.16 -0.78
C GLY D 386 -12.45 36.69 0.10
N LYS D 387 -12.28 35.38 0.29
CA LYS D 387 -11.22 34.83 1.17
C LYS D 387 -10.48 33.70 0.45
N TYR D 388 -9.20 33.55 0.77
CA TYR D 388 -8.48 32.31 0.43
C TYR D 388 -9.23 31.12 1.03
N ALA D 389 -9.35 30.04 0.25
CA ALA D 389 -10.03 28.79 0.63
C ALA D 389 -9.03 27.64 0.72
N THR D 390 -7.72 27.95 0.75
CA THR D 390 -6.66 26.93 0.78
C THR D 390 -5.57 27.39 1.74
N ARG D 391 -4.86 26.41 2.30
CA ARG D 391 -3.68 26.63 3.15
CA ARG D 391 -3.68 26.65 3.15
C ARG D 391 -2.41 26.57 2.29
N ALA D 392 -2.51 26.18 1.02
CA ALA D 392 -1.33 25.85 0.19
C ALA D 392 -0.67 27.08 -0.47
N TYR D 393 -1.30 28.26 -0.45
CA TYR D 393 -0.79 29.49 -1.12
C TYR D 393 -0.17 30.40 -0.05
N GLY D 394 0.64 29.80 0.81
CA GLY D 394 1.27 30.53 1.94
C GLY D 394 0.54 30.34 3.25
N GLN D 395 1.24 30.55 4.35
CA GLN D 395 0.67 30.49 5.72
C GLN D 395 -0.11 31.78 5.96
N ARG D 396 -1.43 31.69 6.02
CA ARG D 396 -2.31 32.87 6.15
C ARG D 396 -3.19 32.78 7.40
N GLU D 397 -3.48 33.95 7.98
CA GLU D 397 -4.72 34.23 8.75
C GLU D 397 -5.77 34.67 7.72
N ASP D 398 -7.06 34.59 8.08
CA ASP D 398 -8.20 34.99 7.20
C ASP D 398 -8.32 33.99 6.04
N VAL D 399 -8.02 32.71 6.29
CA VAL D 399 -8.37 31.59 5.37
C VAL D 399 -9.71 31.01 5.84
N LYS D 400 -10.67 30.88 4.92
CA LYS D 400 -12.00 30.26 5.20
C LYS D 400 -12.13 29.01 4.32
N ILE D 401 -11.83 27.83 4.89
CA ILE D 401 -12.09 26.50 4.26
C ILE D 401 -13.59 26.24 4.34
N PRO D 402 -14.32 26.08 3.20
CA PRO D 402 -15.74 25.73 3.24
C PRO D 402 -15.95 24.32 3.82
N GLY D 403 -17.02 24.13 4.61
CA GLY D 403 -17.35 22.85 5.27
C GLY D 403 -16.81 22.79 6.70
#